data_1AB2
#
_entry.id   1AB2
#
_cell.length_a   1.000
_cell.length_b   1.000
_cell.length_c   1.000
_cell.angle_alpha   90.00
_cell.angle_beta   90.00
_cell.angle_gamma   90.00
#
_symmetry.space_group_name_H-M   'P 1'
#
_entity_poly.entity_id   1
_entity_poly.type   'polypeptide(L)'
_entity_poly.pdbx_seq_one_letter_code
;GSGNSLEKHSWYHGPVSRNAAEYLLSSGINGSFLVRESESSPGQRSISLRYEGRVYHYRINTASDGKLYVSSESRFNTLA
ELVHHHSTVADGLITTLHYPAPKRGIHRD
;
_entity_poly.pdbx_strand_id   A
#
# COMPACT_ATOMS: atom_id res chain seq x y z
N GLY A 1 -7.16 14.71 -1.69
CA GLY A 1 -7.94 13.48 -1.61
C GLY A 1 -7.58 12.52 -2.73
N SER A 2 -8.61 11.92 -3.32
CA SER A 2 -8.41 10.98 -4.41
C SER A 2 -7.90 11.72 -5.66
N GLY A 3 -6.60 11.64 -5.87
CA GLY A 3 -5.98 12.29 -7.01
C GLY A 3 -4.68 12.98 -6.62
N ASN A 4 -4.76 13.76 -5.54
CA ASN A 4 -3.60 14.48 -5.06
C ASN A 4 -3.13 13.84 -3.74
N SER A 5 -4.10 13.56 -2.88
CA SER A 5 -3.80 12.96 -1.59
C SER A 5 -2.79 13.82 -0.83
N LEU A 6 -2.57 13.46 0.42
CA LEU A 6 -1.63 14.17 1.25
C LEU A 6 -0.47 13.24 1.64
N GLU A 7 0.65 13.86 1.99
CA GLU A 7 1.83 13.11 2.37
C GLU A 7 1.65 12.51 3.78
N LYS A 8 0.71 11.60 3.87
CA LYS A 8 0.44 10.95 5.15
C LYS A 8 1.72 10.29 5.67
N HIS A 9 1.75 8.97 5.55
CA HIS A 9 2.91 8.20 5.99
C HIS A 9 3.98 8.20 4.90
N SER A 10 5.06 7.49 5.19
CA SER A 10 6.16 7.40 4.23
C SER A 10 5.84 6.37 3.15
N TRP A 11 4.60 5.90 3.18
CA TRP A 11 4.15 4.92 2.20
C TRP A 11 2.87 5.45 1.56
N TYR A 12 2.58 6.71 1.85
CA TYR A 12 1.38 7.34 1.30
C TYR A 12 1.76 8.46 0.34
N HIS A 13 1.80 8.10 -0.94
CA HIS A 13 2.14 9.06 -1.98
C HIS A 13 0.87 9.46 -2.74
N GLY A 14 0.24 8.47 -3.35
CA GLY A 14 -0.97 8.70 -4.10
C GLY A 14 -1.44 7.43 -4.81
N PRO A 15 -2.37 7.61 -5.77
CA PRO A 15 -2.91 6.48 -6.52
C PRO A 15 -1.89 5.98 -7.55
N VAL A 16 -1.67 4.67 -7.52
CA VAL A 16 -0.73 4.05 -8.45
C VAL A 16 -1.24 2.66 -8.83
N SER A 17 -1.58 2.52 -10.10
CA SER A 17 -2.08 1.25 -10.61
C SER A 17 -1.00 0.18 -10.48
N ARG A 18 -1.44 -1.03 -10.16
CA ARG A 18 -0.53 -2.15 -10.01
C ARG A 18 0.30 -2.33 -11.28
N ASN A 19 -0.38 -2.34 -12.41
CA ASN A 19 0.27 -2.50 -13.69
C ASN A 19 1.52 -1.62 -13.74
N ALA A 20 1.30 -0.33 -13.58
CA ALA A 20 2.40 0.63 -13.59
C ALA A 20 3.36 0.31 -12.45
N ALA A 21 2.82 -0.28 -11.40
CA ALA A 21 3.61 -0.65 -10.25
C ALA A 21 4.62 -1.73 -10.65
N GLU A 22 4.09 -2.90 -10.96
CA GLU A 22 4.92 -4.02 -11.36
C GLU A 22 5.69 -3.68 -12.64
N TYR A 23 5.06 -2.86 -13.47
CA TYR A 23 5.68 -2.45 -14.72
C TYR A 23 6.74 -1.37 -14.49
N LEU A 24 6.26 -0.21 -14.07
CA LEU A 24 7.15 0.90 -13.80
C LEU A 24 8.21 0.48 -12.79
N LEU A 25 7.76 0.30 -11.56
CA LEU A 25 8.67 -0.11 -10.48
C LEU A 25 9.35 -1.42 -10.88
N SER A 26 10.63 -1.30 -11.22
CA SER A 26 11.40 -2.46 -11.61
C SER A 26 11.70 -3.33 -10.40
N SER A 27 11.43 -2.77 -9.22
CA SER A 27 11.65 -3.49 -7.98
C SER A 27 13.13 -3.83 -7.84
N GLY A 28 13.71 -3.37 -6.74
CA GLY A 28 15.12 -3.62 -6.47
C GLY A 28 15.57 -2.89 -5.19
N ILE A 29 15.13 -3.43 -4.07
CA ILE A 29 15.48 -2.85 -2.77
C ILE A 29 15.47 -3.95 -1.71
N ASN A 30 15.67 -3.51 -0.47
CA ASN A 30 15.68 -4.44 0.65
C ASN A 30 14.24 -4.83 1.00
N GLY A 31 13.31 -4.09 0.43
CA GLY A 31 11.90 -4.35 0.68
C GLY A 31 11.16 -3.05 1.04
N SER A 32 10.37 -2.58 0.09
CA SER A 32 9.61 -1.35 0.30
C SER A 32 8.18 -1.53 -0.25
N PHE A 33 7.21 -1.21 0.60
CA PHE A 33 5.82 -1.33 0.22
C PHE A 33 5.22 0.05 -0.05
N LEU A 34 4.09 0.04 -0.76
CA LEU A 34 3.40 1.27 -1.09
C LEU A 34 1.91 1.00 -1.25
N VAL A 35 1.10 1.88 -0.68
CA VAL A 35 -0.34 1.73 -0.76
C VAL A 35 -0.84 2.33 -2.08
N ARG A 36 -1.89 1.72 -2.60
CA ARG A 36 -2.47 2.16 -3.86
C ARG A 36 -3.89 2.67 -3.63
N GLU A 37 -4.44 3.29 -4.67
CA GLU A 37 -5.79 3.82 -4.60
C GLU A 37 -6.66 3.23 -5.71
N SER A 38 -7.80 3.85 -5.92
CA SER A 38 -8.73 3.39 -6.95
C SER A 38 -7.95 2.99 -8.21
N GLU A 39 -8.28 1.81 -8.71
CA GLU A 39 -7.62 1.29 -9.90
C GLU A 39 -8.66 0.90 -10.95
N SER A 40 -9.66 0.14 -10.50
CA SER A 40 -10.72 -0.32 -11.38
C SER A 40 -12.08 -0.06 -10.74
N SER A 41 -12.04 0.63 -9.61
CA SER A 41 -13.26 0.95 -8.90
C SER A 41 -13.33 2.46 -8.62
N PRO A 42 -14.58 2.98 -8.58
CA PRO A 42 -14.79 4.40 -8.32
C PRO A 42 -14.58 4.73 -6.85
N GLY A 43 -13.39 4.40 -6.37
CA GLY A 43 -13.05 4.65 -4.98
C GLY A 43 -12.67 3.35 -4.26
N GLN A 44 -11.45 2.89 -4.56
CA GLN A 44 -10.95 1.67 -3.95
C GLN A 44 -9.50 1.85 -3.50
N ARG A 45 -9.13 1.08 -2.49
CA ARG A 45 -7.78 1.15 -1.96
C ARG A 45 -7.17 -0.25 -1.88
N SER A 46 -5.94 -0.36 -2.37
CA SER A 46 -5.24 -1.63 -2.35
C SER A 46 -3.85 -1.46 -1.73
N ILE A 47 -3.15 -2.58 -1.59
CA ILE A 47 -1.82 -2.57 -1.01
C ILE A 47 -0.84 -3.22 -1.99
N SER A 48 0.22 -2.50 -2.29
CA SER A 48 1.24 -3.00 -3.20
C SER A 48 2.56 -3.21 -2.46
N LEU A 49 3.18 -4.35 -2.71
CA LEU A 49 4.44 -4.68 -2.08
C LEU A 49 5.52 -4.88 -3.14
N ARG A 50 6.69 -4.32 -2.89
CA ARG A 50 7.80 -4.44 -3.82
C ARG A 50 8.97 -5.17 -3.16
N TYR A 51 9.32 -6.31 -3.76
CA TYR A 51 10.42 -7.11 -3.24
C TYR A 51 11.73 -6.75 -3.93
N GLU A 52 12.65 -7.70 -3.91
CA GLU A 52 13.95 -7.50 -4.53
C GLU A 52 13.82 -7.55 -6.06
N GLY A 53 12.61 -7.30 -6.53
CA GLY A 53 12.34 -7.31 -7.96
C GLY A 53 10.90 -7.75 -8.24
N ARG A 54 10.31 -8.40 -7.25
CA ARG A 54 8.95 -8.89 -7.38
C ARG A 54 7.96 -7.82 -6.89
N VAL A 55 6.74 -7.93 -7.38
CA VAL A 55 5.69 -7.00 -7.00
C VAL A 55 4.40 -7.75 -6.71
N TYR A 56 4.01 -7.71 -5.45
CA TYR A 56 2.79 -8.40 -5.02
C TYR A 56 1.62 -7.42 -4.93
N HIS A 57 0.42 -7.97 -5.04
CA HIS A 57 -0.79 -7.17 -4.97
C HIS A 57 -1.72 -7.73 -3.90
N TYR A 58 -1.88 -6.93 -2.85
CA TYR A 58 -2.73 -7.33 -1.74
C TYR A 58 -3.73 -6.22 -1.39
N ARG A 59 -4.86 -6.25 -2.09
CA ARG A 59 -5.90 -5.27 -1.87
C ARG A 59 -6.08 -5.00 -0.37
N ILE A 60 -6.76 -3.91 -0.07
CA ILE A 60 -7.01 -3.54 1.31
C ILE A 60 -7.95 -4.57 1.95
N ASN A 61 -9.01 -4.88 1.22
CA ASN A 61 -9.99 -5.84 1.70
C ASN A 61 -10.79 -5.22 2.84
N THR A 62 -12.11 -5.22 2.67
CA THR A 62 -12.99 -4.66 3.66
C THR A 62 -13.79 -5.77 4.36
N ALA A 63 -14.27 -5.45 5.55
CA ALA A 63 -15.04 -6.42 6.31
C ALA A 63 -16.52 -6.27 5.97
N SER A 64 -17.35 -6.95 6.76
CA SER A 64 -18.79 -6.90 6.53
C SER A 64 -19.41 -5.77 7.35
N ASP A 65 -18.65 -4.70 7.49
CA ASP A 65 -19.11 -3.54 8.24
C ASP A 65 -18.48 -2.28 7.66
N GLY A 66 -17.16 -2.29 7.58
CA GLY A 66 -16.42 -1.15 7.05
C GLY A 66 -14.92 -1.32 7.27
N LYS A 67 -14.58 -1.83 8.44
CA LYS A 67 -13.18 -2.04 8.79
C LYS A 67 -12.45 -2.65 7.59
N LEU A 68 -11.16 -2.38 7.54
CA LEU A 68 -10.33 -2.88 6.46
C LEU A 68 -9.50 -4.06 6.96
N TYR A 69 -9.94 -5.26 6.61
CA TYR A 69 -9.24 -6.47 7.02
C TYR A 69 -8.65 -7.20 5.82
N VAL A 70 -7.34 -7.38 5.85
CA VAL A 70 -6.65 -8.06 4.78
C VAL A 70 -6.88 -9.57 4.90
N SER A 71 -6.71 -10.06 6.12
CA SER A 71 -6.89 -11.48 6.39
C SER A 71 -8.31 -11.74 6.88
N SER A 72 -8.58 -11.25 8.08
CA SER A 72 -9.90 -11.42 8.67
C SER A 72 -9.81 -11.36 10.20
N GLU A 73 -8.64 -11.73 10.70
CA GLU A 73 -8.39 -11.72 12.13
C GLU A 73 -7.70 -10.42 12.55
N SER A 74 -7.36 -9.61 11.54
CA SER A 74 -6.69 -8.35 11.79
C SER A 74 -7.40 -7.23 11.02
N ARG A 75 -8.63 -6.94 11.45
CA ARG A 75 -9.41 -5.90 10.82
C ARG A 75 -9.00 -4.53 11.35
N PHE A 76 -9.05 -3.54 10.46
CA PHE A 76 -8.69 -2.18 10.83
C PHE A 76 -9.68 -1.18 10.26
N ASN A 77 -9.27 0.08 10.27
CA ASN A 77 -10.11 1.15 9.76
C ASN A 77 -9.28 2.08 8.88
N THR A 78 -8.08 2.38 9.36
CA THR A 78 -7.18 3.25 8.63
C THR A 78 -5.99 2.45 8.08
N LEU A 79 -5.57 2.83 6.89
CA LEU A 79 -4.45 2.16 6.25
C LEU A 79 -3.32 1.98 7.26
N ALA A 80 -2.97 3.08 7.92
CA ALA A 80 -1.92 3.06 8.92
C ALA A 80 -2.07 1.81 9.78
N GLU A 81 -3.16 1.78 10.54
CA GLU A 81 -3.42 0.66 11.42
C GLU A 81 -3.14 -0.67 10.69
N LEU A 82 -3.28 -0.62 9.38
CA LEU A 82 -3.04 -1.79 8.56
C LEU A 82 -1.55 -2.11 8.55
N VAL A 83 -0.76 -1.11 8.21
CA VAL A 83 0.69 -1.27 8.16
C VAL A 83 1.21 -1.51 9.58
N HIS A 84 0.67 -0.76 10.52
CA HIS A 84 1.08 -0.89 11.91
C HIS A 84 1.17 -2.37 12.28
N HIS A 85 0.06 -3.07 12.08
CA HIS A 85 0.01 -4.49 12.39
C HIS A 85 0.85 -5.27 11.37
N HIS A 86 0.70 -4.88 10.11
CA HIS A 86 1.43 -5.54 9.04
C HIS A 86 2.89 -5.09 9.07
N SER A 87 3.25 -4.44 10.16
CA SER A 87 4.61 -3.95 10.33
C SER A 87 5.47 -5.01 11.03
N THR A 88 4.84 -5.70 11.97
CA THR A 88 5.52 -6.74 12.72
C THR A 88 4.84 -8.09 12.50
N VAL A 89 3.57 -8.02 12.16
CA VAL A 89 2.78 -9.23 11.93
C VAL A 89 1.93 -9.04 10.68
N ALA A 90 2.54 -9.32 9.53
CA ALA A 90 1.85 -9.19 8.26
C ALA A 90 0.87 -10.36 8.09
N ASP A 91 -0.11 -10.39 8.97
CA ASP A 91 -1.12 -11.43 8.93
C ASP A 91 -1.99 -11.26 7.69
N GLY A 92 -1.84 -10.11 7.06
CA GLY A 92 -2.60 -9.80 5.86
C GLY A 92 -1.68 -9.76 4.63
N LEU A 93 -0.91 -8.69 4.54
CA LEU A 93 0.00 -8.52 3.43
C LEU A 93 1.14 -9.55 3.54
N ILE A 94 1.40 -10.20 2.42
CA ILE A 94 2.44 -11.22 2.38
C ILE A 94 3.69 -10.68 3.08
N THR A 95 4.48 -9.94 2.33
CA THR A 95 5.71 -9.36 2.87
C THR A 95 5.38 -8.43 4.04
N THR A 96 6.37 -8.26 4.92
CA THR A 96 6.20 -7.40 6.08
C THR A 96 6.79 -6.02 5.80
N LEU A 97 5.91 -5.03 5.79
CA LEU A 97 6.32 -3.66 5.55
C LEU A 97 7.68 -3.42 6.21
N HIS A 98 8.65 -3.07 5.38
CA HIS A 98 9.99 -2.80 5.87
C HIS A 98 10.22 -1.28 5.94
N TYR A 99 10.51 -0.71 4.78
CA TYR A 99 10.75 0.72 4.71
C TYR A 99 10.35 1.28 3.35
N PRO A 100 9.22 2.03 3.34
CA PRO A 100 8.72 2.62 2.10
C PRO A 100 9.56 3.83 1.69
N ALA A 101 10.59 3.54 0.90
CA ALA A 101 11.49 4.59 0.43
C ALA A 101 10.65 5.75 -0.11
N PRO A 102 11.21 6.98 0.07
CA PRO A 102 10.54 8.19 -0.39
C PRO A 102 10.64 8.31 -1.91
N LYS A 103 9.56 8.81 -2.51
CA LYS A 103 9.51 9.00 -3.95
C LYS A 103 9.13 10.45 -4.26
N ARG A 104 9.86 11.36 -3.64
CA ARG A 104 9.61 12.78 -3.85
C ARG A 104 10.27 13.26 -5.14
N GLY A 105 11.56 12.95 -5.25
CA GLY A 105 12.32 13.34 -6.43
C GLY A 105 12.69 12.12 -7.27
N ILE A 106 11.72 11.62 -8.01
CA ILE A 106 11.93 10.46 -8.85
C ILE A 106 12.38 10.93 -10.24
N HIS A 107 11.75 12.00 -10.70
CA HIS A 107 12.08 12.55 -12.01
C HIS A 107 11.02 13.60 -12.40
N ARG A 108 11.52 14.75 -12.80
CA ARG A 108 10.64 15.84 -13.22
C ARG A 108 11.46 17.08 -13.58
N ASP A 109 12.12 16.99 -14.72
CA ASP A 109 12.95 18.08 -15.19
C ASP A 109 14.04 18.38 -14.16
N GLY A 1 4.17 17.20 -7.33
CA GLY A 1 3.58 16.07 -8.02
C GLY A 1 3.49 14.84 -7.09
N SER A 2 3.09 13.72 -7.68
CA SER A 2 2.96 12.48 -6.92
C SER A 2 1.85 12.62 -5.89
N GLY A 3 2.09 13.49 -4.92
CA GLY A 3 1.12 13.72 -3.87
C GLY A 3 -0.29 13.86 -4.43
N ASN A 4 -1.24 13.24 -3.75
CA ASN A 4 -2.63 13.29 -4.17
C ASN A 4 -3.54 13.14 -2.95
N SER A 5 -3.31 12.06 -2.22
CA SER A 5 -4.10 11.80 -1.02
C SER A 5 -3.30 12.15 0.24
N LEU A 6 -2.64 13.30 0.17
CA LEU A 6 -1.84 13.77 1.29
C LEU A 6 -0.69 12.78 1.53
N GLU A 7 0.45 13.34 1.92
CA GLU A 7 1.62 12.52 2.18
C GLU A 7 1.47 11.81 3.53
N LYS A 8 0.54 10.88 3.57
CA LYS A 8 0.29 10.12 4.79
C LYS A 8 1.62 9.60 5.34
N HIS A 9 1.91 8.35 5.03
CA HIS A 9 3.13 7.73 5.50
C HIS A 9 4.28 8.08 4.54
N SER A 10 5.48 7.68 4.93
CA SER A 10 6.65 7.95 4.12
C SER A 10 6.79 6.90 3.03
N TRP A 11 5.64 6.38 2.59
CA TRP A 11 5.62 5.37 1.55
C TRP A 11 4.34 5.55 0.74
N TYR A 12 3.62 6.62 1.06
CA TYR A 12 2.38 6.92 0.37
C TYR A 12 2.42 8.31 -0.25
N HIS A 13 2.38 8.34 -1.58
CA HIS A 13 2.41 9.59 -2.31
C HIS A 13 1.12 9.74 -3.13
N GLY A 14 0.14 8.93 -2.78
CA GLY A 14 -1.14 8.96 -3.47
C GLY A 14 -1.41 7.64 -4.18
N PRO A 15 -2.64 7.54 -4.77
CA PRO A 15 -3.02 6.34 -5.49
C PRO A 15 -2.32 6.26 -6.85
N VAL A 16 -1.62 5.15 -7.05
CA VAL A 16 -0.90 4.95 -8.29
C VAL A 16 -1.37 3.63 -8.94
N SER A 17 -1.28 3.60 -10.26
CA SER A 17 -1.69 2.41 -10.99
C SER A 17 -0.66 1.30 -10.82
N ARG A 18 -1.15 0.07 -10.84
CA ARG A 18 -0.28 -1.09 -10.69
C ARG A 18 0.90 -1.00 -11.66
N ASN A 19 0.61 -0.52 -12.87
CA ASN A 19 1.63 -0.38 -13.89
C ASN A 19 2.81 0.39 -13.30
N ALA A 20 2.55 1.63 -12.94
CA ALA A 20 3.57 2.49 -12.37
C ALA A 20 4.07 1.89 -11.06
N ALA A 21 3.12 1.35 -10.29
CA ALA A 21 3.45 0.74 -9.01
C ALA A 21 4.65 -0.19 -9.19
N GLU A 22 4.64 -0.92 -10.29
CA GLU A 22 5.72 -1.85 -10.59
C GLU A 22 6.98 -1.08 -11.01
N TYR A 23 6.75 0.02 -11.70
CA TYR A 23 7.85 0.85 -12.16
C TYR A 23 8.45 1.66 -11.01
N LEU A 24 7.62 2.56 -10.47
CA LEU A 24 8.06 3.39 -9.37
C LEU A 24 8.62 2.53 -8.25
N LEU A 25 8.09 1.31 -8.17
CA LEU A 25 8.54 0.37 -7.16
C LEU A 25 10.06 0.23 -7.22
N SER A 26 10.73 1.14 -6.52
CA SER A 26 12.18 1.14 -6.47
C SER A 26 12.74 0.55 -7.77
N SER A 27 13.27 -0.65 -7.64
CA SER A 27 13.83 -1.34 -8.79
C SER A 27 14.47 -2.66 -8.36
N GLY A 28 13.83 -3.29 -7.38
CA GLY A 28 14.31 -4.55 -6.85
C GLY A 28 15.05 -4.36 -5.53
N ILE A 29 14.29 -4.12 -4.49
CA ILE A 29 14.85 -3.91 -3.17
C ILE A 29 14.65 -5.18 -2.32
N ASN A 30 15.07 -5.08 -1.06
CA ASN A 30 14.93 -6.20 -0.15
C ASN A 30 13.45 -6.36 0.25
N GLY A 31 12.64 -5.44 -0.25
CA GLY A 31 11.22 -5.47 0.03
C GLY A 31 10.60 -4.09 -0.13
N SER A 32 9.50 -4.04 -0.86
CA SER A 32 8.80 -2.78 -1.09
C SER A 32 7.30 -3.02 -1.12
N PHE A 33 6.57 -2.12 -0.46
CA PHE A 33 5.13 -2.23 -0.40
C PHE A 33 4.47 -0.87 -0.68
N LEU A 34 3.88 -0.75 -1.85
CA LEU A 34 3.22 0.49 -2.24
C LEU A 34 1.71 0.25 -2.33
N VAL A 35 0.97 1.08 -1.61
CA VAL A 35 -0.48 0.97 -1.60
C VAL A 35 -1.03 1.36 -2.97
N ARG A 36 -2.11 0.71 -3.35
CA ARG A 36 -2.74 0.97 -4.64
C ARG A 36 -4.23 1.28 -4.45
N GLU A 37 -4.84 1.75 -5.52
CA GLU A 37 -6.25 2.08 -5.48
C GLU A 37 -7.02 1.30 -6.55
N SER A 38 -7.94 0.47 -6.09
CA SER A 38 -8.73 -0.34 -6.99
C SER A 38 -9.76 0.53 -7.71
N GLU A 39 -10.38 -0.05 -8.73
CA GLU A 39 -11.38 0.66 -9.51
C GLU A 39 -12.68 -0.15 -9.56
N SER A 40 -12.52 -1.46 -9.67
CA SER A 40 -13.66 -2.35 -9.73
C SER A 40 -14.79 -1.81 -8.85
N SER A 41 -14.40 -1.24 -7.72
CA SER A 41 -15.36 -0.69 -6.78
C SER A 41 -15.23 0.83 -6.74
N PRO A 42 -16.42 1.50 -6.63
CA PRO A 42 -16.45 2.95 -6.58
C PRO A 42 -15.99 3.47 -5.21
N GLY A 43 -14.77 3.10 -4.85
CA GLY A 43 -14.21 3.51 -3.58
C GLY A 43 -13.53 2.34 -2.88
N GLN A 44 -12.55 1.76 -3.57
CA GLN A 44 -11.83 0.63 -3.02
C GLN A 44 -10.32 0.83 -3.21
N ARG A 45 -9.55 0.18 -2.35
CA ARG A 45 -8.11 0.28 -2.40
C ARG A 45 -7.48 -1.10 -2.59
N SER A 46 -6.19 -1.10 -2.90
CA SER A 46 -5.48 -2.35 -3.10
C SER A 46 -4.13 -2.30 -2.36
N ILE A 47 -3.38 -3.39 -2.51
CA ILE A 47 -2.08 -3.48 -1.87
C ILE A 47 -1.05 -3.98 -2.88
N SER A 48 0.11 -3.34 -2.88
CA SER A 48 1.17 -3.71 -3.79
C SER A 48 2.46 -3.98 -3.00
N LEU A 49 2.73 -5.26 -2.81
CA LEU A 49 3.92 -5.67 -2.08
C LEU A 49 5.00 -6.11 -3.08
N ARG A 50 6.24 -5.80 -2.73
CA ARG A 50 7.37 -6.15 -3.58
C ARG A 50 8.22 -7.23 -2.90
N TYR A 51 8.57 -8.25 -3.69
CA TYR A 51 9.37 -9.34 -3.17
C TYR A 51 10.78 -9.30 -3.78
N GLU A 52 11.32 -10.49 -4.02
CA GLU A 52 12.64 -10.62 -4.59
C GLU A 52 12.69 -9.94 -5.96
N GLY A 53 12.21 -10.67 -6.96
CA GLY A 53 12.19 -10.16 -8.31
C GLY A 53 10.78 -10.24 -8.91
N ARG A 54 9.80 -9.95 -8.08
CA ARG A 54 8.41 -9.99 -8.51
C ARG A 54 7.57 -9.01 -7.69
N VAL A 55 6.37 -8.75 -8.18
CA VAL A 55 5.47 -7.83 -7.51
C VAL A 55 4.10 -8.49 -7.37
N TYR A 56 3.41 -8.12 -6.30
CA TYR A 56 2.09 -8.66 -6.04
C TYR A 56 1.05 -7.54 -5.91
N HIS A 57 -0.05 -7.71 -6.63
CA HIS A 57 -1.12 -6.73 -6.62
C HIS A 57 -2.40 -7.38 -6.08
N TYR A 58 -2.55 -7.31 -4.76
CA TYR A 58 -3.72 -7.88 -4.11
C TYR A 58 -4.55 -6.80 -3.42
N ARG A 59 -5.81 -6.73 -3.80
CA ARG A 59 -6.72 -5.75 -3.23
C ARG A 59 -6.69 -5.84 -1.70
N ILE A 60 -7.29 -4.83 -1.07
CA ILE A 60 -7.34 -4.79 0.38
C ILE A 60 -8.29 -5.86 0.89
N ASN A 61 -9.30 -5.43 1.62
CA ASN A 61 -10.29 -6.35 2.16
C ASN A 61 -11.14 -5.61 3.20
N THR A 62 -12.43 -5.58 2.93
CA THR A 62 -13.37 -4.91 3.82
C THR A 62 -14.28 -5.93 4.49
N ALA A 63 -14.63 -5.65 5.74
CA ALA A 63 -15.49 -6.53 6.49
C ALA A 63 -16.96 -6.22 6.16
N SER A 64 -17.24 -6.20 4.87
CA SER A 64 -18.59 -5.92 4.41
C SER A 64 -19.24 -4.85 5.31
N ASP A 65 -18.40 -3.96 5.80
CA ASP A 65 -18.88 -2.89 6.66
C ASP A 65 -18.18 -1.59 6.29
N GLY A 66 -16.85 -1.63 6.32
CA GLY A 66 -16.06 -0.46 6.00
C GLY A 66 -14.58 -0.68 6.34
N LYS A 67 -14.35 -1.05 7.59
CA LYS A 67 -13.00 -1.30 8.07
C LYS A 67 -12.27 -2.19 7.05
N LEU A 68 -10.97 -1.95 6.95
CA LEU A 68 -10.14 -2.71 6.03
C LEU A 68 -9.33 -3.74 6.82
N TYR A 69 -9.68 -5.00 6.63
CA TYR A 69 -8.99 -6.08 7.31
C TYR A 69 -8.50 -7.14 6.32
N VAL A 70 -7.18 -7.32 6.30
CA VAL A 70 -6.57 -8.28 5.41
C VAL A 70 -6.77 -9.69 5.96
N SER A 71 -6.85 -9.76 7.28
CA SER A 71 -7.05 -11.03 7.95
C SER A 71 -8.39 -11.05 8.68
N SER A 72 -8.37 -10.51 9.90
CA SER A 72 -9.58 -10.45 10.70
C SER A 72 -9.25 -9.87 12.09
N GLU A 73 -8.23 -10.45 12.71
CA GLU A 73 -7.81 -9.99 14.02
C GLU A 73 -6.97 -8.72 13.91
N SER A 74 -6.77 -8.30 12.67
CA SER A 74 -5.99 -7.09 12.41
C SER A 74 -6.74 -6.19 11.44
N ARG A 75 -7.85 -5.65 11.92
CA ARG A 75 -8.66 -4.77 11.09
C ARG A 75 -8.18 -3.32 11.23
N PHE A 76 -8.31 -2.57 10.15
CA PHE A 76 -7.90 -1.18 10.13
C PHE A 76 -8.92 -0.31 9.43
N ASN A 77 -8.76 0.99 9.58
CA ASN A 77 -9.66 1.95 8.97
C ASN A 77 -8.95 2.63 7.79
N THR A 78 -7.65 2.82 7.96
CA THR A 78 -6.85 3.46 6.93
C THR A 78 -5.73 2.52 6.48
N LEU A 79 -5.33 2.70 5.22
CA LEU A 79 -4.26 1.88 4.66
C LEU A 79 -3.05 1.92 5.58
N ALA A 80 -2.66 3.15 5.94
CA ALA A 80 -1.52 3.34 6.81
C ALA A 80 -1.59 2.34 7.98
N GLU A 81 -2.65 2.48 8.77
CA GLU A 81 -2.85 1.60 9.91
C GLU A 81 -2.64 0.15 9.49
N LEU A 82 -3.01 -0.15 8.26
CA LEU A 82 -2.87 -1.49 7.74
C LEU A 82 -1.39 -1.86 7.68
N VAL A 83 -0.62 -1.01 7.02
CA VAL A 83 0.81 -1.23 6.89
C VAL A 83 1.46 -1.18 8.27
N HIS A 84 0.99 -0.24 9.08
CA HIS A 84 1.51 -0.07 10.42
C HIS A 84 1.63 -1.43 11.10
N HIS A 85 0.49 -2.10 11.24
CA HIS A 85 0.45 -3.40 11.87
C HIS A 85 1.23 -4.41 11.02
N HIS A 86 0.93 -4.38 9.72
CA HIS A 86 1.59 -5.28 8.78
C HIS A 86 3.06 -4.90 8.66
N SER A 87 3.48 -3.99 9.53
CA SER A 87 4.87 -3.53 9.52
C SER A 87 5.77 -4.57 10.19
N THR A 88 5.27 -5.12 11.28
CA THR A 88 6.01 -6.12 12.02
C THR A 88 5.17 -7.37 12.25
N VAL A 89 3.89 -7.23 11.93
CA VAL A 89 2.95 -8.34 12.09
C VAL A 89 2.05 -8.42 10.86
N ALA A 90 2.66 -8.79 9.75
CA ALA A 90 1.93 -8.91 8.50
C ALA A 90 0.95 -10.08 8.60
N ASP A 91 -0.10 -9.88 9.39
CA ASP A 91 -1.11 -10.90 9.57
C ASP A 91 -1.94 -11.04 8.29
N GLY A 92 -1.64 -10.17 7.33
CA GLY A 92 -2.34 -10.18 6.08
C GLY A 92 -1.37 -10.11 4.90
N LEU A 93 -0.56 -9.05 4.90
CA LEU A 93 0.41 -8.85 3.85
C LEU A 93 1.45 -9.97 3.91
N ILE A 94 1.95 -10.32 2.73
CA ILE A 94 2.96 -11.37 2.63
C ILE A 94 4.13 -11.04 3.56
N THR A 95 5.07 -10.27 3.02
CA THR A 95 6.24 -9.88 3.78
C THR A 95 5.90 -8.73 4.73
N THR A 96 6.90 -7.89 4.97
CA THR A 96 6.71 -6.75 5.86
C THR A 96 7.37 -5.50 5.27
N LEU A 97 6.56 -4.48 5.05
CA LEU A 97 7.05 -3.24 4.49
C LEU A 97 8.55 -3.12 4.77
N HIS A 98 9.28 -2.76 3.72
CA HIS A 98 10.72 -2.61 3.83
C HIS A 98 11.18 -1.40 3.03
N TYR A 99 10.26 -0.45 2.87
CA TYR A 99 10.55 0.75 2.11
C TYR A 99 9.66 1.91 2.58
N PRO A 100 9.57 2.07 3.92
CA PRO A 100 8.76 3.13 4.50
C PRO A 100 9.45 4.48 4.36
N ALA A 101 10.50 4.49 3.55
CA ALA A 101 11.26 5.72 3.32
C ALA A 101 10.48 6.61 2.35
N PRO A 102 10.57 7.95 2.61
CA PRO A 102 9.88 8.92 1.78
C PRO A 102 10.59 9.09 0.44
N LYS A 103 9.91 9.76 -0.48
CA LYS A 103 10.46 10.00 -1.80
C LYS A 103 10.89 11.47 -1.91
N ARG A 104 12.14 11.66 -2.32
CA ARG A 104 12.68 13.00 -2.48
C ARG A 104 12.61 13.44 -3.93
N GLY A 105 13.07 12.55 -4.82
CA GLY A 105 13.06 12.83 -6.24
C GLY A 105 11.63 12.86 -6.79
N ILE A 106 11.05 14.05 -6.77
CA ILE A 106 9.69 14.23 -7.26
C ILE A 106 9.74 14.65 -8.74
N HIS A 107 10.32 15.81 -8.97
CA HIS A 107 10.44 16.34 -10.32
C HIS A 107 11.24 17.64 -10.30
N ARG A 108 12.48 17.53 -9.81
CA ARG A 108 13.35 18.67 -9.73
C ARG A 108 14.79 18.28 -10.11
N ASP A 109 15.36 19.05 -11.03
CA ASP A 109 16.71 18.80 -11.48
C ASP A 109 17.60 18.46 -10.28
N GLY A 1 -13.11 15.89 0.45
CA GLY A 1 -13.56 16.97 1.31
C GLY A 1 -12.40 17.53 2.14
N SER A 2 -12.53 17.40 3.45
CA SER A 2 -11.51 17.90 4.36
C SER A 2 -10.35 16.91 4.42
N GLY A 3 -10.68 15.69 4.81
CA GLY A 3 -9.66 14.64 4.92
C GLY A 3 -9.37 14.02 3.55
N ASN A 4 -10.40 13.44 2.97
CA ASN A 4 -10.26 12.81 1.66
C ASN A 4 -8.92 12.08 1.60
N SER A 5 -7.93 12.78 1.08
CA SER A 5 -6.60 12.20 0.95
C SER A 5 -5.55 13.21 1.44
N LEU A 6 -4.39 12.68 1.81
CA LEU A 6 -3.30 13.50 2.30
C LEU A 6 -2.01 12.69 2.32
N GLU A 7 -0.92 13.38 2.58
CA GLU A 7 0.38 12.74 2.64
C GLU A 7 0.52 11.94 3.94
N LYS A 8 -0.30 10.91 4.06
CA LYS A 8 -0.28 10.06 5.23
C LYS A 8 1.16 9.66 5.54
N HIS A 9 1.54 8.50 5.03
CA HIS A 9 2.88 7.99 5.24
C HIS A 9 3.71 8.15 3.96
N SER A 10 4.91 7.60 3.99
CA SER A 10 5.79 7.67 2.84
C SER A 10 5.39 6.62 1.80
N TRP A 11 4.24 6.01 2.04
CA TRP A 11 3.73 4.99 1.15
C TRP A 11 2.34 5.42 0.70
N TYR A 12 1.90 6.55 1.21
CA TYR A 12 0.59 7.07 0.87
C TYR A 12 0.71 8.39 0.09
N HIS A 13 0.72 8.25 -1.22
CA HIS A 13 0.84 9.42 -2.08
C HIS A 13 -0.35 9.46 -3.05
N GLY A 14 -1.15 8.42 -2.98
CA GLY A 14 -2.33 8.32 -3.84
C GLY A 14 -2.36 6.99 -4.59
N PRO A 15 -3.25 6.92 -5.60
CA PRO A 15 -3.38 5.71 -6.40
C PRO A 15 -2.21 5.56 -7.38
N VAL A 16 -1.64 4.37 -7.39
CA VAL A 16 -0.51 4.09 -8.26
C VAL A 16 -0.83 2.86 -9.11
N SER A 17 -0.55 2.99 -10.40
CA SER A 17 -0.80 1.90 -11.33
C SER A 17 0.11 0.71 -10.99
N ARG A 18 -0.48 -0.48 -11.07
CA ARG A 18 0.26 -1.70 -10.78
C ARG A 18 1.35 -1.91 -11.82
N ASN A 19 1.01 -1.60 -13.07
CA ASN A 19 1.95 -1.76 -14.16
C ASN A 19 3.21 -0.92 -13.87
N ALA A 20 3.01 0.39 -13.86
CA ALA A 20 4.11 1.31 -13.61
C ALA A 20 4.75 0.97 -12.25
N ALA A 21 3.91 0.50 -11.34
CA ALA A 21 4.37 0.13 -10.01
C ALA A 21 5.59 -0.79 -10.13
N GLU A 22 5.36 -1.95 -10.72
CA GLU A 22 6.42 -2.92 -10.90
C GLU A 22 7.53 -2.34 -11.77
N TYR A 23 7.12 -1.51 -12.72
CA TYR A 23 8.06 -0.87 -13.63
C TYR A 23 8.97 0.10 -12.87
N LEU A 24 8.37 1.19 -12.42
CA LEU A 24 9.12 2.20 -11.69
C LEU A 24 10.02 1.52 -10.65
N LEU A 25 9.40 0.64 -9.86
CA LEU A 25 10.13 -0.08 -8.84
C LEU A 25 11.12 -1.03 -9.50
N SER A 26 12.19 -0.44 -10.01
CA SER A 26 13.22 -1.23 -10.67
C SER A 26 14.38 -1.49 -9.71
N SER A 27 14.42 -2.71 -9.19
CA SER A 27 15.46 -3.10 -8.26
C SER A 27 15.35 -2.27 -6.98
N GLY A 28 16.04 -1.14 -6.99
CA GLY A 28 16.03 -0.25 -5.83
C GLY A 28 16.40 -0.99 -4.56
N ILE A 29 15.38 -1.37 -3.81
CA ILE A 29 15.59 -2.10 -2.57
C ILE A 29 15.10 -3.53 -2.74
N ASN A 30 15.69 -4.42 -1.95
CA ASN A 30 15.34 -5.83 -2.00
C ASN A 30 14.00 -6.04 -1.27
N GLY A 31 13.47 -4.94 -0.76
CA GLY A 31 12.21 -4.99 -0.05
C GLY A 31 11.61 -3.59 0.10
N SER A 32 10.49 -3.37 -0.58
CA SER A 32 9.81 -2.09 -0.52
C SER A 32 8.32 -2.27 -0.81
N PHE A 33 7.53 -1.48 -0.10
CA PHE A 33 6.08 -1.56 -0.26
C PHE A 33 5.51 -0.18 -0.65
N LEU A 34 4.31 -0.21 -1.22
CA LEU A 34 3.66 1.02 -1.64
C LEU A 34 2.14 0.77 -1.70
N VAL A 35 1.42 1.68 -1.06
CA VAL A 35 -0.03 1.58 -1.03
C VAL A 35 -0.61 2.30 -2.25
N ARG A 36 -1.72 1.76 -2.74
CA ARG A 36 -2.38 2.33 -3.90
C ARG A 36 -3.87 2.55 -3.60
N GLU A 37 -4.58 2.99 -4.63
CA GLU A 37 -6.00 3.24 -4.50
C GLU A 37 -6.74 2.86 -5.80
N SER A 38 -7.81 2.12 -5.63
CA SER A 38 -8.61 1.69 -6.77
C SER A 38 -9.44 2.85 -7.31
N GLU A 39 -10.06 2.61 -8.46
CA GLU A 39 -10.88 3.64 -9.08
C GLU A 39 -12.36 3.27 -8.97
N SER A 40 -13.20 4.29 -9.07
CA SER A 40 -14.64 4.09 -8.98
C SER A 40 -14.96 3.08 -7.87
N SER A 41 -14.34 3.32 -6.71
CA SER A 41 -14.56 2.45 -5.57
C SER A 41 -15.19 3.24 -4.43
N PRO A 42 -15.85 2.49 -3.50
CA PRO A 42 -16.50 3.10 -2.35
C PRO A 42 -15.47 3.55 -1.32
N GLY A 43 -14.20 3.33 -1.64
CA GLY A 43 -13.12 3.70 -0.75
C GLY A 43 -12.22 2.51 -0.45
N GLN A 44 -11.81 1.84 -1.52
CA GLN A 44 -10.95 0.68 -1.39
C GLN A 44 -9.52 1.04 -1.79
N ARG A 45 -8.57 0.42 -1.09
CA ARG A 45 -7.16 0.67 -1.36
C ARG A 45 -6.44 -0.65 -1.63
N SER A 46 -5.30 -0.52 -2.29
CA SER A 46 -4.49 -1.70 -2.62
C SER A 46 -3.13 -1.61 -1.94
N ILE A 47 -2.36 -2.68 -2.09
CA ILE A 47 -1.03 -2.74 -1.50
C ILE A 47 -0.03 -3.26 -2.53
N SER A 48 1.09 -2.56 -2.63
CA SER A 48 2.12 -2.95 -3.58
C SER A 48 3.43 -3.25 -2.83
N LEU A 49 3.68 -4.53 -2.65
CA LEU A 49 4.88 -4.97 -1.95
C LEU A 49 5.89 -5.47 -2.97
N ARG A 50 7.16 -5.44 -2.57
CA ARG A 50 8.23 -5.89 -3.44
C ARG A 50 9.24 -6.74 -2.65
N TYR A 51 9.66 -7.83 -3.27
CA TYR A 51 10.62 -8.73 -2.64
C TYR A 51 11.89 -8.84 -3.46
N GLU A 52 12.27 -10.08 -3.74
CA GLU A 52 13.47 -10.34 -4.52
C GLU A 52 13.24 -10.00 -5.99
N GLY A 53 12.76 -8.79 -6.21
CA GLY A 53 12.48 -8.32 -7.56
C GLY A 53 11.00 -8.48 -7.91
N ARG A 54 10.38 -9.46 -7.25
CA ARG A 54 8.97 -9.72 -7.47
C ARG A 54 8.11 -8.67 -6.76
N VAL A 55 6.97 -8.35 -7.38
CA VAL A 55 6.06 -7.37 -6.83
C VAL A 55 4.71 -8.04 -6.55
N TYR A 56 4.32 -8.00 -5.28
CA TYR A 56 3.06 -8.58 -4.86
C TYR A 56 1.93 -7.56 -4.92
N HIS A 57 0.85 -7.96 -5.56
CA HIS A 57 -0.31 -7.08 -5.69
C HIS A 57 -1.48 -7.66 -4.89
N TYR A 58 -1.60 -7.17 -3.66
CA TYR A 58 -2.67 -7.63 -2.78
C TYR A 58 -3.41 -6.44 -2.15
N ARG A 59 -4.72 -6.44 -2.31
CA ARG A 59 -5.55 -5.38 -1.76
C ARG A 59 -5.67 -5.53 -0.25
N ILE A 60 -5.93 -4.41 0.41
CA ILE A 60 -6.08 -4.42 1.86
C ILE A 60 -7.37 -5.15 2.23
N ASN A 61 -8.20 -5.37 1.22
CA ASN A 61 -9.46 -6.05 1.43
C ASN A 61 -10.32 -5.26 2.43
N THR A 62 -11.61 -5.32 2.23
CA THR A 62 -12.54 -4.62 3.10
C THR A 62 -13.53 -5.59 3.74
N ALA A 63 -14.08 -5.17 4.86
CA ALA A 63 -15.04 -6.00 5.58
C ALA A 63 -16.44 -5.76 5.02
N SER A 64 -16.52 -5.74 3.69
CA SER A 64 -17.79 -5.53 3.02
C SER A 64 -18.62 -4.51 3.79
N ASP A 65 -17.92 -3.57 4.41
CA ASP A 65 -18.59 -2.54 5.18
C ASP A 65 -17.79 -1.23 5.09
N GLY A 66 -16.51 -1.34 5.42
CA GLY A 66 -15.63 -0.19 5.36
C GLY A 66 -14.23 -0.54 5.88
N LYS A 67 -14.18 -0.97 7.12
CA LYS A 67 -12.91 -1.36 7.74
C LYS A 67 -12.11 -2.19 6.75
N LEU A 68 -10.80 -2.00 6.79
CA LEU A 68 -9.91 -2.75 5.91
C LEU A 68 -9.23 -3.87 6.71
N TYR A 69 -9.55 -5.09 6.34
CA TYR A 69 -8.98 -6.25 7.00
C TYR A 69 -8.41 -7.24 5.99
N VAL A 70 -7.14 -7.55 6.15
CA VAL A 70 -6.47 -8.48 5.26
C VAL A 70 -6.68 -9.91 5.75
N SER A 71 -6.96 -10.01 7.05
CA SER A 71 -7.20 -11.31 7.65
C SER A 71 -8.68 -11.47 8.00
N SER A 72 -9.11 -10.73 9.01
CA SER A 72 -10.49 -10.77 9.44
C SER A 72 -10.61 -10.23 10.86
N GLU A 73 -9.81 -10.80 11.75
CA GLU A 73 -9.81 -10.38 13.14
C GLU A 73 -8.84 -9.22 13.36
N SER A 74 -8.19 -8.83 12.27
CA SER A 74 -7.22 -7.75 12.33
C SER A 74 -7.62 -6.64 11.34
N ARG A 75 -8.88 -6.25 11.42
CA ARG A 75 -9.40 -5.21 10.55
C ARG A 75 -8.87 -3.84 10.98
N PHE A 76 -8.78 -2.94 10.00
CA PHE A 76 -8.30 -1.60 10.27
C PHE A 76 -9.11 -0.57 9.49
N ASN A 77 -9.55 0.46 10.22
CA ASN A 77 -10.33 1.52 9.61
C ASN A 77 -9.45 2.31 8.64
N THR A 78 -8.21 2.49 9.04
CA THR A 78 -7.26 3.23 8.22
C THR A 78 -6.16 2.29 7.71
N LEU A 79 -6.01 2.27 6.40
CA LEU A 79 -5.00 1.43 5.77
C LEU A 79 -3.69 1.55 6.54
N ALA A 80 -3.29 2.80 6.77
CA ALA A 80 -2.07 3.06 7.50
C ALA A 80 -2.00 2.17 8.73
N GLU A 81 -3.06 2.23 9.53
CA GLU A 81 -3.14 1.44 10.74
C GLU A 81 -2.85 -0.04 10.43
N LEU A 82 -3.29 -0.45 9.25
CA LEU A 82 -3.09 -1.83 8.82
C LEU A 82 -1.60 -2.08 8.62
N VAL A 83 -1.01 -1.29 7.74
CA VAL A 83 0.40 -1.42 7.44
C VAL A 83 1.21 -1.36 8.74
N HIS A 84 0.67 -0.61 9.69
CA HIS A 84 1.32 -0.47 10.99
C HIS A 84 1.41 -1.84 11.67
N HIS A 85 0.28 -2.54 11.68
CA HIS A 85 0.21 -3.85 12.29
C HIS A 85 0.95 -4.86 11.42
N HIS A 86 0.68 -4.79 10.13
CA HIS A 86 1.32 -5.70 9.18
C HIS A 86 2.82 -5.38 9.10
N SER A 87 3.21 -4.37 9.86
CA SER A 87 4.61 -3.96 9.89
C SER A 87 5.43 -4.96 10.69
N THR A 88 4.84 -5.43 11.77
CA THR A 88 5.50 -6.40 12.64
C THR A 88 4.76 -7.74 12.62
N VAL A 89 3.45 -7.65 12.43
CA VAL A 89 2.62 -8.83 12.39
C VAL A 89 1.74 -8.79 11.13
N ALA A 90 2.31 -9.28 10.04
CA ALA A 90 1.60 -9.31 8.77
C ALA A 90 0.53 -10.39 8.82
N ASP A 91 -0.52 -10.12 9.60
CA ASP A 91 -1.60 -11.07 9.74
C ASP A 91 -2.51 -10.98 8.51
N GLY A 92 -1.88 -10.93 7.35
CA GLY A 92 -2.62 -10.83 6.10
C GLY A 92 -1.66 -10.82 4.91
N LEU A 93 -0.86 -9.78 4.83
CA LEU A 93 0.10 -9.65 3.75
C LEU A 93 1.21 -10.67 3.94
N ILE A 94 1.62 -11.27 2.82
CA ILE A 94 2.67 -12.26 2.84
C ILE A 94 3.83 -11.76 3.70
N THR A 95 4.66 -10.93 3.09
CA THR A 95 5.82 -10.38 3.79
C THR A 95 5.37 -9.22 4.69
N THR A 96 6.33 -8.70 5.45
CA THR A 96 6.05 -7.60 6.35
C THR A 96 6.67 -6.30 5.80
N LEU A 97 5.84 -5.27 5.79
CA LEU A 97 6.28 -3.97 5.30
C LEU A 97 7.71 -3.70 5.78
N HIS A 98 8.47 -3.03 4.93
CA HIS A 98 9.85 -2.70 5.26
C HIS A 98 10.14 -1.26 4.85
N TYR A 99 10.36 -1.08 3.56
CA TYR A 99 10.66 0.24 3.03
C TYR A 99 9.52 0.74 2.13
N PRO A 100 8.71 1.67 2.69
CA PRO A 100 7.59 2.23 1.96
C PRO A 100 8.08 3.25 0.91
N ALA A 101 8.59 2.71 -0.18
CA ALA A 101 9.08 3.55 -1.26
C ALA A 101 8.10 4.70 -1.51
N PRO A 102 8.59 5.93 -1.28
CA PRO A 102 7.78 7.12 -1.47
C PRO A 102 7.59 7.43 -2.95
N LYS A 103 7.16 8.65 -3.23
CA LYS A 103 6.95 9.09 -4.60
C LYS A 103 8.09 10.03 -5.01
N ARG A 104 8.76 9.65 -6.09
CA ARG A 104 9.86 10.45 -6.60
C ARG A 104 9.40 11.30 -7.78
N GLY A 105 8.97 12.52 -7.45
CA GLY A 105 8.50 13.44 -8.47
C GLY A 105 9.68 14.14 -9.16
N ILE A 106 9.65 14.10 -10.48
CA ILE A 106 10.70 14.73 -11.27
C ILE A 106 10.16 16.02 -11.90
N HIS A 107 9.10 15.87 -12.67
CA HIS A 107 8.47 17.00 -13.33
C HIS A 107 9.55 17.84 -14.00
N ARG A 108 10.66 17.19 -14.33
CA ARG A 108 11.77 17.87 -14.97
C ARG A 108 11.97 19.27 -14.37
N ASP A 109 11.34 20.25 -15.01
CA ASP A 109 11.44 21.62 -14.55
C ASP A 109 12.89 21.92 -14.16
N GLY A 1 2.87 24.47 -2.25
CA GLY A 1 3.65 23.24 -2.20
C GLY A 1 3.26 22.31 -3.34
N SER A 2 3.94 22.50 -4.47
CA SER A 2 3.67 21.68 -5.64
C SER A 2 4.61 20.47 -5.66
N GLY A 3 4.03 19.30 -5.92
CA GLY A 3 4.80 18.08 -5.98
C GLY A 3 3.91 16.86 -5.82
N ASN A 4 3.55 16.58 -4.57
CA ASN A 4 2.70 15.44 -4.27
C ASN A 4 1.61 15.88 -3.28
N SER A 5 0.56 15.07 -3.21
CA SER A 5 -0.55 15.36 -2.31
C SER A 5 -0.89 14.11 -1.48
N LEU A 6 -1.65 14.34 -0.43
CA LEU A 6 -2.05 13.24 0.44
C LEU A 6 -0.85 12.34 0.71
N GLU A 7 0.30 12.98 0.90
CA GLU A 7 1.53 12.23 1.16
C GLU A 7 1.55 11.72 2.60
N LYS A 8 0.67 10.77 2.87
CA LYS A 8 0.57 10.18 4.19
C LYS A 8 1.93 9.59 4.59
N HIS A 9 1.95 8.28 4.73
CA HIS A 9 3.16 7.58 5.10
C HIS A 9 4.17 7.66 3.95
N SER A 10 5.31 7.04 4.17
CA SER A 10 6.36 7.03 3.16
C SER A 10 6.04 6.00 2.07
N TRP A 11 4.87 5.39 2.20
CA TRP A 11 4.43 4.40 1.24
C TRP A 11 3.11 4.89 0.63
N TYR A 12 2.69 6.07 1.07
CA TYR A 12 1.45 6.65 0.57
C TYR A 12 1.72 8.01 -0.10
N HIS A 13 1.45 8.05 -1.39
CA HIS A 13 1.65 9.26 -2.16
C HIS A 13 0.33 9.67 -2.83
N GLY A 14 -0.16 8.80 -3.68
CA GLY A 14 -1.41 9.05 -4.39
C GLY A 14 -1.93 7.77 -5.04
N PRO A 15 -3.27 7.77 -5.30
CA PRO A 15 -3.91 6.63 -5.92
C PRO A 15 -3.58 6.55 -7.41
N VAL A 16 -3.03 5.41 -7.81
CA VAL A 16 -2.67 5.20 -9.20
C VAL A 16 -2.79 3.71 -9.53
N SER A 17 -2.75 3.42 -10.82
CA SER A 17 -2.84 2.04 -11.29
C SER A 17 -1.53 1.31 -11.02
N ARG A 18 -1.65 0.01 -10.80
CA ARG A 18 -0.47 -0.82 -10.53
C ARG A 18 0.65 -0.47 -11.52
N ASN A 19 0.24 -0.07 -12.71
CA ASN A 19 1.21 0.28 -13.74
C ASN A 19 2.31 1.15 -13.13
N ALA A 20 1.89 2.27 -12.56
CA ALA A 20 2.83 3.19 -11.94
C ALA A 20 3.46 2.52 -10.71
N ALA A 21 2.63 1.77 -10.00
CA ALA A 21 3.10 1.08 -8.81
C ALA A 21 4.43 0.39 -9.11
N GLU A 22 4.46 -0.32 -10.23
CA GLU A 22 5.66 -1.02 -10.64
C GLU A 22 6.72 -0.03 -11.10
N TYR A 23 6.25 1.08 -11.64
CA TYR A 23 7.15 2.12 -12.12
C TYR A 23 7.80 2.87 -10.96
N LEU A 24 6.96 3.56 -10.20
CA LEU A 24 7.44 4.33 -9.06
C LEU A 24 8.35 3.44 -8.22
N LEU A 25 8.14 2.14 -8.33
CA LEU A 25 8.93 1.18 -7.57
C LEU A 25 10.42 1.50 -7.77
N SER A 26 11.10 1.70 -6.65
CA SER A 26 12.52 2.00 -6.68
C SER A 26 13.17 1.36 -7.90
N SER A 27 13.65 0.14 -7.70
CA SER A 27 14.30 -0.59 -8.78
C SER A 27 14.62 -2.02 -8.32
N GLY A 28 15.40 -2.10 -7.26
CA GLY A 28 15.79 -3.39 -6.73
C GLY A 28 16.33 -3.25 -5.29
N ILE A 29 15.42 -3.41 -4.34
CA ILE A 29 15.80 -3.30 -2.94
C ILE A 29 15.69 -4.68 -2.28
N ASN A 30 16.11 -4.73 -1.02
CA ASN A 30 16.07 -5.97 -0.28
C ASN A 30 14.62 -6.27 0.13
N GLY A 31 13.73 -5.39 -0.29
CA GLY A 31 12.33 -5.55 0.02
C GLY A 31 11.68 -4.20 0.36
N SER A 32 10.72 -3.81 -0.47
CA SER A 32 10.02 -2.55 -0.27
C SER A 32 8.56 -2.69 -0.69
N PHE A 33 7.69 -2.05 0.08
CA PHE A 33 6.27 -2.10 -0.20
C PHE A 33 5.73 -0.69 -0.46
N LEU A 34 4.47 -0.65 -0.90
CA LEU A 34 3.82 0.61 -1.19
C LEU A 34 2.31 0.45 -1.01
N VAL A 35 1.59 1.47 -1.46
CA VAL A 35 0.13 1.45 -1.36
C VAL A 35 -0.46 2.00 -2.65
N ARG A 36 -1.36 1.21 -3.25
CA ARG A 36 -2.01 1.61 -4.48
C ARG A 36 -3.53 1.57 -4.31
N GLU A 37 -4.22 2.09 -5.31
CA GLU A 37 -5.67 2.13 -5.29
C GLU A 37 -6.23 1.15 -6.32
N SER A 38 -7.23 0.38 -5.89
CA SER A 38 -7.86 -0.60 -6.76
C SER A 38 -8.41 0.10 -8.01
N GLU A 39 -9.10 -0.68 -8.83
CA GLU A 39 -9.68 -0.16 -10.05
C GLU A 39 -11.01 0.54 -9.75
N SER A 40 -12.02 0.13 -10.50
CA SER A 40 -13.35 0.70 -10.32
C SER A 40 -13.94 0.27 -8.97
N SER A 41 -13.53 0.98 -7.93
CA SER A 41 -14.01 0.68 -6.59
C SER A 41 -14.52 1.96 -5.93
N PRO A 42 -15.49 1.76 -4.99
CA PRO A 42 -16.07 2.88 -4.27
C PRO A 42 -15.10 3.42 -3.21
N GLY A 43 -13.92 2.83 -3.18
CA GLY A 43 -12.90 3.24 -2.23
C GLY A 43 -12.08 2.03 -1.76
N GLN A 44 -11.48 1.35 -2.72
CA GLN A 44 -10.66 0.18 -2.42
C GLN A 44 -9.18 0.54 -2.48
N ARG A 45 -8.41 -0.15 -1.65
CA ARG A 45 -6.97 0.09 -1.61
C ARG A 45 -6.21 -1.24 -1.73
N SER A 46 -5.06 -1.16 -2.38
CA SER A 46 -4.23 -2.34 -2.58
C SER A 46 -2.83 -2.09 -2.01
N ILE A 47 -2.03 -3.15 -2.01
CA ILE A 47 -0.67 -3.07 -1.51
C ILE A 47 0.29 -3.63 -2.55
N SER A 48 1.35 -2.87 -2.81
CA SER A 48 2.35 -3.28 -3.78
C SER A 48 3.67 -3.56 -3.08
N LEU A 49 3.97 -4.86 -2.95
CA LEU A 49 5.20 -5.28 -2.29
C LEU A 49 6.24 -5.64 -3.36
N ARG A 50 7.47 -5.20 -3.12
CA ARG A 50 8.55 -5.48 -4.05
C ARG A 50 9.51 -6.52 -3.45
N TYR A 51 9.86 -7.48 -4.29
CA TYR A 51 10.76 -8.54 -3.86
C TYR A 51 12.10 -8.45 -4.60
N GLU A 52 12.80 -9.58 -4.63
CA GLU A 52 14.09 -9.64 -5.29
C GLU A 52 13.91 -9.50 -6.81
N GLY A 53 13.18 -8.47 -7.20
CA GLY A 53 12.92 -8.22 -8.61
C GLY A 53 11.50 -8.66 -8.99
N ARG A 54 10.58 -8.42 -8.08
CA ARG A 54 9.20 -8.79 -8.31
C ARG A 54 8.26 -7.85 -7.52
N VAL A 55 7.14 -7.53 -8.15
CA VAL A 55 6.16 -6.66 -7.52
C VAL A 55 4.84 -7.41 -7.35
N TYR A 56 4.39 -7.45 -6.11
CA TYR A 56 3.15 -8.15 -5.79
C TYR A 56 2.05 -7.14 -5.43
N HIS A 57 0.93 -7.25 -6.15
CA HIS A 57 -0.19 -6.36 -5.92
C HIS A 57 -1.37 -7.17 -5.36
N TYR A 58 -1.58 -7.01 -4.06
CA TYR A 58 -2.66 -7.72 -3.39
C TYR A 58 -3.62 -6.72 -2.70
N ARG A 59 -4.85 -6.70 -3.21
CA ARG A 59 -5.85 -5.82 -2.66
C ARG A 59 -6.39 -6.37 -1.33
N ILE A 60 -6.62 -5.45 -0.40
CA ILE A 60 -7.13 -5.83 0.90
C ILE A 60 -8.65 -5.94 0.85
N ASN A 61 -9.20 -6.63 1.84
CA ASN A 61 -10.64 -6.82 1.90
C ASN A 61 -11.24 -5.77 2.83
N THR A 62 -12.56 -5.65 2.77
CA THR A 62 -13.27 -4.68 3.60
C THR A 62 -14.11 -5.40 4.65
N ALA A 63 -14.17 -4.79 5.83
CA ALA A 63 -14.92 -5.34 6.93
C ALA A 63 -16.42 -5.28 6.60
N SER A 64 -17.16 -4.66 7.50
CA SER A 64 -18.60 -4.52 7.33
C SER A 64 -18.89 -3.82 6.00
N ASP A 65 -18.57 -2.54 5.96
CA ASP A 65 -18.79 -1.74 4.77
C ASP A 65 -17.92 -0.48 4.84
N GLY A 66 -16.62 -0.71 4.99
CA GLY A 66 -15.68 0.39 5.06
C GLY A 66 -14.32 -0.08 5.60
N LYS A 67 -14.33 -0.45 6.87
CA LYS A 67 -13.12 -0.92 7.52
C LYS A 67 -12.36 -1.85 6.57
N LEU A 68 -11.06 -1.92 6.77
CA LEU A 68 -10.22 -2.76 5.95
C LEU A 68 -9.56 -3.83 6.82
N TYR A 69 -9.92 -5.07 6.53
CA TYR A 69 -9.37 -6.19 7.27
C TYR A 69 -8.84 -7.28 6.34
N VAL A 70 -7.58 -7.62 6.53
CA VAL A 70 -6.94 -8.63 5.71
C VAL A 70 -7.31 -10.02 6.24
N SER A 71 -7.37 -10.12 7.57
CA SER A 71 -7.70 -11.37 8.21
C SER A 71 -9.14 -11.33 8.74
N SER A 72 -9.25 -11.17 10.05
CA SER A 72 -10.56 -11.10 10.69
C SER A 72 -10.52 -10.12 11.86
N GLU A 73 -9.60 -10.39 12.78
CA GLU A 73 -9.45 -9.54 13.95
C GLU A 73 -8.38 -8.48 13.70
N SER A 74 -7.98 -8.37 12.44
CA SER A 74 -6.96 -7.39 12.06
C SER A 74 -7.57 -6.36 11.11
N ARG A 75 -8.72 -5.85 11.50
CA ARG A 75 -9.41 -4.85 10.70
C ARG A 75 -8.90 -3.46 11.03
N PHE A 76 -8.88 -2.61 10.02
CA PHE A 76 -8.41 -1.24 10.19
C PHE A 76 -9.25 -0.27 9.34
N ASN A 77 -9.65 0.82 9.98
CA ASN A 77 -10.44 1.84 9.30
C ASN A 77 -9.51 2.76 8.52
N THR A 78 -8.23 2.62 8.77
CA THR A 78 -7.22 3.44 8.10
C THR A 78 -6.16 2.56 7.46
N LEU A 79 -5.54 3.08 6.42
CA LEU A 79 -4.50 2.36 5.71
C LEU A 79 -3.33 2.10 6.66
N ALA A 80 -2.78 3.19 7.17
CA ALA A 80 -1.64 3.09 8.09
C ALA A 80 -1.93 1.99 9.11
N GLU A 81 -2.93 2.23 9.94
CA GLU A 81 -3.30 1.28 10.97
C GLU A 81 -3.21 -0.15 10.42
N LEU A 82 -3.46 -0.27 9.13
CA LEU A 82 -3.40 -1.58 8.48
C LEU A 82 -1.95 -2.03 8.39
N VAL A 83 -1.18 -1.32 7.57
CA VAL A 83 0.22 -1.65 7.38
C VAL A 83 0.93 -1.63 8.74
N HIS A 84 0.50 -0.68 9.58
CA HIS A 84 1.08 -0.55 10.90
C HIS A 84 1.15 -1.91 11.58
N HIS A 85 0.00 -2.58 11.62
CA HIS A 85 -0.08 -3.90 12.23
C HIS A 85 0.61 -4.93 11.32
N HIS A 86 0.37 -4.77 10.03
CA HIS A 86 0.96 -5.68 9.06
C HIS A 86 2.43 -5.32 8.85
N SER A 87 2.92 -4.45 9.70
CA SER A 87 4.30 -4.01 9.62
C SER A 87 5.19 -4.92 10.48
N THR A 88 4.58 -5.50 11.50
CA THR A 88 5.29 -6.38 12.40
C THR A 88 4.57 -7.72 12.51
N VAL A 89 3.25 -7.65 12.57
CA VAL A 89 2.44 -8.85 12.68
C VAL A 89 1.49 -8.93 11.47
N ALA A 90 2.05 -9.38 10.36
CA ALA A 90 1.29 -9.51 9.14
C ALA A 90 0.34 -10.71 9.26
N ASP A 91 -0.74 -10.47 9.98
CA ASP A 91 -1.73 -11.52 10.19
C ASP A 91 -2.56 -11.69 8.91
N GLY A 92 -2.22 -10.89 7.91
CA GLY A 92 -2.91 -10.95 6.63
C GLY A 92 -1.92 -10.96 5.47
N LEU A 93 -1.14 -9.90 5.37
CA LEU A 93 -0.16 -9.78 4.31
C LEU A 93 0.94 -10.80 4.54
N ILE A 94 1.39 -11.40 3.45
CA ILE A 94 2.44 -12.40 3.50
C ILE A 94 3.63 -11.83 4.28
N THR A 95 4.47 -11.10 3.55
CA THR A 95 5.65 -10.50 4.16
C THR A 95 5.27 -9.22 4.91
N THR A 96 6.23 -8.72 5.66
CA THR A 96 6.00 -7.50 6.44
C THR A 96 6.79 -6.34 5.84
N LEU A 97 6.05 -5.42 5.23
CA LEU A 97 6.65 -4.26 4.61
C LEU A 97 7.91 -3.87 5.39
N HIS A 98 8.92 -3.43 4.65
CA HIS A 98 10.17 -3.02 5.25
C HIS A 98 10.54 -1.62 4.78
N TYR A 99 10.55 -1.44 3.46
CA TYR A 99 10.88 -0.16 2.87
C TYR A 99 9.69 0.40 2.09
N PRO A 100 9.15 1.54 2.60
CA PRO A 100 8.02 2.18 1.96
C PRO A 100 8.45 2.92 0.70
N ALA A 101 8.41 2.21 -0.42
CA ALA A 101 8.80 2.78 -1.70
C ALA A 101 8.32 4.24 -1.76
N PRO A 102 9.26 5.17 -1.46
CA PRO A 102 8.95 6.58 -1.48
C PRO A 102 8.84 7.11 -2.92
N LYS A 103 8.34 8.33 -3.03
CA LYS A 103 8.18 8.94 -4.34
C LYS A 103 9.52 9.52 -4.80
N ARG A 104 10.32 8.66 -5.41
CA ARG A 104 11.63 9.07 -5.90
C ARG A 104 11.50 9.84 -7.20
N GLY A 105 12.27 10.91 -7.32
CA GLY A 105 12.25 11.73 -8.50
C GLY A 105 13.21 11.21 -9.56
N ILE A 106 13.75 12.14 -10.35
CA ILE A 106 14.69 11.78 -11.39
C ILE A 106 15.87 12.75 -11.37
N HIS A 107 15.56 14.00 -11.70
CA HIS A 107 16.58 15.04 -11.73
C HIS A 107 16.09 16.23 -12.56
N ARG A 108 15.38 15.90 -13.64
CA ARG A 108 14.85 16.92 -14.52
C ARG A 108 14.36 18.11 -13.71
N ASP A 109 15.01 19.25 -13.91
CA ASP A 109 14.65 20.47 -13.20
C ASP A 109 15.59 21.60 -13.63
N GLY A 1 -11.47 7.79 -5.66
CA GLY A 1 -10.38 8.65 -5.21
C GLY A 1 -10.20 8.56 -3.70
N SER A 2 -10.59 9.63 -3.02
CA SER A 2 -10.48 9.68 -1.57
C SER A 2 -9.01 9.61 -1.16
N GLY A 3 -8.67 10.39 -0.15
CA GLY A 3 -7.30 10.43 0.34
C GLY A 3 -6.29 10.34 -0.81
N ASN A 4 -5.50 9.28 -0.78
CA ASN A 4 -4.49 9.07 -1.82
C ASN A 4 -3.42 10.15 -1.70
N SER A 5 -3.82 11.38 -1.99
CA SER A 5 -2.91 12.51 -1.93
C SER A 5 -2.12 12.46 -0.61
N LEU A 6 -1.08 13.28 -0.56
CA LEU A 6 -0.24 13.34 0.64
C LEU A 6 0.86 12.29 0.54
N GLU A 7 2.08 12.78 0.38
CA GLU A 7 3.23 11.89 0.28
C GLU A 7 3.59 11.32 1.65
N LYS A 8 2.63 10.63 2.25
CA LYS A 8 2.83 10.04 3.55
C LYS A 8 3.97 9.02 3.47
N HIS A 9 3.63 7.76 3.75
CA HIS A 9 4.60 6.69 3.71
C HIS A 9 5.05 6.46 2.27
N SER A 10 5.98 5.53 2.12
CA SER A 10 6.50 5.20 0.80
C SER A 10 5.49 4.34 0.03
N TRP A 11 4.36 4.10 0.69
CA TRP A 11 3.31 3.30 0.08
C TRP A 11 2.06 4.18 -0.04
N TYR A 12 2.19 5.40 0.44
CA TYR A 12 1.08 6.35 0.40
C TYR A 12 1.47 7.61 -0.37
N HIS A 13 1.51 7.48 -1.69
CA HIS A 13 1.86 8.60 -2.54
C HIS A 13 0.61 9.17 -3.20
N GLY A 14 -0.17 8.27 -3.80
CA GLY A 14 -1.39 8.66 -4.47
C GLY A 14 -1.92 7.53 -5.35
N PRO A 15 -2.73 7.93 -6.37
CA PRO A 15 -3.31 6.96 -7.29
C PRO A 15 -2.25 6.46 -8.28
N VAL A 16 -1.84 5.22 -8.08
CA VAL A 16 -0.85 4.61 -8.95
C VAL A 16 -1.40 3.30 -9.52
N SER A 17 -1.20 3.12 -10.81
CA SER A 17 -1.66 1.92 -11.49
C SER A 17 -0.72 0.75 -11.18
N ARG A 18 -1.31 -0.43 -11.11
CA ARG A 18 -0.53 -1.64 -10.83
C ARG A 18 0.64 -1.76 -11.81
N ASN A 19 0.34 -1.44 -13.07
CA ASN A 19 1.36 -1.51 -14.11
C ASN A 19 2.52 -0.58 -13.75
N ALA A 20 2.20 0.70 -13.68
CA ALA A 20 3.20 1.71 -13.35
C ALA A 20 3.83 1.36 -11.99
N ALA A 21 3.01 0.77 -11.14
CA ALA A 21 3.47 0.39 -9.81
C ALA A 21 4.80 -0.35 -9.94
N GLU A 22 4.72 -1.57 -10.46
CA GLU A 22 5.91 -2.39 -10.65
C GLU A 22 6.92 -1.67 -11.53
N TYR A 23 6.40 -0.90 -12.47
CA TYR A 23 7.24 -0.16 -13.39
C TYR A 23 8.13 0.83 -12.63
N LEU A 24 7.51 1.87 -12.11
CA LEU A 24 8.23 2.90 -11.37
C LEU A 24 9.14 2.22 -10.35
N LEU A 25 8.53 1.38 -9.53
CA LEU A 25 9.28 0.67 -8.50
C LEU A 25 10.23 -0.33 -9.16
N SER A 26 11.50 0.04 -9.20
CA SER A 26 12.51 -0.82 -9.80
C SER A 26 13.90 -0.31 -9.44
N SER A 27 14.00 0.27 -8.25
CA SER A 27 15.26 0.80 -7.78
C SER A 27 15.12 1.30 -6.33
N GLY A 28 15.47 0.43 -5.40
CA GLY A 28 15.38 0.77 -3.99
C GLY A 28 16.02 -0.33 -3.13
N ILE A 29 15.23 -0.81 -2.17
CA ILE A 29 15.70 -1.85 -1.28
C ILE A 29 15.13 -3.20 -1.72
N ASN A 30 15.64 -4.26 -1.10
CA ASN A 30 15.19 -5.60 -1.42
C ASN A 30 13.80 -5.83 -0.83
N GLY A 31 13.31 -4.82 -0.12
CA GLY A 31 12.01 -4.89 0.50
C GLY A 31 11.33 -3.52 0.52
N SER A 32 10.36 -3.37 -0.38
CA SER A 32 9.62 -2.11 -0.48
C SER A 32 8.18 -2.39 -0.90
N PHE A 33 7.27 -1.67 -0.25
CA PHE A 33 5.86 -1.83 -0.55
C PHE A 33 5.24 -0.49 -0.98
N LEU A 34 4.06 -0.60 -1.58
CA LEU A 34 3.35 0.58 -2.04
C LEU A 34 1.85 0.30 -2.07
N VAL A 35 1.09 1.29 -1.62
CA VAL A 35 -0.36 1.16 -1.59
C VAL A 35 -0.96 1.86 -2.81
N ARG A 36 -2.02 1.24 -3.33
CA ARG A 36 -2.70 1.79 -4.50
C ARG A 36 -4.21 1.87 -4.24
N GLU A 37 -4.92 2.29 -5.27
CA GLU A 37 -6.37 2.41 -5.18
C GLU A 37 -7.03 1.68 -6.34
N SER A 38 -7.96 0.79 -5.98
CA SER A 38 -8.68 0.02 -6.98
C SER A 38 -9.74 0.88 -7.65
N GLU A 39 -10.16 0.45 -8.83
CA GLU A 39 -11.17 1.17 -9.59
C GLU A 39 -12.27 0.22 -10.06
N SER A 40 -13.33 0.13 -9.26
CA SER A 40 -14.44 -0.74 -9.58
C SER A 40 -15.34 -0.92 -8.36
N SER A 41 -14.72 -0.75 -7.19
CA SER A 41 -15.45 -0.89 -5.94
C SER A 41 -15.68 0.48 -5.30
N PRO A 42 -16.77 0.57 -4.50
CA PRO A 42 -17.11 1.82 -3.83
C PRO A 42 -16.17 2.06 -2.65
N GLY A 43 -14.89 2.14 -2.94
CA GLY A 43 -13.89 2.36 -1.91
C GLY A 43 -13.05 1.11 -1.67
N GLN A 44 -12.10 0.89 -2.57
CA GLN A 44 -11.23 -0.27 -2.48
C GLN A 44 -9.77 0.18 -2.50
N ARG A 45 -8.94 -0.57 -1.77
CA ARG A 45 -7.52 -0.26 -1.71
C ARG A 45 -6.69 -1.53 -1.97
N SER A 46 -5.59 -1.33 -2.68
CA SER A 46 -4.72 -2.44 -3.00
C SER A 46 -3.38 -2.30 -2.26
N ILE A 47 -2.62 -3.37 -2.26
CA ILE A 47 -1.33 -3.38 -1.60
C ILE A 47 -0.24 -3.82 -2.58
N SER A 48 0.83 -3.05 -2.62
CA SER A 48 1.95 -3.35 -3.50
C SER A 48 3.16 -3.78 -2.69
N LEU A 49 3.72 -4.93 -3.07
CA LEU A 49 4.89 -5.46 -2.39
C LEU A 49 6.03 -5.63 -3.40
N ARG A 50 7.20 -5.16 -3.00
CA ARG A 50 8.38 -5.26 -3.86
C ARG A 50 9.35 -6.29 -3.30
N TYR A 51 9.65 -7.29 -4.12
CA TYR A 51 10.56 -8.35 -3.72
C TYR A 51 11.87 -8.26 -4.52
N GLU A 52 12.66 -9.32 -4.41
CA GLU A 52 13.92 -9.39 -5.12
C GLU A 52 13.69 -9.47 -6.62
N GLY A 53 13.17 -8.38 -7.16
CA GLY A 53 12.89 -8.31 -8.59
C GLY A 53 11.53 -8.93 -8.92
N ARG A 54 10.60 -8.75 -8.00
CA ARG A 54 9.26 -9.28 -8.17
C ARG A 54 8.23 -8.40 -7.44
N VAL A 55 7.21 -8.01 -8.19
CA VAL A 55 6.16 -7.17 -7.61
C VAL A 55 4.85 -7.97 -7.55
N TYR A 56 4.32 -8.06 -6.34
CA TYR A 56 3.07 -8.79 -6.13
C TYR A 56 1.90 -7.82 -5.91
N HIS A 57 0.75 -8.22 -6.44
CA HIS A 57 -0.44 -7.40 -6.31
C HIS A 57 -1.51 -8.18 -5.54
N TYR A 58 -1.75 -7.72 -4.31
CA TYR A 58 -2.73 -8.36 -3.45
C TYR A 58 -3.71 -7.32 -2.88
N ARG A 59 -4.95 -7.43 -3.32
CA ARG A 59 -5.98 -6.52 -2.85
C ARG A 59 -6.45 -6.90 -1.45
N ILE A 60 -6.65 -5.89 -0.63
CA ILE A 60 -7.09 -6.10 0.74
C ILE A 60 -8.60 -6.39 0.75
N ASN A 61 -9.35 -5.44 1.28
CA ASN A 61 -10.80 -5.59 1.35
C ASN A 61 -11.32 -4.74 2.52
N THR A 62 -12.55 -4.27 2.36
CA THR A 62 -13.18 -3.46 3.38
C THR A 62 -14.35 -4.22 4.03
N ALA A 63 -14.47 -4.04 5.33
CA ALA A 63 -15.53 -4.71 6.07
C ALA A 63 -16.86 -3.99 5.81
N SER A 64 -17.94 -4.64 6.22
CA SER A 64 -19.26 -4.07 6.04
C SER A 64 -19.32 -2.66 6.64
N ASP A 65 -18.35 -2.38 7.50
CA ASP A 65 -18.28 -1.08 8.14
C ASP A 65 -17.70 -0.06 7.16
N GLY A 66 -16.55 -0.40 6.61
CA GLY A 66 -15.88 0.47 5.66
C GLY A 66 -14.38 0.53 5.94
N LYS A 67 -13.98 -0.12 7.03
CA LYS A 67 -12.58 -0.14 7.42
C LYS A 67 -11.84 -1.18 6.58
N LEU A 68 -10.51 -1.13 6.65
CA LEU A 68 -9.68 -2.05 5.91
C LEU A 68 -9.18 -3.15 6.86
N TYR A 69 -9.57 -4.38 6.55
CA TYR A 69 -9.17 -5.52 7.36
C TYR A 69 -8.90 -6.74 6.49
N VAL A 70 -7.63 -7.13 6.45
CA VAL A 70 -7.22 -8.28 5.66
C VAL A 70 -7.54 -9.56 6.43
N SER A 71 -7.59 -9.43 7.75
CA SER A 71 -7.89 -10.57 8.60
C SER A 71 -8.96 -10.18 9.62
N SER A 72 -9.91 -11.12 9.81
CA SER A 72 -10.99 -10.90 10.75
C SER A 72 -10.43 -10.56 12.13
N GLU A 73 -9.16 -10.88 12.32
CA GLU A 73 -8.51 -10.62 13.58
C GLU A 73 -7.67 -9.35 13.50
N SER A 74 -7.55 -8.84 12.28
CA SER A 74 -6.78 -7.62 12.05
C SER A 74 -7.58 -6.66 11.16
N ARG A 75 -8.10 -5.62 11.79
CA ARG A 75 -8.87 -4.62 11.07
C ARG A 75 -8.38 -3.21 11.41
N PHE A 76 -8.36 -2.36 10.39
CA PHE A 76 -7.92 -0.99 10.58
C PHE A 76 -8.82 -0.03 9.80
N ASN A 77 -8.98 1.16 10.37
CA ASN A 77 -9.79 2.19 9.76
C ASN A 77 -8.94 3.02 8.80
N THR A 78 -7.65 3.08 9.12
CA THR A 78 -6.72 3.84 8.30
C THR A 78 -5.72 2.91 7.62
N LEU A 79 -5.47 3.17 6.35
CA LEU A 79 -4.54 2.37 5.59
C LEU A 79 -3.23 2.23 6.37
N ALA A 80 -2.76 3.36 6.87
CA ALA A 80 -1.52 3.38 7.63
C ALA A 80 -1.56 2.27 8.69
N GLU A 81 -2.54 2.38 9.58
CA GLU A 81 -2.69 1.40 10.64
C GLU A 81 -2.59 -0.02 10.07
N LEU A 82 -3.06 -0.16 8.85
CA LEU A 82 -3.02 -1.45 8.18
C LEU A 82 -1.57 -1.93 8.06
N VAL A 83 -0.72 -1.00 7.66
CA VAL A 83 0.69 -1.32 7.51
C VAL A 83 1.31 -1.53 8.89
N HIS A 84 0.94 -0.66 9.82
CA HIS A 84 1.44 -0.74 11.18
C HIS A 84 1.46 -2.20 11.63
N HIS A 85 0.30 -2.82 11.59
CA HIS A 85 0.17 -4.20 12.00
C HIS A 85 0.92 -5.09 11.00
N HIS A 86 0.65 -4.86 9.73
CA HIS A 86 1.29 -5.64 8.68
C HIS A 86 2.76 -5.22 8.56
N SER A 87 3.23 -4.55 9.60
CA SER A 87 4.62 -4.09 9.63
C SER A 87 5.50 -5.17 10.24
N THR A 88 4.97 -5.83 11.27
CA THR A 88 5.70 -6.87 11.95
C THR A 88 4.90 -8.19 11.93
N VAL A 89 3.60 -8.04 11.76
CA VAL A 89 2.72 -9.19 11.72
C VAL A 89 1.74 -9.04 10.55
N ALA A 90 2.21 -9.40 9.38
CA ALA A 90 1.40 -9.31 8.17
C ALA A 90 0.44 -10.50 8.14
N ASP A 91 -0.60 -10.41 8.96
CA ASP A 91 -1.60 -11.47 9.02
C ASP A 91 -2.59 -11.31 7.86
N GLY A 92 -2.13 -10.60 6.84
CA GLY A 92 -2.96 -10.37 5.66
C GLY A 92 -2.10 -10.25 4.40
N LEU A 93 -1.23 -9.24 4.40
CA LEU A 93 -0.36 -9.02 3.27
C LEU A 93 0.63 -10.17 3.15
N ILE A 94 1.08 -10.42 1.93
CA ILE A 94 2.03 -11.49 1.67
C ILE A 94 3.12 -11.47 2.74
N THR A 95 4.17 -10.72 2.47
CA THR A 95 5.28 -10.62 3.40
C THR A 95 4.98 -9.58 4.48
N THR A 96 6.02 -8.91 4.94
CA THR A 96 5.88 -7.90 5.97
C THR A 96 6.58 -6.61 5.55
N LEU A 97 5.80 -5.54 5.51
CA LEU A 97 6.34 -4.23 5.12
C LEU A 97 7.78 -4.12 5.61
N HIS A 98 8.58 -3.42 4.84
CA HIS A 98 9.98 -3.22 5.17
C HIS A 98 10.17 -1.82 5.77
N TYR A 99 10.31 -0.85 4.86
CA TYR A 99 10.51 0.53 5.28
C TYR A 99 9.64 1.48 4.45
N PRO A 100 8.51 1.89 5.08
CA PRO A 100 7.58 2.81 4.42
C PRO A 100 8.13 4.23 4.38
N ALA A 101 9.40 4.32 3.96
CA ALA A 101 10.05 5.62 3.88
C ALA A 101 9.10 6.63 3.22
N PRO A 102 9.44 7.93 3.39
CA PRO A 102 8.62 8.99 2.83
C PRO A 102 8.84 9.11 1.33
N LYS A 103 7.80 9.55 0.64
CA LYS A 103 7.85 9.71 -0.80
C LYS A 103 8.72 10.92 -1.15
N ARG A 104 9.60 10.71 -2.11
CA ARG A 104 10.50 11.78 -2.55
C ARG A 104 10.07 12.32 -3.91
N GLY A 105 10.07 11.43 -4.90
CA GLY A 105 9.69 11.80 -6.25
C GLY A 105 8.17 11.71 -6.43
N ILE A 106 7.64 12.68 -7.16
CA ILE A 106 6.22 12.72 -7.42
C ILE A 106 5.83 11.59 -8.38
N HIS A 107 6.35 11.70 -9.59
CA HIS A 107 6.07 10.69 -10.61
C HIS A 107 7.29 10.54 -11.52
N ARG A 108 7.63 11.63 -12.19
CA ARG A 108 8.76 11.63 -13.10
C ARG A 108 9.90 10.79 -12.51
N ASP A 109 10.32 11.17 -11.31
CA ASP A 109 11.40 10.46 -10.63
C ASP A 109 10.81 9.55 -9.55
N GLY A 1 -10.04 12.08 4.19
CA GLY A 1 -9.71 13.49 4.29
C GLY A 1 -9.22 14.03 2.95
N SER A 2 -8.03 13.61 2.58
CA SER A 2 -7.44 14.06 1.33
C SER A 2 -7.44 15.58 1.25
N GLY A 3 -6.48 16.18 1.95
CA GLY A 3 -6.36 17.63 1.98
C GLY A 3 -5.33 18.11 0.96
N ASN A 4 -4.58 19.13 1.36
CA ASN A 4 -3.56 19.69 0.50
C ASN A 4 -2.56 18.60 0.13
N SER A 5 -2.00 17.98 1.15
CA SER A 5 -1.02 16.92 0.94
C SER A 5 -1.51 15.63 1.60
N LEU A 6 -1.63 14.60 0.78
CA LEU A 6 -2.09 13.31 1.27
C LEU A 6 -0.88 12.48 1.72
N GLU A 7 0.01 13.15 2.43
CA GLU A 7 1.21 12.49 2.93
C GLU A 7 0.87 11.61 4.13
N LYS A 8 0.17 10.53 3.83
CA LYS A 8 -0.23 9.59 4.88
C LYS A 8 1.02 9.08 5.60
N HIS A 9 1.23 7.78 5.53
CA HIS A 9 2.37 7.17 6.18
C HIS A 9 3.66 7.59 5.46
N SER A 10 4.77 7.09 5.96
CA SER A 10 6.07 7.41 5.39
C SER A 10 6.30 6.59 4.13
N TRP A 11 5.27 5.83 3.76
CA TRP A 11 5.35 4.99 2.58
C TRP A 11 4.16 5.31 1.69
N TYR A 12 3.43 6.35 2.08
CA TYR A 12 2.26 6.78 1.32
C TYR A 12 2.56 8.08 0.56
N HIS A 13 2.25 8.06 -0.72
CA HIS A 13 2.46 9.23 -1.56
C HIS A 13 1.24 9.44 -2.48
N GLY A 14 0.30 8.52 -2.37
CA GLY A 14 -0.91 8.59 -3.16
C GLY A 14 -1.19 7.25 -3.85
N PRO A 15 -2.39 7.18 -4.50
CA PRO A 15 -2.79 5.98 -5.20
C PRO A 15 -2.02 5.83 -6.52
N VAL A 16 -1.47 4.64 -6.72
CA VAL A 16 -0.72 4.35 -7.93
C VAL A 16 -1.35 3.16 -8.65
N SER A 17 -1.07 3.08 -9.95
CA SER A 17 -1.60 1.99 -10.76
C SER A 17 -0.78 0.72 -10.52
N ARG A 18 -1.48 -0.40 -10.56
CA ARG A 18 -0.83 -1.69 -10.36
C ARG A 18 -0.02 -2.08 -11.60
N ASN A 19 -0.46 -1.57 -12.73
CA ASN A 19 0.21 -1.84 -14.00
C ASN A 19 1.63 -1.26 -13.95
N ALA A 20 1.69 0.04 -13.70
CA ALA A 20 2.97 0.73 -13.63
C ALA A 20 3.70 0.30 -12.36
N ALA A 21 2.95 -0.32 -11.46
CA ALA A 21 3.52 -0.78 -10.20
C ALA A 21 4.66 -1.76 -10.50
N GLU A 22 4.27 -2.93 -10.98
CA GLU A 22 5.24 -3.97 -11.30
C GLU A 22 6.25 -3.44 -12.33
N TYR A 23 5.75 -2.65 -13.26
CA TYR A 23 6.59 -2.08 -14.30
C TYR A 23 7.53 -1.03 -13.71
N LEU A 24 6.95 0.12 -13.36
CA LEU A 24 7.73 1.20 -12.79
C LEU A 24 8.67 0.66 -11.74
N LEU A 25 8.25 -0.42 -11.11
CA LEU A 25 9.05 -1.06 -10.07
C LEU A 25 10.42 -1.42 -10.64
N SER A 26 11.32 -0.45 -10.57
CA SER A 26 12.67 -0.64 -11.08
C SER A 26 13.57 -1.22 -9.99
N SER A 27 14.71 -1.74 -10.40
CA SER A 27 15.67 -2.32 -9.47
C SER A 27 15.85 -1.39 -8.26
N GLY A 28 15.12 -1.71 -7.20
CA GLY A 28 15.19 -0.93 -5.99
C GLY A 28 15.89 -1.70 -4.87
N ILE A 29 15.17 -1.85 -3.75
CA ILE A 29 15.71 -2.57 -2.62
C ILE A 29 15.00 -3.92 -2.50
N ASN A 30 15.61 -4.81 -1.72
CA ASN A 30 15.06 -6.14 -1.52
C ASN A 30 13.95 -6.07 -0.46
N GLY A 31 13.12 -5.04 -0.59
CA GLY A 31 12.03 -4.85 0.34
C GLY A 31 11.40 -3.47 0.17
N SER A 32 10.28 -3.44 -0.53
CA SER A 32 9.57 -2.20 -0.78
C SER A 32 8.08 -2.46 -0.96
N PHE A 33 7.27 -1.65 -0.29
CA PHE A 33 5.83 -1.79 -0.37
C PHE A 33 5.15 -0.42 -0.44
N LEU A 34 3.99 -0.40 -1.09
CA LEU A 34 3.24 0.83 -1.24
C LEU A 34 1.77 0.49 -1.53
N VAL A 35 0.94 1.52 -1.46
CA VAL A 35 -0.49 1.34 -1.71
C VAL A 35 -0.79 1.71 -3.16
N ARG A 36 -1.65 0.90 -3.77
CA ARG A 36 -2.04 1.12 -5.15
C ARG A 36 -3.56 1.22 -5.27
N GLU A 37 -4.00 2.02 -6.23
CA GLU A 37 -5.42 2.21 -6.46
C GLU A 37 -5.91 1.30 -7.59
N SER A 38 -7.06 0.70 -7.37
CA SER A 38 -7.64 -0.19 -8.37
C SER A 38 -8.01 0.60 -9.62
N GLU A 39 -7.93 -0.07 -10.75
CA GLU A 39 -8.26 0.55 -12.03
C GLU A 39 -9.72 1.02 -12.02
N SER A 40 -9.94 2.14 -12.70
CA SER A 40 -11.27 2.71 -12.78
C SER A 40 -12.17 2.10 -11.70
N SER A 41 -12.04 2.63 -10.49
CA SER A 41 -12.84 2.15 -9.37
C SER A 41 -13.49 3.33 -8.64
N PRO A 42 -14.63 3.03 -7.99
CA PRO A 42 -15.36 4.05 -7.25
C PRO A 42 -14.65 4.39 -5.93
N GLY A 43 -13.37 4.06 -5.89
CA GLY A 43 -12.57 4.32 -4.70
C GLY A 43 -12.05 3.02 -4.09
N GLN A 44 -11.26 2.30 -4.87
CA GLN A 44 -10.70 1.04 -4.41
C GLN A 44 -9.22 1.22 -4.08
N ARG A 45 -8.78 0.45 -3.09
CA ARG A 45 -7.39 0.51 -2.65
C ARG A 45 -6.78 -0.90 -2.64
N SER A 46 -5.51 -0.95 -3.00
CA SER A 46 -4.79 -2.22 -3.02
C SER A 46 -3.42 -2.06 -2.38
N ILE A 47 -2.82 -3.20 -2.04
CA ILE A 47 -1.51 -3.19 -1.42
C ILE A 47 -0.48 -3.76 -2.41
N SER A 48 0.68 -3.13 -2.44
CA SER A 48 1.75 -3.56 -3.33
C SER A 48 3.01 -3.84 -2.53
N LEU A 49 3.57 -5.02 -2.75
CA LEU A 49 4.78 -5.43 -2.06
C LEU A 49 5.80 -5.93 -3.09
N ARG A 50 7.04 -5.52 -2.90
CA ARG A 50 8.11 -5.92 -3.79
C ARG A 50 9.23 -6.60 -3.00
N TYR A 51 9.75 -7.69 -3.57
CA TYR A 51 10.82 -8.42 -2.93
C TYR A 51 12.14 -8.23 -3.68
N GLU A 52 12.10 -8.51 -4.97
CA GLU A 52 13.28 -8.37 -5.80
C GLU A 52 12.88 -8.05 -7.24
N GLY A 53 12.35 -9.07 -7.92
CA GLY A 53 11.93 -8.91 -9.29
C GLY A 53 10.46 -9.28 -9.47
N ARG A 54 9.72 -9.21 -8.36
CA ARG A 54 8.31 -9.54 -8.37
C ARG A 54 7.55 -8.62 -7.42
N VAL A 55 6.31 -8.33 -7.79
CA VAL A 55 5.47 -7.47 -6.99
C VAL A 55 4.09 -8.11 -6.82
N TYR A 56 3.75 -8.38 -5.57
CA TYR A 56 2.47 -8.99 -5.26
C TYR A 56 1.38 -7.93 -5.03
N HIS A 57 0.22 -8.18 -5.64
CA HIS A 57 -0.89 -7.26 -5.51
C HIS A 57 -2.01 -7.92 -4.69
N TYR A 58 -2.17 -7.43 -3.48
CA TYR A 58 -3.19 -7.95 -2.58
C TYR A 58 -4.30 -6.92 -2.35
N ARG A 59 -5.40 -7.11 -3.06
CA ARG A 59 -6.53 -6.21 -2.94
C ARG A 59 -6.90 -6.02 -1.46
N ILE A 60 -7.37 -4.81 -1.15
CA ILE A 60 -7.75 -4.49 0.21
C ILE A 60 -8.98 -5.33 0.60
N ASN A 61 -9.24 -5.36 1.90
CA ASN A 61 -10.38 -6.11 2.40
C ASN A 61 -11.09 -5.30 3.49
N THR A 62 -12.38 -5.08 3.27
CA THR A 62 -13.18 -4.32 4.21
C THR A 62 -14.27 -5.20 4.82
N ALA A 63 -14.49 -5.01 6.12
CA ALA A 63 -15.50 -5.78 6.83
C ALA A 63 -16.88 -5.22 6.49
N SER A 64 -17.89 -6.06 6.71
CA SER A 64 -19.26 -5.67 6.44
C SER A 64 -19.60 -4.36 7.16
N ASP A 65 -18.89 -4.15 8.27
CA ASP A 65 -19.11 -2.95 9.07
C ASP A 65 -18.53 -1.75 8.33
N GLY A 66 -17.25 -1.86 7.97
CA GLY A 66 -16.57 -0.79 7.26
C GLY A 66 -15.06 -0.84 7.52
N LYS A 67 -14.71 -1.31 8.71
CA LYS A 67 -13.32 -1.41 9.09
C LYS A 67 -12.54 -2.12 7.99
N LEU A 68 -11.24 -1.86 7.95
CA LEU A 68 -10.39 -2.47 6.95
C LEU A 68 -9.55 -3.58 7.60
N TYR A 69 -9.94 -4.81 7.32
CA TYR A 69 -9.25 -5.96 7.87
C TYR A 69 -8.81 -6.92 6.76
N VAL A 70 -7.56 -7.36 6.86
CA VAL A 70 -7.01 -8.28 5.88
C VAL A 70 -7.26 -9.71 6.32
N SER A 71 -7.24 -9.91 7.63
CA SER A 71 -7.46 -11.22 8.20
C SER A 71 -8.79 -11.25 8.95
N SER A 72 -8.73 -10.88 10.22
CA SER A 72 -9.92 -10.85 11.05
C SER A 72 -9.57 -10.39 12.47
N GLU A 73 -8.46 -10.93 12.98
CA GLU A 73 -8.00 -10.58 14.30
C GLU A 73 -7.13 -9.32 14.25
N SER A 74 -6.97 -8.79 13.05
CA SER A 74 -6.18 -7.60 12.84
C SER A 74 -6.94 -6.60 11.97
N ARG A 75 -8.07 -6.14 12.49
CA ARG A 75 -8.89 -5.19 11.77
C ARG A 75 -8.43 -3.75 12.06
N PHE A 76 -8.57 -2.92 11.04
CA PHE A 76 -8.18 -1.52 11.18
C PHE A 76 -9.21 -0.59 10.55
N ASN A 77 -8.91 0.70 10.58
CA ASN A 77 -9.81 1.70 10.01
C ASN A 77 -9.18 2.25 8.73
N THR A 78 -7.91 2.59 8.82
CA THR A 78 -7.20 3.13 7.67
C THR A 78 -6.14 2.14 7.19
N LEU A 79 -6.02 2.05 5.87
CA LEU A 79 -5.05 1.15 5.27
C LEU A 79 -3.72 1.25 6.02
N ALA A 80 -3.32 2.48 6.28
CA ALA A 80 -2.08 2.73 6.99
C ALA A 80 -1.99 1.80 8.21
N GLU A 81 -2.88 2.04 9.17
CA GLU A 81 -2.92 1.24 10.37
C GLU A 81 -2.82 -0.25 10.03
N LEU A 82 -3.26 -0.57 8.82
CA LEU A 82 -3.22 -1.95 8.35
C LEU A 82 -1.76 -2.37 8.15
N VAL A 83 -1.08 -1.63 7.28
CA VAL A 83 0.32 -1.93 7.00
C VAL A 83 1.14 -1.79 8.28
N HIS A 84 0.78 -0.79 9.07
CA HIS A 84 1.47 -0.54 10.31
C HIS A 84 1.65 -1.85 11.08
N HIS A 85 0.52 -2.46 11.42
CA HIS A 85 0.55 -3.72 12.14
C HIS A 85 1.28 -4.78 11.31
N HIS A 86 1.06 -4.72 10.00
CA HIS A 86 1.69 -5.66 9.10
C HIS A 86 3.18 -5.32 8.96
N SER A 87 3.62 -4.39 9.78
CA SER A 87 5.01 -3.96 9.76
C SER A 87 5.89 -4.99 10.48
N THR A 88 5.33 -5.54 11.55
CA THR A 88 6.04 -6.54 12.34
C THR A 88 5.31 -7.87 12.29
N VAL A 89 3.99 -7.79 12.18
CA VAL A 89 3.16 -8.98 12.13
C VAL A 89 2.18 -8.87 10.96
N ALA A 90 2.68 -9.25 9.79
CA ALA A 90 1.87 -9.21 8.59
C ALA A 90 0.76 -10.27 8.68
N ASP A 91 -0.13 -10.06 9.63
CA ASP A 91 -1.24 -10.98 9.84
C ASP A 91 -2.32 -10.70 8.79
N GLY A 92 -1.88 -10.29 7.61
CA GLY A 92 -2.80 -9.99 6.52
C GLY A 92 -2.09 -10.07 5.17
N LEU A 93 -1.32 -9.04 4.88
CA LEU A 93 -0.59 -8.98 3.63
C LEU A 93 0.51 -10.04 3.63
N ILE A 94 0.72 -10.64 2.46
CA ILE A 94 1.72 -11.68 2.32
C ILE A 94 3.00 -11.24 3.05
N THR A 95 3.77 -10.40 2.36
CA THR A 95 5.02 -9.91 2.92
C THR A 95 4.73 -8.80 3.94
N THR A 96 5.81 -8.17 4.39
CA THR A 96 5.69 -7.09 5.36
C THR A 96 5.73 -5.73 4.66
N LEU A 97 6.62 -4.87 5.13
CA LEU A 97 6.75 -3.55 4.55
C LEU A 97 8.06 -2.92 5.04
N HIS A 98 8.86 -2.47 4.07
CA HIS A 98 10.13 -1.85 4.39
C HIS A 98 10.43 -0.74 3.38
N TYR A 99 9.52 0.23 3.32
CA TYR A 99 9.67 1.35 2.41
C TYR A 99 8.97 2.60 2.96
N PRO A 100 9.18 2.83 4.28
CA PRO A 100 8.58 3.98 4.93
C PRO A 100 9.31 5.27 4.54
N ALA A 101 9.80 5.29 3.32
CA ALA A 101 10.53 6.45 2.83
C ALA A 101 9.52 7.53 2.40
N PRO A 102 9.55 8.67 3.12
CA PRO A 102 8.66 9.77 2.82
C PRO A 102 9.10 10.52 1.56
N LYS A 103 8.57 10.09 0.43
CA LYS A 103 8.90 10.70 -0.85
C LYS A 103 8.30 12.11 -0.90
N ARG A 104 8.61 12.81 -1.98
CA ARG A 104 8.11 14.16 -2.17
C ARG A 104 7.23 14.23 -3.43
N GLY A 105 7.52 13.35 -4.37
CA GLY A 105 6.78 13.31 -5.61
C GLY A 105 5.43 14.03 -5.47
N ILE A 106 5.38 15.22 -6.03
CA ILE A 106 4.16 16.02 -5.97
C ILE A 106 3.17 15.51 -7.02
N HIS A 107 1.91 15.48 -6.64
CA HIS A 107 0.86 15.02 -7.54
C HIS A 107 0.42 16.18 -8.44
N ARG A 108 1.22 16.43 -9.47
CA ARG A 108 0.92 17.50 -10.39
C ARG A 108 1.28 17.08 -11.82
N ASP A 109 2.55 16.71 -11.99
CA ASP A 109 3.03 16.28 -13.30
C ASP A 109 1.97 15.40 -13.97
N GLY A 1 -11.05 7.76 -9.94
CA GLY A 1 -10.81 9.07 -9.35
C GLY A 1 -10.44 8.95 -7.87
N SER A 2 -11.46 8.84 -7.05
CA SER A 2 -11.25 8.72 -5.61
C SER A 2 -10.80 10.06 -5.03
N GLY A 3 -9.68 10.55 -5.54
CA GLY A 3 -9.13 11.80 -5.08
C GLY A 3 -8.55 11.68 -3.67
N ASN A 4 -9.44 11.54 -2.71
CA ASN A 4 -9.02 11.41 -1.32
C ASN A 4 -7.80 10.50 -1.24
N SER A 5 -6.74 11.03 -0.66
CA SER A 5 -5.50 10.28 -0.52
C SER A 5 -4.42 11.16 0.11
N LEU A 6 -4.02 12.17 -0.64
CA LEU A 6 -2.99 13.10 -0.17
C LEU A 6 -1.69 12.32 0.06
N GLU A 7 -0.62 13.08 0.25
CA GLU A 7 0.68 12.49 0.48
C GLU A 7 0.77 11.94 1.91
N LYS A 8 -0.04 10.91 2.16
CA LYS A 8 -0.06 10.29 3.47
C LYS A 8 1.33 9.74 3.80
N HIS A 9 1.40 8.43 3.94
CA HIS A 9 2.65 7.76 4.25
C HIS A 9 3.58 7.85 3.04
N SER A 10 4.74 7.24 3.19
CA SER A 10 5.74 7.23 2.12
C SER A 10 5.39 6.15 1.10
N TRP A 11 4.23 5.56 1.27
CA TRP A 11 3.77 4.52 0.37
C TRP A 11 2.41 4.94 -0.19
N TYR A 12 1.94 6.09 0.27
CA TYR A 12 0.66 6.61 -0.18
C TYR A 12 0.82 7.96 -0.87
N HIS A 13 0.97 7.90 -2.18
CA HIS A 13 1.15 9.11 -2.97
C HIS A 13 -0.05 9.29 -3.90
N GLY A 14 -1.17 8.71 -3.49
CA GLY A 14 -2.39 8.79 -4.28
C GLY A 14 -2.59 7.52 -5.11
N PRO A 15 -3.56 7.61 -6.07
CA PRO A 15 -3.86 6.49 -6.93
C PRO A 15 -2.77 6.30 -7.99
N VAL A 16 -2.06 5.18 -7.86
CA VAL A 16 -0.99 4.87 -8.80
C VAL A 16 -1.19 3.47 -9.34
N SER A 17 -1.34 3.39 -10.66
CA SER A 17 -1.55 2.12 -11.32
C SER A 17 -0.49 1.11 -10.86
N ARG A 18 -0.96 -0.09 -10.52
CA ARG A 18 -0.07 -1.14 -10.07
C ARG A 18 1.07 -1.34 -11.06
N ASN A 19 0.75 -1.20 -12.33
CA ASN A 19 1.74 -1.35 -13.39
C ASN A 19 2.93 -0.44 -13.09
N ALA A 20 2.63 0.82 -12.83
CA ALA A 20 3.66 1.79 -12.53
C ALA A 20 4.36 1.41 -11.23
N ALA A 21 3.54 1.07 -10.24
CA ALA A 21 4.05 0.68 -8.94
C ALA A 21 5.25 -0.26 -9.12
N GLU A 22 5.08 -1.18 -10.06
CA GLU A 22 6.13 -2.15 -10.35
C GLU A 22 7.34 -1.45 -10.98
N TYR A 23 7.04 -0.49 -11.83
CA TYR A 23 8.09 0.25 -12.51
C TYR A 23 8.75 1.26 -11.56
N LEU A 24 7.93 2.17 -11.05
CA LEU A 24 8.43 3.19 -10.14
C LEU A 24 9.37 2.53 -9.12
N LEU A 25 8.95 1.37 -8.64
CA LEU A 25 9.75 0.64 -7.67
C LEU A 25 11.17 0.48 -8.19
N SER A 26 11.33 -0.47 -9.12
CA SER A 26 12.63 -0.72 -9.71
C SER A 26 13.63 -1.13 -8.62
N SER A 27 14.54 -2.02 -8.99
CA SER A 27 15.54 -2.51 -8.05
C SER A 27 14.95 -2.59 -6.65
N GLY A 28 14.23 -3.68 -6.41
CA GLY A 28 13.61 -3.90 -5.12
C GLY A 28 14.60 -4.53 -4.13
N ILE A 29 14.66 -3.93 -2.95
CA ILE A 29 15.56 -4.41 -1.91
C ILE A 29 14.94 -5.63 -1.23
N ASN A 30 15.60 -6.08 -0.17
CA ASN A 30 15.12 -7.23 0.57
C ASN A 30 13.95 -6.81 1.47
N GLY A 31 13.24 -5.79 1.01
CA GLY A 31 12.10 -5.28 1.76
C GLY A 31 11.58 -3.98 1.16
N SER A 32 10.54 -4.13 0.33
CA SER A 32 9.94 -2.98 -0.32
C SER A 32 8.47 -3.25 -0.59
N PHE A 33 7.63 -2.30 -0.18
CA PHE A 33 6.21 -2.42 -0.37
C PHE A 33 5.60 -1.13 -0.93
N LEU A 34 4.42 -1.25 -1.49
CA LEU A 34 3.73 -0.10 -2.05
C LEU A 34 2.24 -0.19 -1.76
N VAL A 35 1.53 0.88 -2.08
CA VAL A 35 0.10 0.93 -1.85
C VAL A 35 -0.60 1.46 -3.10
N ARG A 36 -1.81 0.96 -3.32
CA ARG A 36 -2.59 1.37 -4.47
C ARG A 36 -3.98 1.82 -4.04
N GLU A 37 -4.64 2.58 -4.91
CA GLU A 37 -5.97 3.07 -4.64
C GLU A 37 -6.96 2.53 -5.66
N SER A 38 -8.23 2.56 -5.27
CA SER A 38 -9.29 2.07 -6.15
C SER A 38 -9.06 2.58 -7.58
N GLU A 39 -9.63 1.86 -8.52
CA GLU A 39 -9.51 2.23 -9.93
C GLU A 39 -10.89 2.34 -10.58
N SER A 40 -11.78 1.47 -10.14
CA SER A 40 -13.14 1.45 -10.66
C SER A 40 -14.14 1.17 -9.55
N SER A 41 -13.65 1.30 -8.31
CA SER A 41 -14.49 1.05 -7.15
C SER A 41 -14.53 2.31 -6.27
N PRO A 42 -15.76 2.63 -5.79
CA PRO A 42 -15.95 3.78 -4.94
C PRO A 42 -15.42 3.52 -3.52
N GLY A 43 -14.37 4.26 -3.18
CA GLY A 43 -13.76 4.11 -1.87
C GLY A 43 -13.11 2.73 -1.71
N GLN A 44 -12.11 2.48 -2.54
CA GLN A 44 -11.41 1.20 -2.50
C GLN A 44 -9.90 1.44 -2.40
N ARG A 45 -9.24 0.52 -1.72
CA ARG A 45 -7.80 0.60 -1.54
C ARG A 45 -7.14 -0.73 -1.87
N SER A 46 -5.86 -0.65 -2.23
CA SER A 46 -5.10 -1.85 -2.57
C SER A 46 -3.74 -1.81 -1.90
N ILE A 47 -3.10 -2.97 -1.86
CA ILE A 47 -1.78 -3.09 -1.26
C ILE A 47 -0.79 -3.59 -2.31
N SER A 48 0.44 -3.10 -2.20
CA SER A 48 1.48 -3.50 -3.13
C SER A 48 2.73 -3.93 -2.36
N LEU A 49 3.36 -4.99 -2.85
CA LEU A 49 4.55 -5.51 -2.21
C LEU A 49 5.62 -5.76 -3.28
N ARG A 50 6.88 -5.65 -2.87
CA ARG A 50 7.99 -5.86 -3.78
C ARG A 50 9.16 -6.51 -3.03
N TYR A 51 9.70 -7.55 -3.65
CA TYR A 51 10.82 -8.26 -3.06
C TYR A 51 12.09 -8.06 -3.88
N GLU A 52 12.15 -8.78 -5.00
CA GLU A 52 13.30 -8.69 -5.89
C GLU A 52 12.88 -8.96 -7.33
N GLY A 53 12.72 -7.88 -8.07
CA GLY A 53 12.32 -7.99 -9.48
C GLY A 53 10.89 -8.55 -9.59
N ARG A 54 10.18 -8.50 -8.48
CA ARG A 54 8.81 -8.98 -8.45
C ARG A 54 7.99 -8.19 -7.43
N VAL A 55 6.90 -7.61 -7.92
CA VAL A 55 6.02 -6.83 -7.07
C VAL A 55 4.63 -7.45 -7.07
N TYR A 56 4.14 -7.73 -5.88
CA TYR A 56 2.83 -8.33 -5.72
C TYR A 56 1.76 -7.25 -5.48
N HIS A 57 0.56 -7.54 -5.96
CA HIS A 57 -0.55 -6.61 -5.81
C HIS A 57 -1.70 -7.30 -5.08
N TYR A 58 -1.91 -6.89 -3.83
CA TYR A 58 -2.98 -7.46 -3.03
C TYR A 58 -3.94 -6.38 -2.55
N ARG A 59 -5.10 -6.33 -3.18
CA ARG A 59 -6.11 -5.35 -2.83
C ARG A 59 -6.50 -5.49 -1.36
N ILE A 60 -6.97 -4.39 -0.79
CA ILE A 60 -7.36 -4.38 0.60
C ILE A 60 -8.73 -5.05 0.74
N ASN A 61 -8.86 -5.85 1.79
CA ASN A 61 -10.11 -6.55 2.05
C ASN A 61 -10.90 -5.82 3.12
N THR A 62 -12.20 -5.72 2.90
CA THR A 62 -13.07 -5.05 3.86
C THR A 62 -14.00 -6.06 4.55
N ALA A 63 -14.30 -5.77 5.80
CA ALA A 63 -15.17 -6.63 6.58
C ALA A 63 -16.59 -6.58 6.00
N SER A 64 -17.16 -5.39 6.04
CA SER A 64 -18.51 -5.20 5.53
C SER A 64 -18.97 -3.76 5.81
N ASP A 65 -18.62 -3.28 6.99
CA ASP A 65 -18.99 -1.93 7.39
C ASP A 65 -18.20 -0.92 6.54
N GLY A 66 -16.91 -1.16 6.45
CA GLY A 66 -16.03 -0.29 5.68
C GLY A 66 -14.58 -0.45 6.13
N LYS A 67 -14.41 -0.90 7.36
CA LYS A 67 -13.08 -1.10 7.92
C LYS A 67 -12.28 -2.02 7.01
N LEU A 68 -10.97 -1.85 7.04
CA LEU A 68 -10.08 -2.65 6.22
C LEU A 68 -9.41 -3.71 7.09
N TYR A 69 -9.73 -4.97 6.79
CA TYR A 69 -9.16 -6.08 7.55
C TYR A 69 -8.66 -7.17 6.62
N VAL A 70 -7.34 -7.31 6.57
CA VAL A 70 -6.72 -8.32 5.72
C VAL A 70 -6.94 -9.71 6.33
N SER A 71 -7.32 -9.71 7.61
CA SER A 71 -7.56 -10.94 8.32
C SER A 71 -8.62 -10.73 9.40
N SER A 72 -9.56 -11.66 9.46
CA SER A 72 -10.63 -11.59 10.44
C SER A 72 -10.04 -11.50 11.85
N GLU A 73 -8.73 -11.72 11.93
CA GLU A 73 -8.05 -11.67 13.20
C GLU A 73 -7.53 -10.24 13.47
N SER A 74 -7.35 -9.50 12.38
CA SER A 74 -6.87 -8.14 12.49
C SER A 74 -7.65 -7.23 11.54
N ARG A 75 -8.29 -6.23 12.12
CA ARG A 75 -9.06 -5.29 11.33
C ARG A 75 -8.57 -3.85 11.58
N PHE A 76 -8.60 -3.06 10.52
CA PHE A 76 -8.17 -1.69 10.59
C PHE A 76 -9.12 -0.76 9.81
N ASN A 77 -8.86 0.53 9.93
CA ASN A 77 -9.67 1.52 9.26
C ASN A 77 -8.79 2.33 8.30
N THR A 78 -7.56 2.57 8.74
CA THR A 78 -6.62 3.32 7.93
C THR A 78 -5.46 2.42 7.49
N LEU A 79 -5.18 2.47 6.19
CA LEU A 79 -4.11 1.67 5.62
C LEU A 79 -2.88 1.77 6.51
N ALA A 80 -2.71 2.95 7.10
CA ALA A 80 -1.57 3.19 7.98
C ALA A 80 -1.52 2.09 9.04
N GLU A 81 -2.40 2.21 10.02
CA GLU A 81 -2.46 1.25 11.10
C GLU A 81 -2.38 -0.17 10.55
N LEU A 82 -2.95 -0.35 9.36
CA LEU A 82 -2.93 -1.64 8.71
C LEU A 82 -1.49 -2.06 8.43
N VAL A 83 -0.74 -1.12 7.88
CA VAL A 83 0.66 -1.37 7.55
C VAL A 83 1.46 -1.56 8.84
N HIS A 84 1.19 -0.67 9.79
CA HIS A 84 1.88 -0.72 11.07
C HIS A 84 1.91 -2.16 11.58
N HIS A 85 0.73 -2.74 11.68
CA HIS A 85 0.61 -4.11 12.15
C HIS A 85 1.19 -5.06 11.11
N HIS A 86 0.90 -4.76 9.85
CA HIS A 86 1.37 -5.58 8.75
C HIS A 86 2.86 -5.28 8.50
N SER A 87 3.48 -4.66 9.49
CA SER A 87 4.89 -4.31 9.39
C SER A 87 5.73 -5.31 10.18
N THR A 88 5.12 -5.85 11.23
CA THR A 88 5.80 -6.81 12.08
C THR A 88 4.98 -8.10 12.18
N VAL A 89 3.68 -7.95 12.01
CA VAL A 89 2.78 -9.09 12.09
C VAL A 89 1.78 -9.02 10.94
N ALA A 90 2.19 -9.54 9.79
CA ALA A 90 1.34 -9.54 8.61
C ALA A 90 0.25 -10.60 8.78
N ASP A 91 -0.98 -10.12 8.96
CA ASP A 91 -2.11 -11.02 9.12
C ASP A 91 -2.54 -11.55 7.75
N GLY A 92 -2.16 -10.81 6.71
CA GLY A 92 -2.51 -11.18 5.36
C GLY A 92 -1.42 -10.76 4.38
N LEU A 93 -0.83 -9.60 4.67
CA LEU A 93 0.22 -9.06 3.82
C LEU A 93 1.38 -10.08 3.75
N ILE A 94 1.76 -10.41 2.53
CA ILE A 94 2.83 -11.35 2.31
C ILE A 94 3.99 -11.03 3.25
N THR A 95 4.86 -10.13 2.79
CA THR A 95 6.01 -9.74 3.58
C THR A 95 5.58 -8.75 4.67
N THR A 96 6.58 -8.14 5.29
CA THR A 96 6.33 -7.16 6.34
C THR A 96 6.96 -5.82 5.99
N LEU A 97 6.11 -4.88 5.62
CA LEU A 97 6.58 -3.55 5.25
C LEU A 97 7.91 -3.28 5.94
N HIS A 98 8.87 -2.82 5.16
CA HIS A 98 10.19 -2.52 5.68
C HIS A 98 10.41 -1.00 5.68
N TYR A 99 10.87 -0.51 4.53
CA TYR A 99 11.11 0.92 4.38
C TYR A 99 10.43 1.47 3.12
N PRO A 100 9.26 2.11 3.35
CA PRO A 100 8.50 2.69 2.25
C PRO A 100 9.16 3.97 1.75
N ALA A 101 10.05 3.80 0.79
CA ALA A 101 10.75 4.94 0.22
C ALA A 101 9.74 6.04 -0.13
N PRO A 102 10.11 7.29 0.24
CA PRO A 102 9.26 8.43 -0.02
C PRO A 102 9.29 8.82 -1.50
N LYS A 103 8.23 9.50 -1.92
CA LYS A 103 8.13 9.94 -3.31
C LYS A 103 9.16 11.04 -3.57
N ARG A 104 9.24 11.44 -4.83
CA ARG A 104 10.18 12.48 -5.22
C ARG A 104 9.63 13.86 -4.86
N GLY A 105 9.87 14.26 -3.63
CA GLY A 105 9.40 15.55 -3.15
C GLY A 105 10.57 16.44 -2.75
N ILE A 106 11.28 16.93 -3.75
CA ILE A 106 12.42 17.79 -3.50
C ILE A 106 12.15 19.17 -4.11
N HIS A 107 12.68 20.19 -3.44
CA HIS A 107 12.50 21.56 -3.90
C HIS A 107 13.41 22.49 -3.10
N ARG A 108 13.93 23.48 -3.80
CA ARG A 108 14.83 24.45 -3.17
C ARG A 108 14.61 25.84 -3.76
N ASP A 109 14.76 25.91 -5.08
CA ASP A 109 14.58 27.18 -5.78
C ASP A 109 15.54 28.22 -5.20
N GLY A 1 0.45 19.19 1.34
CA GLY A 1 -0.82 19.00 2.02
C GLY A 1 -1.99 19.41 1.11
N SER A 2 -2.00 20.68 0.75
CA SER A 2 -3.04 21.21 -0.11
C SER A 2 -2.95 20.59 -1.49
N GLY A 3 -1.79 20.78 -2.11
CA GLY A 3 -1.55 20.24 -3.44
C GLY A 3 -1.16 18.77 -3.38
N ASN A 4 -2.13 17.94 -3.03
CA ASN A 4 -1.89 16.51 -2.93
C ASN A 4 -3.18 15.82 -2.45
N SER A 5 -3.42 14.65 -3.01
CA SER A 5 -4.60 13.87 -2.65
C SER A 5 -4.70 13.76 -1.12
N LEU A 6 -3.68 13.14 -0.55
CA LEU A 6 -3.65 12.95 0.90
C LEU A 6 -2.30 12.36 1.28
N GLU A 7 -1.44 13.20 1.84
CA GLU A 7 -0.12 12.77 2.26
C GLU A 7 -0.21 11.99 3.58
N LYS A 8 -0.82 10.82 3.49
CA LYS A 8 -0.99 9.97 4.66
C LYS A 8 0.39 9.66 5.25
N HIS A 9 0.82 8.43 5.05
CA HIS A 9 2.11 7.99 5.55
C HIS A 9 3.20 8.35 4.54
N SER A 10 4.42 7.96 4.88
CA SER A 10 5.56 8.23 4.02
C SER A 10 5.65 7.18 2.92
N TRP A 11 4.49 6.68 2.51
CA TRP A 11 4.43 5.67 1.48
C TRP A 11 3.09 5.82 0.75
N TYR A 12 2.49 6.98 0.92
CA TYR A 12 1.21 7.27 0.29
C TYR A 12 1.33 8.41 -0.71
N HIS A 13 0.68 8.25 -1.84
CA HIS A 13 0.70 9.26 -2.89
C HIS A 13 -0.70 9.43 -3.47
N GLY A 14 -1.12 8.42 -4.22
CA GLY A 14 -2.44 8.45 -4.85
C GLY A 14 -2.70 7.16 -5.63
N PRO A 15 -3.76 7.20 -6.46
CA PRO A 15 -4.14 6.04 -7.26
C PRO A 15 -3.18 5.88 -8.45
N VAL A 16 -2.67 4.66 -8.58
CA VAL A 16 -1.75 4.35 -9.66
C VAL A 16 -1.90 2.87 -10.04
N SER A 17 -1.67 2.60 -11.32
CA SER A 17 -1.77 1.24 -11.82
C SER A 17 -0.51 0.45 -11.45
N ARG A 18 -0.74 -0.78 -11.03
CA ARG A 18 0.37 -1.65 -10.64
C ARG A 18 1.51 -1.54 -11.65
N ASN A 19 1.12 -1.36 -12.91
CA ASN A 19 2.12 -1.24 -13.98
C ASN A 19 3.28 -0.37 -13.49
N ALA A 20 2.92 0.82 -13.02
CA ALA A 20 3.93 1.76 -12.52
C ALA A 20 4.53 1.20 -11.23
N ALA A 21 3.67 0.65 -10.40
CA ALA A 21 4.11 0.09 -9.13
C ALA A 21 5.35 -0.80 -9.36
N GLU A 22 5.13 -1.87 -10.11
CA GLU A 22 6.20 -2.79 -10.42
C GLU A 22 7.32 -2.07 -11.17
N TYR A 23 6.93 -1.03 -11.90
CA TYR A 23 7.89 -0.25 -12.67
C TYR A 23 8.76 0.61 -11.75
N LEU A 24 8.13 1.61 -11.16
CA LEU A 24 8.83 2.51 -10.26
C LEU A 24 9.39 1.72 -9.09
N LEU A 25 8.89 0.50 -8.94
CA LEU A 25 9.34 -0.37 -7.86
C LEU A 25 10.86 -0.46 -7.88
N SER A 26 11.42 -0.71 -6.71
CA SER A 26 12.86 -0.82 -6.58
C SER A 26 13.43 -1.64 -7.75
N SER A 27 13.58 -2.92 -7.50
CA SER A 27 14.10 -3.83 -8.52
C SER A 27 14.25 -5.23 -7.95
N GLY A 28 14.97 -5.32 -6.85
CA GLY A 28 15.19 -6.59 -6.19
C GLY A 28 15.60 -6.40 -4.73
N ILE A 29 14.71 -5.76 -3.98
CA ILE A 29 14.97 -5.50 -2.58
C ILE A 29 14.58 -6.73 -1.76
N ASN A 30 15.04 -6.75 -0.52
CA ASN A 30 14.75 -7.86 0.38
C ASN A 30 13.30 -7.73 0.88
N GLY A 31 12.63 -6.70 0.40
CA GLY A 31 11.25 -6.45 0.79
C GLY A 31 10.86 -5.00 0.55
N SER A 32 10.12 -4.78 -0.53
CA SER A 32 9.67 -3.45 -0.89
C SER A 32 8.24 -3.50 -1.42
N PHE A 33 7.41 -2.63 -0.87
CA PHE A 33 6.02 -2.56 -1.29
C PHE A 33 5.60 -1.11 -1.56
N LEU A 34 4.43 -0.98 -2.17
CA LEU A 34 3.90 0.33 -2.50
C LEU A 34 2.38 0.29 -2.49
N VAL A 35 1.80 0.94 -1.49
CA VAL A 35 0.36 0.98 -1.35
C VAL A 35 -0.24 1.85 -2.47
N ARG A 36 -1.35 1.39 -3.01
CA ARG A 36 -2.02 2.11 -4.07
C ARG A 36 -3.50 2.31 -3.73
N GLU A 37 -4.21 2.94 -4.65
CA GLU A 37 -5.63 3.20 -4.46
C GLU A 37 -6.42 2.67 -5.66
N SER A 38 -7.58 2.10 -5.36
CA SER A 38 -8.44 1.56 -6.39
C SER A 38 -8.81 2.65 -7.39
N GLU A 39 -8.53 2.37 -8.66
CA GLU A 39 -8.82 3.32 -9.72
C GLU A 39 -10.25 3.15 -10.22
N SER A 40 -11.16 3.09 -9.26
CA SER A 40 -12.57 2.92 -9.59
C SER A 40 -13.42 3.06 -8.32
N SER A 41 -12.88 2.56 -7.22
CA SER A 41 -13.58 2.63 -5.95
C SER A 41 -12.85 3.59 -5.01
N PRO A 42 -13.42 4.83 -4.90
CA PRO A 42 -12.85 5.84 -4.05
C PRO A 42 -13.13 5.56 -2.59
N GLY A 43 -12.92 4.30 -2.20
CA GLY A 43 -13.16 3.89 -0.84
C GLY A 43 -12.16 2.82 -0.41
N GLN A 44 -11.87 1.92 -1.34
CA GLN A 44 -10.93 0.83 -1.07
C GLN A 44 -9.58 1.13 -1.74
N ARG A 45 -8.54 0.59 -1.14
CA ARG A 45 -7.19 0.79 -1.65
C ARG A 45 -6.58 -0.55 -2.05
N SER A 46 -5.30 -0.50 -2.43
CA SER A 46 -4.60 -1.70 -2.83
C SER A 46 -3.23 -1.76 -2.14
N ILE A 47 -2.61 -2.93 -2.20
CA ILE A 47 -1.31 -3.13 -1.59
C ILE A 47 -0.42 -3.91 -2.55
N SER A 48 0.71 -3.30 -2.88
CA SER A 48 1.66 -3.93 -3.78
C SER A 48 3.00 -4.14 -3.07
N LEU A 49 3.49 -5.36 -3.18
CA LEU A 49 4.76 -5.71 -2.54
C LEU A 49 5.61 -6.52 -3.53
N ARG A 50 6.90 -6.54 -3.28
CA ARG A 50 7.83 -7.27 -4.12
C ARG A 50 8.88 -7.98 -3.28
N TYR A 51 9.28 -9.15 -3.74
CA TYR A 51 10.27 -9.94 -3.04
C TYR A 51 11.50 -10.20 -3.92
N GLU A 52 11.55 -11.39 -4.48
CA GLU A 52 12.67 -11.77 -5.34
C GLU A 52 12.60 -10.99 -6.65
N GLY A 53 12.13 -11.68 -7.68
CA GLY A 53 12.01 -11.06 -9.00
C GLY A 53 10.56 -11.07 -9.48
N ARG A 54 9.66 -10.79 -8.55
CA ARG A 54 8.24 -10.76 -8.87
C ARG A 54 7.52 -9.75 -7.97
N VAL A 55 6.49 -9.14 -8.54
CA VAL A 55 5.71 -8.15 -7.81
C VAL A 55 4.36 -8.76 -7.43
N TYR A 56 3.96 -8.50 -6.19
CA TYR A 56 2.69 -9.01 -5.69
C TYR A 56 1.65 -7.89 -5.58
N HIS A 57 0.44 -8.20 -6.03
CA HIS A 57 -0.64 -7.24 -5.98
C HIS A 57 -1.77 -7.77 -5.10
N TYR A 58 -1.86 -7.20 -3.91
CA TYR A 58 -2.90 -7.61 -2.96
C TYR A 58 -3.81 -6.44 -2.62
N ARG A 59 -4.88 -6.31 -3.40
CA ARG A 59 -5.84 -5.24 -3.18
C ARG A 59 -6.41 -5.32 -1.77
N ILE A 60 -6.98 -4.21 -1.33
CA ILE A 60 -7.57 -4.14 -0.01
C ILE A 60 -8.90 -4.90 0.00
N ASN A 61 -9.31 -5.29 1.19
CA ASN A 61 -10.56 -6.03 1.35
C ASN A 61 -11.30 -5.51 2.59
N THR A 62 -12.62 -5.60 2.52
CA THR A 62 -13.45 -5.13 3.62
C THR A 62 -14.13 -6.32 4.30
N ALA A 63 -14.31 -6.19 5.60
CA ALA A 63 -14.94 -7.24 6.39
C ALA A 63 -16.44 -7.25 6.08
N SER A 64 -17.09 -6.15 6.41
CA SER A 64 -18.52 -6.02 6.18
C SER A 64 -19.01 -4.66 6.65
N ASP A 65 -18.58 -4.29 7.85
CA ASP A 65 -18.97 -3.01 8.43
C ASP A 65 -18.29 -1.87 7.65
N GLY A 66 -16.98 -2.00 7.51
CA GLY A 66 -16.21 -0.99 6.78
C GLY A 66 -14.71 -1.24 6.93
N LYS A 67 -14.35 -1.76 8.10
CA LYS A 67 -12.95 -2.05 8.37
C LYS A 67 -12.35 -2.84 7.21
N LEU A 68 -11.12 -2.48 6.87
CA LEU A 68 -10.43 -3.14 5.77
C LEU A 68 -9.30 -4.01 6.35
N TYR A 69 -9.46 -5.31 6.17
CA TYR A 69 -8.46 -6.26 6.66
C TYR A 69 -7.76 -6.96 5.51
N VAL A 70 -6.51 -7.34 5.76
CA VAL A 70 -5.72 -8.02 4.74
C VAL A 70 -5.85 -9.54 4.95
N SER A 71 -5.93 -9.92 6.22
CA SER A 71 -6.05 -11.33 6.56
C SER A 71 -7.49 -11.66 6.91
N SER A 72 -7.96 -11.07 8.00
CA SER A 72 -9.33 -11.30 8.44
C SER A 72 -9.48 -10.86 9.90
N GLU A 73 -8.51 -11.25 10.71
CA GLU A 73 -8.52 -10.91 12.12
C GLU A 73 -7.81 -9.58 12.35
N SER A 74 -7.27 -9.04 11.27
CA SER A 74 -6.56 -7.77 11.33
C SER A 74 -7.20 -6.77 10.38
N ARG A 75 -8.28 -6.14 10.86
CA ARG A 75 -8.98 -5.16 10.06
C ARG A 75 -8.48 -3.75 10.38
N PHE A 76 -8.48 -2.92 9.35
CA PHE A 76 -8.02 -1.54 9.50
C PHE A 76 -8.90 -0.58 8.70
N ASN A 77 -9.24 0.52 9.35
CA ASN A 77 -10.08 1.53 8.72
C ASN A 77 -9.22 2.37 7.77
N THR A 78 -8.02 2.69 8.22
CA THR A 78 -7.10 3.48 7.42
C THR A 78 -5.89 2.63 7.01
N LEU A 79 -5.42 2.90 5.79
CA LEU A 79 -4.28 2.17 5.26
C LEU A 79 -3.14 2.20 6.29
N ALA A 80 -2.90 3.39 6.83
CA ALA A 80 -1.85 3.56 7.82
C ALA A 80 -1.97 2.46 8.88
N GLU A 81 -3.06 2.52 9.63
CA GLU A 81 -3.30 1.55 10.67
C GLU A 81 -2.95 0.14 10.18
N LEU A 82 -3.25 -0.09 8.91
CA LEU A 82 -2.96 -1.39 8.31
C LEU A 82 -1.45 -1.55 8.14
N VAL A 83 -0.82 -0.49 7.66
CA VAL A 83 0.62 -0.50 7.45
C VAL A 83 1.32 -0.59 8.81
N HIS A 84 0.81 0.16 9.76
CA HIS A 84 1.37 0.17 11.11
C HIS A 84 1.55 -1.26 11.60
N HIS A 85 0.46 -2.01 11.52
CA HIS A 85 0.49 -3.41 11.97
C HIS A 85 1.24 -4.25 10.94
N HIS A 86 0.96 -3.97 9.67
CA HIS A 86 1.61 -4.70 8.59
C HIS A 86 3.04 -4.19 8.41
N SER A 87 3.47 -3.39 9.38
CA SER A 87 4.83 -2.84 9.34
C SER A 87 5.74 -3.62 10.28
N THR A 88 5.11 -4.29 11.24
CA THR A 88 5.86 -5.09 12.21
C THR A 88 5.28 -6.50 12.29
N VAL A 89 3.96 -6.57 12.18
CA VAL A 89 3.28 -7.86 12.24
C VAL A 89 2.36 -7.99 11.04
N ALA A 90 2.92 -8.46 9.93
CA ALA A 90 2.16 -8.64 8.71
C ALA A 90 1.32 -9.91 8.82
N ASP A 91 0.21 -9.80 9.53
CA ASP A 91 -0.68 -10.93 9.71
C ASP A 91 -1.44 -11.20 8.41
N GLY A 92 -1.23 -10.31 7.46
CA GLY A 92 -1.88 -10.45 6.16
C GLY A 92 -0.85 -10.61 5.05
N LEU A 93 -0.14 -9.54 4.77
CA LEU A 93 0.88 -9.55 3.73
C LEU A 93 2.04 -10.45 4.17
N ILE A 94 2.56 -11.19 3.21
CA ILE A 94 3.67 -12.09 3.49
C ILE A 94 4.71 -11.37 4.35
N THR A 95 5.56 -10.61 3.69
CA THR A 95 6.60 -9.87 4.38
C THR A 95 6.01 -8.63 5.05
N THR A 96 6.90 -7.70 5.39
CA THR A 96 6.47 -6.47 6.04
C THR A 96 7.00 -5.26 5.27
N LEU A 97 6.07 -4.39 4.91
CA LEU A 97 6.43 -3.18 4.17
C LEU A 97 7.75 -2.63 4.71
N HIS A 98 8.66 -2.37 3.80
CA HIS A 98 9.96 -1.83 4.17
C HIS A 98 10.40 -0.79 3.13
N TYR A 99 9.46 0.08 2.78
CA TYR A 99 9.73 1.12 1.81
C TYR A 99 8.84 2.34 2.05
N PRO A 100 8.99 2.93 3.26
CA PRO A 100 8.20 4.10 3.62
C PRO A 100 8.72 5.35 2.91
N ALA A 101 8.84 5.23 1.60
CA ALA A 101 9.32 6.34 0.79
C ALA A 101 8.24 7.42 0.73
N PRO A 102 8.57 8.60 1.33
CA PRO A 102 7.64 9.72 1.36
C PRO A 102 7.57 10.40 -0.01
N LYS A 103 6.44 11.04 -0.27
CA LYS A 103 6.24 11.73 -1.53
C LYS A 103 6.51 13.22 -1.33
N ARG A 104 6.93 13.86 -2.42
CA ARG A 104 7.22 15.28 -2.38
C ARG A 104 5.93 16.09 -2.36
N GLY A 105 5.76 16.86 -1.29
CA GLY A 105 4.58 17.69 -1.15
C GLY A 105 4.81 19.09 -1.70
N ILE A 106 3.98 20.02 -1.24
CA ILE A 106 4.08 21.40 -1.69
C ILE A 106 4.57 22.26 -0.52
N HIS A 107 5.54 21.73 0.20
CA HIS A 107 6.11 22.44 1.33
C HIS A 107 5.00 23.19 2.07
N ARG A 108 4.10 22.42 2.66
CA ARG A 108 2.98 23.01 3.40
C ARG A 108 3.10 22.69 4.89
N ASP A 109 3.46 23.70 5.66
CA ASP A 109 3.61 23.55 7.10
C ASP A 109 4.52 22.35 7.38
N GLY A 1 -6.02 18.03 6.32
CA GLY A 1 -4.71 18.58 5.99
C GLY A 1 -4.76 19.38 4.69
N SER A 2 -4.62 18.68 3.58
CA SER A 2 -4.65 19.31 2.28
C SER A 2 -5.81 18.75 1.45
N GLY A 3 -5.75 17.46 1.20
CA GLY A 3 -6.79 16.80 0.43
C GLY A 3 -6.18 16.03 -0.76
N ASN A 4 -6.85 14.95 -1.12
CA ASN A 4 -6.39 14.13 -2.22
C ASN A 4 -5.02 13.53 -1.89
N SER A 5 -4.98 12.22 -1.80
CA SER A 5 -3.75 11.52 -1.49
C SER A 5 -3.41 11.69 -0.01
N LEU A 6 -2.97 12.90 0.33
CA LEU A 6 -2.62 13.22 1.70
C LEU A 6 -1.31 12.49 2.06
N GLU A 7 -0.42 13.23 2.71
CA GLU A 7 0.85 12.66 3.12
C GLU A 7 0.66 11.75 4.33
N LYS A 8 -0.03 10.65 4.10
CA LYS A 8 -0.28 9.68 5.16
C LYS A 8 1.03 9.35 5.88
N HIS A 9 1.60 8.23 5.50
CA HIS A 9 2.86 7.79 6.09
C HIS A 9 4.01 8.13 5.15
N SER A 10 5.19 7.65 5.52
CA SER A 10 6.39 7.91 4.72
C SER A 10 6.47 6.90 3.58
N TRP A 11 5.34 6.26 3.31
CA TRP A 11 5.27 5.27 2.25
C TRP A 11 4.03 5.58 1.40
N TYR A 12 3.43 6.73 1.68
CA TYR A 12 2.25 7.15 0.95
C TYR A 12 2.55 8.35 0.05
N HIS A 13 2.60 8.09 -1.24
CA HIS A 13 2.87 9.14 -2.20
C HIS A 13 1.61 9.42 -3.04
N GLY A 14 0.98 8.35 -3.47
CA GLY A 14 -0.23 8.47 -4.26
C GLY A 14 -0.64 7.12 -4.86
N PRO A 15 -1.73 7.15 -5.68
CA PRO A 15 -2.22 5.95 -6.31
C PRO A 15 -1.31 5.52 -7.46
N VAL A 16 -0.82 4.29 -7.36
CA VAL A 16 0.06 3.75 -8.38
C VAL A 16 -0.53 2.43 -8.90
N SER A 17 -1.00 2.48 -10.14
CA SER A 17 -1.57 1.31 -10.76
C SER A 17 -0.57 0.15 -10.76
N ARG A 18 -1.07 -1.04 -10.47
CA ARG A 18 -0.23 -2.21 -10.43
C ARG A 18 0.69 -2.25 -11.65
N ASN A 19 0.18 -1.73 -12.76
CA ASN A 19 0.94 -1.69 -14.00
C ASN A 19 2.34 -1.12 -13.71
N ALA A 20 2.33 0.08 -13.15
CA ALA A 20 3.59 0.75 -12.82
C ALA A 20 4.36 -0.09 -11.81
N ALA A 21 3.63 -0.63 -10.85
CA ALA A 21 4.24 -1.45 -9.81
C ALA A 21 5.16 -2.47 -10.47
N GLU A 22 4.57 -3.33 -11.29
CA GLU A 22 5.34 -4.36 -11.98
C GLU A 22 6.36 -3.71 -12.93
N TYR A 23 5.97 -2.54 -13.45
CA TYR A 23 6.83 -1.83 -14.37
C TYR A 23 8.08 -1.31 -13.66
N LEU A 24 7.87 -0.36 -12.76
CA LEU A 24 8.96 0.23 -12.01
C LEU A 24 9.62 -0.86 -11.15
N LEU A 25 8.97 -2.00 -11.10
CA LEU A 25 9.47 -3.12 -10.32
C LEU A 25 10.94 -3.37 -10.68
N SER A 26 11.27 -3.02 -11.92
CA SER A 26 12.63 -3.20 -12.40
C SER A 26 13.50 -2.00 -12.00
N SER A 27 13.43 -1.67 -10.72
CA SER A 27 14.19 -0.55 -10.19
C SER A 27 13.70 -0.20 -8.80
N GLY A 28 13.61 -1.21 -7.94
CA GLY A 28 13.15 -1.02 -6.58
C GLY A 28 14.28 -1.26 -5.59
N ILE A 29 13.91 -1.33 -4.32
CA ILE A 29 14.89 -1.56 -3.27
C ILE A 29 14.92 -3.05 -2.91
N ASN A 30 15.56 -3.34 -1.79
CA ASN A 30 15.67 -4.73 -1.34
C ASN A 30 14.36 -5.13 -0.64
N GLY A 31 13.27 -4.54 -1.11
CA GLY A 31 11.96 -4.83 -0.55
C GLY A 31 11.22 -3.54 -0.18
N SER A 32 10.10 -3.33 -0.84
CA SER A 32 9.29 -2.14 -0.58
C SER A 32 7.84 -2.41 -0.98
N PHE A 33 6.94 -1.81 -0.21
CA PHE A 33 5.51 -1.98 -0.46
C PHE A 33 4.87 -0.64 -0.82
N LEU A 34 4.17 -0.64 -1.96
CA LEU A 34 3.50 0.56 -2.43
C LEU A 34 2.01 0.28 -2.57
N VAL A 35 1.23 1.01 -1.79
CA VAL A 35 -0.22 0.86 -1.81
C VAL A 35 -0.76 1.40 -3.14
N ARG A 36 -1.80 0.74 -3.64
CA ARG A 36 -2.41 1.15 -4.89
C ARG A 36 -3.89 1.50 -4.66
N GLU A 37 -4.55 1.85 -5.75
CA GLU A 37 -5.96 2.22 -5.68
C GLU A 37 -6.75 1.44 -6.72
N SER A 38 -7.87 0.88 -6.26
CA SER A 38 -8.73 0.10 -7.15
C SER A 38 -9.31 1.01 -8.24
N GLU A 39 -10.12 0.39 -9.09
CA GLU A 39 -10.74 1.12 -10.18
C GLU A 39 -11.30 2.45 -9.68
N SER A 40 -10.48 3.49 -9.80
CA SER A 40 -10.88 4.81 -9.36
C SER A 40 -12.01 4.70 -8.33
N SER A 41 -11.67 4.15 -7.18
CA SER A 41 -12.65 3.99 -6.11
C SER A 41 -12.11 4.58 -4.81
N PRO A 42 -12.71 5.74 -4.43
CA PRO A 42 -12.30 6.42 -3.21
C PRO A 42 -12.83 5.70 -1.97
N GLY A 43 -12.53 4.40 -1.91
CA GLY A 43 -12.98 3.59 -0.79
C GLY A 43 -12.23 2.27 -0.74
N GLN A 44 -12.07 1.66 -1.92
CA GLN A 44 -11.37 0.39 -2.03
C GLN A 44 -9.98 0.60 -2.64
N ARG A 45 -8.98 0.11 -1.94
CA ARG A 45 -7.61 0.23 -2.40
C ARG A 45 -6.93 -1.14 -2.42
N SER A 46 -5.80 -1.19 -3.11
CA SER A 46 -5.04 -2.42 -3.22
C SER A 46 -3.69 -2.28 -2.54
N ILE A 47 -2.98 -3.40 -2.44
CA ILE A 47 -1.66 -3.39 -1.82
C ILE A 47 -0.70 -4.21 -2.68
N SER A 48 0.47 -3.63 -2.93
CA SER A 48 1.48 -4.28 -3.74
C SER A 48 2.84 -4.21 -3.02
N LEU A 49 3.40 -5.38 -2.79
CA LEU A 49 4.69 -5.47 -2.12
C LEU A 49 5.77 -5.85 -3.14
N ARG A 50 6.98 -5.45 -2.84
CA ARG A 50 8.12 -5.73 -3.71
C ARG A 50 9.14 -6.61 -2.99
N TYR A 51 9.58 -7.64 -3.70
CA TYR A 51 10.55 -8.56 -3.16
C TYR A 51 11.78 -8.67 -4.06
N GLU A 52 12.45 -9.80 -3.96
CA GLU A 52 13.64 -10.04 -4.77
C GLU A 52 13.26 -10.25 -6.24
N GLY A 53 12.90 -9.14 -6.88
CA GLY A 53 12.52 -9.17 -8.28
C GLY A 53 11.12 -9.78 -8.45
N ARG A 54 10.33 -9.64 -7.39
CA ARG A 54 8.97 -10.17 -7.40
C ARG A 54 8.00 -9.14 -6.84
N VAL A 55 6.80 -9.14 -7.39
CA VAL A 55 5.76 -8.21 -6.95
C VAL A 55 4.44 -8.95 -6.80
N TYR A 56 3.63 -8.50 -5.86
CA TYR A 56 2.35 -9.11 -5.60
C TYR A 56 1.26 -8.04 -5.41
N HIS A 57 0.17 -8.22 -6.15
CA HIS A 57 -0.94 -7.29 -6.06
C HIS A 57 -2.14 -7.97 -5.40
N TYR A 58 -2.42 -7.54 -4.17
CA TYR A 58 -3.52 -8.10 -3.43
C TYR A 58 -4.48 -6.99 -2.96
N ARG A 59 -5.62 -6.93 -3.63
CA ARG A 59 -6.63 -5.92 -3.29
C ARG A 59 -7.10 -6.11 -1.85
N ILE A 60 -7.27 -4.99 -1.17
CA ILE A 60 -7.72 -5.01 0.21
C ILE A 60 -9.18 -5.47 0.26
N ASN A 61 -9.47 -6.28 1.27
CA ASN A 61 -10.82 -6.80 1.44
C ASN A 61 -11.52 -6.01 2.55
N THR A 62 -12.82 -5.82 2.36
CA THR A 62 -13.62 -5.10 3.34
C THR A 62 -14.59 -6.04 4.05
N ALA A 63 -14.64 -5.91 5.37
CA ALA A 63 -15.50 -6.74 6.18
C ALA A 63 -16.97 -6.36 5.90
N SER A 64 -17.87 -7.17 6.43
CA SER A 64 -19.29 -6.93 6.24
C SER A 64 -19.67 -5.60 6.87
N ASP A 65 -18.93 -5.22 7.90
CA ASP A 65 -19.18 -3.96 8.59
C ASP A 65 -18.77 -2.80 7.69
N GLY A 66 -17.52 -2.83 7.25
CA GLY A 66 -17.00 -1.79 6.38
C GLY A 66 -15.49 -1.63 6.57
N LYS A 67 -15.00 -2.14 7.69
CA LYS A 67 -13.59 -2.06 7.99
C LYS A 67 -12.80 -2.81 6.92
N LEU A 68 -11.54 -2.40 6.77
CA LEU A 68 -10.67 -3.01 5.78
C LEU A 68 -9.67 -3.94 6.49
N TYR A 69 -9.87 -5.23 6.30
CA TYR A 69 -9.00 -6.22 6.91
C TYR A 69 -8.32 -7.09 5.85
N VAL A 70 -7.11 -7.52 6.18
CA VAL A 70 -6.35 -8.35 5.27
C VAL A 70 -6.48 -9.82 5.68
N SER A 71 -6.55 -10.03 6.98
CA SER A 71 -6.70 -11.38 7.51
C SER A 71 -8.15 -11.62 7.93
N SER A 72 -8.57 -10.90 8.94
CA SER A 72 -9.94 -11.04 9.44
C SER A 72 -10.06 -10.35 10.80
N GLU A 73 -9.29 -10.85 11.76
CA GLU A 73 -9.31 -10.30 13.10
C GLU A 73 -8.46 -9.02 13.16
N SER A 74 -7.85 -8.70 12.03
CA SER A 74 -7.02 -7.51 11.94
C SER A 74 -7.60 -6.53 10.92
N ARG A 75 -8.76 -6.00 11.26
CA ARG A 75 -9.42 -5.05 10.37
C ARG A 75 -8.95 -3.62 10.69
N PHE A 76 -8.91 -2.81 9.64
CA PHE A 76 -8.49 -1.43 9.80
C PHE A 76 -9.38 -0.49 8.97
N ASN A 77 -9.46 0.75 9.42
CA ASN A 77 -10.28 1.74 8.75
C ASN A 77 -9.42 2.48 7.72
N THR A 78 -8.16 2.70 8.10
CA THR A 78 -7.23 3.40 7.22
C THR A 78 -6.06 2.48 6.86
N LEU A 79 -5.74 2.44 5.57
CA LEU A 79 -4.66 1.62 5.08
C LEU A 79 -3.45 1.79 6.02
N ALA A 80 -3.19 3.03 6.39
CA ALA A 80 -2.07 3.33 7.27
C ALA A 80 -2.03 2.30 8.39
N GLU A 81 -3.07 2.32 9.21
CA GLU A 81 -3.16 1.40 10.33
C GLU A 81 -2.97 -0.04 9.86
N LEU A 82 -3.41 -0.27 8.62
CA LEU A 82 -3.29 -1.60 8.04
C LEU A 82 -1.81 -1.96 7.87
N VAL A 83 -1.05 -0.99 7.39
CA VAL A 83 0.38 -1.19 7.19
C VAL A 83 1.09 -1.14 8.54
N HIS A 84 0.68 -0.18 9.35
CA HIS A 84 1.27 -0.01 10.67
C HIS A 84 1.37 -1.37 11.37
N HIS A 85 0.24 -2.05 11.42
CA HIS A 85 0.19 -3.36 12.04
C HIS A 85 0.93 -4.38 11.18
N HIS A 86 0.72 -4.26 9.87
CA HIS A 86 1.37 -5.16 8.94
C HIS A 86 2.83 -4.78 8.78
N SER A 87 3.27 -3.85 9.61
CA SER A 87 4.64 -3.39 9.58
C SER A 87 5.50 -4.22 10.53
N THR A 88 4.86 -4.71 11.58
CA THR A 88 5.54 -5.52 12.58
C THR A 88 4.88 -6.90 12.68
N VAL A 89 3.59 -6.92 12.43
CA VAL A 89 2.83 -8.17 12.49
C VAL A 89 1.93 -8.27 11.26
N ALA A 90 2.51 -8.79 10.19
CA ALA A 90 1.77 -8.95 8.95
C ALA A 90 0.81 -10.14 9.08
N ASP A 91 -0.21 -9.95 9.90
CA ASP A 91 -1.19 -10.99 10.13
C ASP A 91 -2.04 -11.16 8.87
N GLY A 92 -1.82 -10.26 7.92
CA GLY A 92 -2.55 -10.30 6.67
C GLY A 92 -1.60 -10.31 5.47
N LEU A 93 -0.77 -9.27 5.40
CA LEU A 93 0.19 -9.14 4.32
C LEU A 93 1.26 -10.22 4.47
N ILE A 94 1.66 -10.78 3.34
CA ILE A 94 2.67 -11.82 3.34
C ILE A 94 3.93 -11.30 4.03
N THR A 95 4.64 -10.43 3.34
CA THR A 95 5.86 -9.85 3.89
C THR A 95 5.53 -8.71 4.85
N THR A 96 6.52 -7.89 5.12
CA THR A 96 6.36 -6.77 6.02
C THR A 96 6.75 -5.46 5.33
N LEU A 97 5.76 -4.59 5.18
CA LEU A 97 5.98 -3.30 4.53
C LEU A 97 7.22 -2.65 5.14
N HIS A 98 8.21 -2.41 4.28
CA HIS A 98 9.45 -1.79 4.73
C HIS A 98 9.97 -0.85 3.63
N TYR A 99 9.25 0.24 3.44
CA TYR A 99 9.63 1.22 2.44
C TYR A 99 8.99 2.58 2.73
N PRO A 100 9.20 3.05 3.99
CA PRO A 100 8.67 4.33 4.42
C PRO A 100 9.47 5.49 3.81
N ALA A 101 9.56 5.47 2.50
CA ALA A 101 10.29 6.51 1.79
C ALA A 101 9.44 7.78 1.73
N PRO A 102 9.95 8.85 2.42
CA PRO A 102 9.25 10.11 2.46
C PRO A 102 9.39 10.87 1.14
N LYS A 103 8.33 11.56 0.77
CA LYS A 103 8.32 12.32 -0.47
C LYS A 103 9.32 13.48 -0.35
N ARG A 104 9.90 13.82 -1.50
CA ARG A 104 10.88 14.89 -1.54
C ARG A 104 10.24 16.17 -2.10
N GLY A 105 9.64 16.03 -3.27
CA GLY A 105 8.99 17.15 -3.92
C GLY A 105 7.67 16.72 -4.55
N ILE A 106 6.64 16.68 -3.73
CA ILE A 106 5.32 16.29 -4.19
C ILE A 106 4.39 17.51 -4.18
N HIS A 107 3.82 17.80 -5.34
CA HIS A 107 2.92 18.93 -5.47
C HIS A 107 2.06 19.05 -4.21
N ARG A 108 2.13 20.24 -3.61
CA ARG A 108 1.37 20.50 -2.40
C ARG A 108 0.96 21.98 -2.34
N ASP A 109 0.01 22.26 -1.45
CA ASP A 109 -0.48 23.61 -1.29
C ASP A 109 -0.62 24.27 -2.67
N GLY A 1 -13.79 19.14 -1.52
CA GLY A 1 -13.83 19.21 -0.07
C GLY A 1 -14.74 18.12 0.50
N SER A 2 -14.20 16.92 0.59
CA SER A 2 -14.96 15.80 1.12
C SER A 2 -14.08 14.55 1.20
N GLY A 3 -13.25 14.51 2.23
CA GLY A 3 -12.35 13.40 2.43
C GLY A 3 -11.47 13.18 1.20
N ASN A 4 -10.41 12.40 1.40
CA ASN A 4 -9.49 12.11 0.32
C ASN A 4 -8.30 11.30 0.87
N SER A 5 -7.47 10.82 -0.05
CA SER A 5 -6.30 10.04 0.33
C SER A 5 -5.26 10.95 0.98
N LEU A 6 -4.84 11.96 0.24
CA LEU A 6 -3.85 12.89 0.73
C LEU A 6 -2.50 12.18 0.87
N GLU A 7 -1.45 12.98 0.92
CA GLU A 7 -0.11 12.44 1.07
C GLU A 7 0.14 11.96 2.50
N LYS A 8 -0.64 10.96 2.89
CA LYS A 8 -0.51 10.43 4.23
C LYS A 8 0.91 9.91 4.44
N HIS A 9 1.01 8.60 4.60
CA HIS A 9 2.31 7.97 4.82
C HIS A 9 3.14 8.05 3.52
N SER A 10 4.37 7.57 3.62
CA SER A 10 5.26 7.58 2.48
C SER A 10 4.89 6.46 1.51
N TRP A 11 3.82 5.74 1.85
CA TRP A 11 3.36 4.65 1.03
C TRP A 11 1.91 4.92 0.65
N TYR A 12 1.37 5.98 1.24
CA TYR A 12 -0.02 6.36 0.96
C TYR A 12 -0.07 7.71 0.23
N HIS A 13 -0.30 7.63 -1.07
CA HIS A 13 -0.38 8.82 -1.90
C HIS A 13 -1.78 8.93 -2.50
N GLY A 14 -2.10 7.97 -3.35
CA GLY A 14 -3.40 7.95 -3.99
C GLY A 14 -3.52 6.76 -4.95
N PRO A 15 -4.37 6.94 -5.99
CA PRO A 15 -4.58 5.89 -6.97
C PRO A 15 -3.38 5.78 -7.92
N VAL A 16 -2.83 4.57 -7.99
CA VAL A 16 -1.68 4.31 -8.84
C VAL A 16 -1.81 2.92 -9.45
N SER A 17 -1.49 2.83 -10.73
CA SER A 17 -1.56 1.56 -11.44
C SER A 17 -0.37 0.68 -11.04
N ARG A 18 -0.63 -0.62 -10.97
CA ARG A 18 0.41 -1.57 -10.63
C ARG A 18 1.58 -1.47 -11.61
N ASN A 19 1.23 -1.16 -12.85
CA ASN A 19 2.23 -1.03 -13.90
C ASN A 19 3.38 -0.15 -13.39
N ALA A 20 3.00 0.92 -12.71
CA ALA A 20 3.98 1.85 -12.18
C ALA A 20 4.65 1.23 -10.94
N ALA A 21 3.89 0.36 -10.29
CA ALA A 21 4.38 -0.31 -9.09
C ALA A 21 5.68 -1.06 -9.43
N GLU A 22 5.56 -1.97 -10.38
CA GLU A 22 6.71 -2.76 -10.80
C GLU A 22 7.74 -1.87 -11.49
N TYR A 23 7.24 -1.03 -12.39
CA TYR A 23 8.10 -0.13 -13.13
C TYR A 23 8.84 0.82 -12.18
N LEU A 24 8.06 1.66 -11.51
CA LEU A 24 8.62 2.61 -10.58
C LEU A 24 9.49 1.87 -9.55
N LEU A 25 9.26 0.58 -9.46
CA LEU A 25 10.01 -0.25 -8.53
C LEU A 25 11.50 0.02 -8.70
N SER A 26 11.90 0.17 -9.95
CA SER A 26 13.30 0.44 -10.27
C SER A 26 14.20 -0.35 -9.33
N SER A 27 15.12 0.36 -8.69
CA SER A 27 16.06 -0.26 -7.77
C SER A 27 15.39 -1.44 -7.06
N GLY A 28 16.18 -2.47 -6.80
CA GLY A 28 15.67 -3.66 -6.13
C GLY A 28 16.25 -3.77 -4.72
N ILE A 29 15.49 -3.31 -3.76
CA ILE A 29 15.91 -3.35 -2.37
C ILE A 29 15.51 -4.71 -1.76
N ASN A 30 15.67 -4.80 -0.45
CA ASN A 30 15.33 -6.02 0.25
C ASN A 30 13.81 -6.17 0.33
N GLY A 31 13.14 -5.16 -0.22
CA GLY A 31 11.68 -5.15 -0.21
C GLY A 31 11.14 -3.74 -0.08
N SER A 32 9.96 -3.52 -0.66
CA SER A 32 9.33 -2.22 -0.61
C SER A 32 7.82 -2.38 -0.73
N PHE A 33 7.11 -1.90 0.28
CA PHE A 33 5.67 -1.97 0.30
C PHE A 33 5.04 -0.61 -0.01
N LEU A 34 3.94 -0.65 -0.75
CA LEU A 34 3.24 0.56 -1.13
C LEU A 34 1.76 0.25 -1.36
N VAL A 35 0.91 0.99 -0.68
CA VAL A 35 -0.52 0.80 -0.80
C VAL A 35 -1.00 1.38 -2.13
N ARG A 36 -1.92 0.66 -2.77
CA ARG A 36 -2.46 1.09 -4.04
C ARG A 36 -3.99 1.07 -4.00
N GLU A 37 -4.57 2.23 -4.28
CA GLU A 37 -6.01 2.36 -4.29
C GLU A 37 -6.55 2.36 -5.72
N SER A 38 -7.76 1.85 -5.86
CA SER A 38 -8.39 1.76 -7.17
C SER A 38 -8.90 3.14 -7.58
N GLU A 39 -9.96 3.14 -8.39
CA GLU A 39 -10.55 4.38 -8.87
C GLU A 39 -11.51 4.94 -7.81
N SER A 40 -12.72 4.39 -7.80
CA SER A 40 -13.73 4.83 -6.86
C SER A 40 -14.75 3.71 -6.64
N SER A 41 -14.37 2.76 -5.79
CA SER A 41 -15.24 1.64 -5.49
C SER A 41 -15.38 1.47 -3.98
N PRO A 42 -16.44 0.74 -3.56
CA PRO A 42 -16.70 0.50 -2.15
C PRO A 42 -15.73 -0.54 -1.59
N GLY A 43 -14.63 -0.04 -1.04
CA GLY A 43 -13.61 -0.91 -0.47
C GLY A 43 -12.70 -1.49 -1.55
N GLN A 44 -11.82 -0.65 -2.05
CA GLN A 44 -10.89 -1.05 -3.09
C GLN A 44 -9.48 -0.57 -2.76
N ARG A 45 -8.71 -1.48 -2.16
CA ARG A 45 -7.34 -1.16 -1.78
C ARG A 45 -6.39 -2.26 -2.28
N SER A 46 -5.13 -1.88 -2.43
CA SER A 46 -4.12 -2.81 -2.88
C SER A 46 -2.82 -2.61 -2.11
N ILE A 47 -1.97 -3.62 -2.16
CA ILE A 47 -0.70 -3.56 -1.47
C ILE A 47 0.41 -4.09 -2.38
N SER A 48 1.39 -3.23 -2.63
CA SER A 48 2.51 -3.59 -3.49
C SER A 48 3.77 -3.72 -2.66
N LEU A 49 4.15 -4.96 -2.40
CA LEU A 49 5.34 -5.24 -1.62
C LEU A 49 6.43 -5.83 -2.54
N ARG A 50 7.59 -5.19 -2.50
CA ARG A 50 8.70 -5.64 -3.32
C ARG A 50 9.50 -6.71 -2.59
N TYR A 51 10.15 -7.56 -3.38
CA TYR A 51 10.95 -8.64 -2.82
C TYR A 51 12.20 -8.90 -3.68
N GLU A 52 12.62 -10.15 -3.66
CA GLU A 52 13.79 -10.55 -4.43
C GLU A 52 13.47 -10.51 -5.94
N GLY A 53 13.52 -9.30 -6.48
CA GLY A 53 13.24 -9.10 -7.89
C GLY A 53 11.83 -9.57 -8.24
N ARG A 54 10.89 -9.20 -7.38
CA ARG A 54 9.49 -9.57 -7.59
C ARG A 54 8.58 -8.52 -6.98
N VAL A 55 7.43 -8.34 -7.62
CA VAL A 55 6.45 -7.36 -7.16
C VAL A 55 5.13 -8.09 -6.83
N TYR A 56 4.77 -8.03 -5.56
CA TYR A 56 3.55 -8.67 -5.11
C TYR A 56 2.41 -7.66 -5.01
N HIS A 57 1.35 -7.92 -5.76
CA HIS A 57 0.19 -7.04 -5.75
C HIS A 57 -0.99 -7.76 -5.11
N TYR A 58 -1.32 -7.33 -3.90
CA TYR A 58 -2.43 -7.91 -3.17
C TYR A 58 -3.56 -6.91 -3.00
N ARG A 59 -4.58 -7.04 -3.84
CA ARG A 59 -5.72 -6.16 -3.79
C ARG A 59 -6.55 -6.42 -2.52
N ILE A 60 -6.34 -5.57 -1.53
CA ILE A 60 -7.05 -5.69 -0.28
C ILE A 60 -8.52 -5.35 -0.49
N ASN A 61 -9.15 -4.89 0.59
CA ASN A 61 -10.55 -4.53 0.53
C ASN A 61 -10.98 -3.95 1.89
N THR A 62 -12.16 -3.35 1.90
CA THR A 62 -12.69 -2.75 3.12
C THR A 62 -13.85 -3.60 3.66
N ALA A 63 -14.09 -3.44 4.96
CA ALA A 63 -15.15 -4.18 5.61
C ALA A 63 -16.51 -3.69 5.07
N SER A 64 -16.80 -2.44 5.36
CA SER A 64 -18.05 -1.84 4.91
C SER A 64 -18.14 -0.40 5.39
N ASP A 65 -17.94 -0.22 6.69
CA ASP A 65 -17.99 1.10 7.29
C ASP A 65 -16.79 1.93 6.80
N GLY A 66 -15.73 1.21 6.48
CA GLY A 66 -14.51 1.86 6.01
C GLY A 66 -13.27 1.13 6.52
N LYS A 67 -13.48 0.27 7.50
CA LYS A 67 -12.40 -0.50 8.08
C LYS A 67 -11.67 -1.26 6.97
N LEU A 68 -10.34 -1.22 7.04
CA LEU A 68 -9.52 -1.90 6.06
C LEU A 68 -8.96 -3.19 6.67
N TYR A 69 -9.32 -4.31 6.06
CA TYR A 69 -8.86 -5.60 6.52
C TYR A 69 -8.30 -6.44 5.38
N VAL A 70 -7.08 -6.92 5.57
CA VAL A 70 -6.42 -7.74 4.57
C VAL A 70 -6.85 -9.20 4.73
N SER A 71 -7.16 -9.54 5.97
CA SER A 71 -7.57 -10.90 6.28
C SER A 71 -9.03 -10.91 6.75
N SER A 72 -9.21 -10.62 8.03
CA SER A 72 -10.54 -10.60 8.61
C SER A 72 -10.44 -10.40 10.13
N GLU A 73 -9.48 -11.10 10.72
CA GLU A 73 -9.27 -11.02 12.16
C GLU A 73 -8.33 -9.87 12.49
N SER A 74 -7.81 -9.25 11.44
CA SER A 74 -6.89 -8.13 11.60
C SER A 74 -7.39 -6.92 10.82
N ARG A 75 -8.61 -6.52 11.11
CA ARG A 75 -9.22 -5.38 10.44
C ARG A 75 -8.68 -4.08 11.04
N PHE A 76 -8.68 -3.04 10.21
CA PHE A 76 -8.20 -1.74 10.64
C PHE A 76 -9.13 -0.63 10.14
N ASN A 77 -8.81 0.59 10.56
CA ASN A 77 -9.60 1.75 10.15
C ASN A 77 -8.74 2.69 9.32
N THR A 78 -7.44 2.67 9.62
CA THR A 78 -6.51 3.53 8.91
C THR A 78 -5.44 2.67 8.22
N LEU A 79 -5.18 3.01 6.96
CA LEU A 79 -4.19 2.29 6.19
C LEU A 79 -2.95 2.04 7.04
N ALA A 80 -2.67 3.00 7.90
CA ALA A 80 -1.51 2.91 8.78
C ALA A 80 -1.69 1.70 9.72
N GLU A 81 -2.69 1.81 10.58
CA GLU A 81 -2.98 0.75 11.53
C GLU A 81 -2.92 -0.61 10.83
N LEU A 82 -3.14 -0.59 9.53
CA LEU A 82 -3.11 -1.80 8.74
C LEU A 82 -1.66 -2.27 8.58
N VAL A 83 -0.87 -1.43 7.93
CA VAL A 83 0.53 -1.73 7.69
C VAL A 83 1.23 -1.93 9.05
N HIS A 84 0.82 -1.11 10.00
CA HIS A 84 1.40 -1.16 11.34
C HIS A 84 1.40 -2.61 11.84
N HIS A 85 0.20 -3.14 12.00
CA HIS A 85 0.04 -4.52 12.46
C HIS A 85 0.77 -5.47 11.52
N HIS A 86 0.61 -5.21 10.23
CA HIS A 86 1.26 -6.04 9.22
C HIS A 86 2.76 -5.78 9.23
N SER A 87 3.17 -4.90 10.13
CA SER A 87 4.57 -4.57 10.27
C SER A 87 5.29 -5.62 11.12
N THR A 88 4.57 -6.13 12.10
CA THR A 88 5.11 -7.14 12.99
C THR A 88 4.35 -8.45 12.83
N VAL A 89 3.07 -8.33 12.50
CA VAL A 89 2.23 -9.50 12.32
C VAL A 89 1.45 -9.37 11.01
N ALA A 90 2.11 -9.78 9.93
CA ALA A 90 1.49 -9.70 8.61
C ALA A 90 0.37 -10.73 8.52
N ASP A 91 -0.68 -10.51 9.31
CA ASP A 91 -1.81 -11.41 9.33
C ASP A 91 -2.70 -11.13 8.12
N GLY A 92 -2.05 -10.81 7.00
CA GLY A 92 -2.78 -10.51 5.78
C GLY A 92 -1.82 -10.47 4.58
N LEU A 93 -0.90 -9.52 4.62
CA LEU A 93 0.06 -9.37 3.56
C LEU A 93 1.08 -10.50 3.63
N ILE A 94 1.51 -10.95 2.45
CA ILE A 94 2.47 -12.02 2.35
C ILE A 94 3.72 -11.66 3.15
N THR A 95 4.54 -10.80 2.54
CA THR A 95 5.76 -10.37 3.18
C THR A 95 5.47 -9.27 4.21
N THR A 96 6.48 -8.45 4.45
CA THR A 96 6.34 -7.36 5.42
C THR A 96 6.85 -6.05 4.81
N LEU A 97 6.57 -4.97 5.51
CA LEU A 97 6.99 -3.65 5.06
C LEU A 97 8.43 -3.39 5.52
N HIS A 98 9.11 -2.55 4.77
CA HIS A 98 10.49 -2.21 5.10
C HIS A 98 10.70 -0.71 4.91
N TYR A 99 10.75 -0.29 3.65
CA TYR A 99 10.95 1.10 3.33
C TYR A 99 9.92 1.58 2.29
N PRO A 100 8.97 2.43 2.78
CA PRO A 100 7.94 2.96 1.91
C PRO A 100 8.49 4.05 1.00
N ALA A 101 8.92 3.63 -0.18
CA ALA A 101 9.47 4.55 -1.16
C ALA A 101 8.62 5.82 -1.18
N PRO A 102 9.34 6.99 -1.13
CA PRO A 102 8.66 8.27 -1.15
C PRO A 102 8.15 8.61 -2.56
N LYS A 103 7.55 9.78 -2.66
CA LYS A 103 7.02 10.23 -3.94
C LYS A 103 8.16 10.77 -4.80
N ARG A 104 7.80 11.22 -6.00
CA ARG A 104 8.78 11.75 -6.93
C ARG A 104 9.32 13.09 -6.41
N GLY A 105 8.40 14.02 -6.18
CA GLY A 105 8.77 15.33 -5.70
C GLY A 105 8.57 16.39 -6.78
N ILE A 106 7.34 16.50 -7.24
CA ILE A 106 7.00 17.46 -8.27
C ILE A 106 6.61 18.79 -7.61
N HIS A 107 7.52 19.75 -7.70
CA HIS A 107 7.28 21.05 -7.12
C HIS A 107 7.00 22.07 -8.23
N ARG A 108 5.86 21.90 -8.87
CA ARG A 108 5.47 22.79 -9.95
C ARG A 108 4.99 24.13 -9.40
N ASP A 109 4.86 25.10 -10.29
CA ASP A 109 4.41 26.43 -9.90
C ASP A 109 4.39 27.33 -11.14
N GLY A 1 -11.00 9.75 -4.70
CA GLY A 1 -10.20 8.58 -4.98
C GLY A 1 -8.71 8.95 -5.10
N SER A 2 -8.18 9.49 -4.02
CA SER A 2 -6.78 9.89 -3.98
C SER A 2 -6.52 10.96 -5.06
N GLY A 3 -5.40 11.65 -4.89
CA GLY A 3 -5.03 12.69 -5.84
C GLY A 3 -3.94 13.59 -5.26
N ASN A 4 -2.73 13.04 -5.20
CA ASN A 4 -1.60 13.77 -4.67
C ASN A 4 -2.02 14.51 -3.40
N SER A 5 -1.15 15.40 -2.96
CA SER A 5 -1.41 16.17 -1.76
C SER A 5 -1.37 15.26 -0.53
N LEU A 6 -2.22 14.25 -0.55
CA LEU A 6 -2.28 13.30 0.55
C LEU A 6 -1.02 12.44 0.55
N GLU A 7 0.11 13.12 0.67
CA GLU A 7 1.39 12.44 0.69
C GLU A 7 1.64 11.81 2.06
N LYS A 8 0.83 10.80 2.36
CA LYS A 8 0.95 10.12 3.63
C LYS A 8 2.31 9.42 3.71
N HIS A 9 2.27 8.15 4.07
CA HIS A 9 3.49 7.36 4.18
C HIS A 9 4.10 7.15 2.79
N SER A 10 5.20 6.41 2.76
CA SER A 10 5.89 6.14 1.51
C SER A 10 5.07 5.15 0.68
N TRP A 11 4.09 4.53 1.33
CA TRP A 11 3.24 3.57 0.67
C TRP A 11 1.93 4.27 0.29
N TYR A 12 1.84 5.53 0.68
CA TYR A 12 0.66 6.32 0.38
C TYR A 12 0.98 7.49 -0.55
N HIS A 13 1.08 7.16 -1.83
CA HIS A 13 1.38 8.17 -2.83
C HIS A 13 0.11 8.57 -3.57
N GLY A 14 -0.45 7.60 -4.29
CA GLY A 14 -1.67 7.84 -5.04
C GLY A 14 -1.95 6.68 -6.00
N PRO A 15 -2.79 6.97 -7.03
CA PRO A 15 -3.14 5.97 -8.02
C PRO A 15 -1.99 5.70 -8.98
N VAL A 16 -1.38 4.53 -8.82
CA VAL A 16 -0.26 4.15 -9.67
C VAL A 16 -0.69 2.99 -10.57
N SER A 17 -0.25 3.07 -11.82
CA SER A 17 -0.57 2.04 -12.79
C SER A 17 0.19 0.75 -12.46
N ARG A 18 -0.56 -0.22 -11.94
CA ARG A 18 0.03 -1.50 -11.59
C ARG A 18 0.90 -2.02 -12.73
N ASN A 19 0.38 -1.89 -13.94
CA ASN A 19 1.10 -2.34 -15.12
C ASN A 19 2.50 -1.73 -15.12
N ALA A 20 2.54 -0.42 -14.95
CA ALA A 20 3.81 0.29 -14.93
C ALA A 20 4.61 -0.13 -13.70
N ALA A 21 3.91 -0.20 -12.58
CA ALA A 21 4.54 -0.59 -11.32
C ALA A 21 5.46 -1.78 -11.57
N GLU A 22 4.93 -2.76 -12.31
CA GLU A 22 5.70 -3.94 -12.62
C GLU A 22 6.84 -3.61 -13.59
N TYR A 23 6.56 -2.67 -14.47
CA TYR A 23 7.56 -2.25 -15.45
C TYR A 23 8.66 -1.42 -14.78
N LEU A 24 8.25 -0.31 -14.20
CA LEU A 24 9.19 0.57 -13.52
C LEU A 24 9.87 -0.19 -12.39
N LEU A 25 9.34 -1.36 -12.09
CA LEU A 25 9.88 -2.20 -11.03
C LEU A 25 11.35 -2.50 -11.34
N SER A 26 11.80 -3.63 -10.83
CA SER A 26 13.18 -4.05 -11.04
C SER A 26 14.06 -3.54 -9.91
N SER A 27 15.33 -3.94 -9.95
CA SER A 27 16.28 -3.52 -8.94
C SER A 27 15.90 -4.12 -7.58
N GLY A 28 14.83 -3.58 -7.01
CA GLY A 28 14.35 -4.04 -5.72
C GLY A 28 15.31 -3.63 -4.60
N ILE A 29 14.72 -3.27 -3.47
CA ILE A 29 15.50 -2.86 -2.32
C ILE A 29 15.41 -3.93 -1.23
N ASN A 30 15.71 -3.50 -0.01
CA ASN A 30 15.66 -4.41 1.12
C ASN A 30 14.20 -4.59 1.56
N GLY A 31 13.32 -3.88 0.88
CA GLY A 31 11.91 -3.95 1.19
C GLY A 31 11.21 -2.62 0.88
N SER A 32 10.46 -2.62 -0.20
CA SER A 32 9.73 -1.43 -0.62
C SER A 32 8.36 -1.83 -1.17
N PHE A 33 7.39 -0.96 -0.91
CA PHE A 33 6.03 -1.19 -1.36
C PHE A 33 5.33 0.13 -1.71
N LEU A 34 4.10 0.00 -2.19
CA LEU A 34 3.31 1.16 -2.56
C LEU A 34 1.83 0.79 -2.56
N VAL A 35 1.04 1.61 -1.87
CA VAL A 35 -0.39 1.38 -1.80
C VAL A 35 -1.07 1.96 -3.03
N ARG A 36 -2.09 1.26 -3.50
CA ARG A 36 -2.83 1.70 -4.68
C ARG A 36 -4.32 1.75 -4.37
N GLU A 37 -5.07 2.28 -5.33
CA GLU A 37 -6.52 2.38 -5.17
C GLU A 37 -7.22 1.36 -6.08
N SER A 38 -8.16 0.65 -5.49
CA SER A 38 -8.92 -0.35 -6.23
C SER A 38 -9.97 0.33 -7.11
N GLU A 39 -9.51 1.32 -7.86
CA GLU A 39 -10.39 2.05 -8.75
C GLU A 39 -11.57 2.66 -7.96
N SER A 40 -12.21 3.64 -8.58
CA SER A 40 -13.33 4.30 -7.94
C SER A 40 -14.14 3.31 -7.11
N SER A 41 -13.82 3.26 -5.82
CA SER A 41 -14.49 2.37 -4.90
C SER A 41 -15.00 3.13 -3.69
N PRO A 42 -15.93 2.47 -2.93
CA PRO A 42 -16.49 3.09 -1.74
C PRO A 42 -15.48 3.08 -0.59
N GLY A 43 -14.34 2.45 -0.84
CA GLY A 43 -13.30 2.38 0.17
C GLY A 43 -12.42 1.15 -0.06
N GLN A 44 -12.07 0.92 -1.33
CA GLN A 44 -11.24 -0.21 -1.69
C GLN A 44 -9.85 0.26 -2.13
N ARG A 45 -8.83 -0.40 -1.59
CA ARG A 45 -7.47 -0.05 -1.92
C ARG A 45 -6.67 -1.31 -2.26
N SER A 46 -5.52 -1.09 -2.88
CA SER A 46 -4.66 -2.20 -3.26
C SER A 46 -3.27 -2.03 -2.62
N ILE A 47 -2.44 -3.04 -2.83
CA ILE A 47 -1.09 -3.00 -2.28
C ILE A 47 -0.10 -3.48 -3.36
N SER A 48 0.86 -2.62 -3.63
CA SER A 48 1.87 -2.93 -4.64
C SER A 48 3.26 -2.99 -3.98
N LEU A 49 3.59 -4.18 -3.49
CA LEU A 49 4.87 -4.38 -2.84
C LEU A 49 5.97 -4.44 -3.90
N ARG A 50 7.21 -4.40 -3.43
CA ARG A 50 8.35 -4.45 -4.32
C ARG A 50 9.49 -5.26 -3.69
N TYR A 51 9.79 -6.38 -4.31
CA TYR A 51 10.84 -7.26 -3.82
C TYR A 51 12.11 -7.11 -4.67
N GLU A 52 12.92 -8.15 -4.64
CA GLU A 52 14.17 -8.15 -5.40
C GLU A 52 13.87 -8.18 -6.90
N GLY A 53 13.17 -7.15 -7.35
CA GLY A 53 12.81 -7.04 -8.75
C GLY A 53 11.43 -7.63 -9.02
N ARG A 54 10.64 -7.72 -7.95
CA ARG A 54 9.29 -8.26 -8.06
C ARG A 54 8.28 -7.29 -7.44
N VAL A 55 7.02 -7.49 -7.80
CA VAL A 55 5.95 -6.64 -7.29
C VAL A 55 4.76 -7.52 -6.91
N TYR A 56 4.18 -7.19 -5.76
CA TYR A 56 3.03 -7.92 -5.27
C TYR A 56 1.77 -7.06 -5.27
N HIS A 57 0.79 -7.48 -6.04
CA HIS A 57 -0.47 -6.76 -6.14
C HIS A 57 -1.58 -7.54 -5.42
N TYR A 58 -1.96 -7.03 -4.26
CA TYR A 58 -2.99 -7.67 -3.47
C TYR A 58 -4.08 -6.66 -3.08
N ARG A 59 -5.31 -6.99 -3.45
CA ARG A 59 -6.44 -6.13 -3.15
C ARG A 59 -6.77 -6.20 -1.65
N ILE A 60 -6.89 -5.02 -1.05
CA ILE A 60 -7.21 -4.94 0.37
C ILE A 60 -8.65 -5.40 0.59
N ASN A 61 -8.80 -6.32 1.54
CA ASN A 61 -10.11 -6.85 1.86
C ASN A 61 -10.78 -5.96 2.90
N THR A 62 -12.08 -5.75 2.73
CA THR A 62 -12.84 -4.92 3.64
C THR A 62 -13.83 -5.77 4.43
N ALA A 63 -14.23 -5.25 5.58
CA ALA A 63 -15.17 -5.95 6.43
C ALA A 63 -16.55 -5.98 5.75
N SER A 64 -17.35 -4.98 6.07
CA SER A 64 -18.68 -4.88 5.50
C SER A 64 -19.25 -3.48 5.72
N ASP A 65 -18.34 -2.52 5.78
CA ASP A 65 -18.73 -1.13 5.99
C ASP A 65 -17.69 -0.21 5.34
N GLY A 66 -16.43 -0.49 5.62
CA GLY A 66 -15.34 0.29 5.07
C GLY A 66 -14.00 -0.12 5.69
N LYS A 67 -14.05 -0.42 6.98
CA LYS A 67 -12.85 -0.83 7.70
C LYS A 67 -12.06 -1.81 6.84
N LEU A 68 -10.74 -1.67 6.89
CA LEU A 68 -9.86 -2.53 6.13
C LEU A 68 -9.25 -3.57 7.06
N TYR A 69 -9.63 -4.82 6.85
CA TYR A 69 -9.14 -5.92 7.66
C TYR A 69 -8.76 -7.12 6.79
N VAL A 70 -7.46 -7.22 6.49
CA VAL A 70 -6.97 -8.31 5.68
C VAL A 70 -7.08 -9.63 6.46
N SER A 71 -7.29 -9.49 7.75
CA SER A 71 -7.41 -10.65 8.62
C SER A 71 -8.44 -10.38 9.72
N SER A 72 -9.28 -11.36 9.98
CA SER A 72 -10.30 -11.24 10.99
C SER A 72 -9.66 -10.88 12.34
N GLU A 73 -8.36 -11.14 12.43
CA GLU A 73 -7.63 -10.84 13.65
C GLU A 73 -6.92 -9.50 13.53
N SER A 74 -6.94 -8.96 12.32
CA SER A 74 -6.31 -7.68 12.05
C SER A 74 -7.24 -6.79 11.22
N ARG A 75 -7.88 -5.86 11.89
CA ARG A 75 -8.80 -4.94 11.24
C ARG A 75 -8.39 -3.49 11.50
N PHE A 76 -8.52 -2.67 10.47
CA PHE A 76 -8.17 -1.27 10.59
C PHE A 76 -9.17 -0.39 9.84
N ASN A 77 -9.10 0.91 10.12
CA ASN A 77 -9.99 1.86 9.48
C ASN A 77 -9.18 2.78 8.57
N THR A 78 -7.87 2.75 8.77
CA THR A 78 -6.98 3.57 7.98
C THR A 78 -5.85 2.72 7.38
N LEU A 79 -5.34 3.20 6.26
CA LEU A 79 -4.27 2.50 5.57
C LEU A 79 -3.08 2.32 6.53
N ALA A 80 -2.93 3.30 7.41
CA ALA A 80 -1.84 3.26 8.38
C ALA A 80 -1.97 2.00 9.23
N GLU A 81 -2.98 2.00 10.09
CA GLU A 81 -3.22 0.87 10.98
C GLU A 81 -3.08 -0.44 10.20
N LEU A 82 -3.27 -0.35 8.89
CA LEU A 82 -3.16 -1.50 8.03
C LEU A 82 -1.69 -1.87 7.84
N VAL A 83 -0.90 -0.85 7.53
CA VAL A 83 0.53 -1.05 7.32
C VAL A 83 1.21 -1.18 8.68
N HIS A 84 0.85 -0.29 9.59
CA HIS A 84 1.42 -0.29 10.93
C HIS A 84 1.44 -1.72 11.47
N HIS A 85 0.27 -2.33 11.47
CA HIS A 85 0.14 -3.69 11.96
C HIS A 85 0.98 -4.64 11.10
N HIS A 86 0.79 -4.52 9.80
CA HIS A 86 1.51 -5.35 8.85
C HIS A 86 2.99 -4.91 8.82
N SER A 87 3.32 -3.99 9.71
CA SER A 87 4.68 -3.50 9.79
C SER A 87 5.54 -4.46 10.60
N THR A 88 4.92 -5.11 11.57
CA THR A 88 5.62 -6.06 12.41
C THR A 88 4.95 -7.43 12.33
N VAL A 89 3.67 -7.41 12.04
CA VAL A 89 2.91 -8.65 11.93
C VAL A 89 2.01 -8.58 10.69
N ALA A 90 2.60 -8.94 9.55
CA ALA A 90 1.87 -8.92 8.30
C ALA A 90 0.88 -10.09 8.27
N ASP A 91 -0.10 -10.01 9.16
CA ASP A 91 -1.11 -11.05 9.25
C ASP A 91 -2.15 -10.84 8.15
N GLY A 92 -1.79 -10.00 7.19
CA GLY A 92 -2.68 -9.70 6.08
C GLY A 92 -1.91 -9.71 4.76
N LEU A 93 -1.05 -8.72 4.60
CA LEU A 93 -0.26 -8.60 3.39
C LEU A 93 0.64 -9.82 3.26
N ILE A 94 1.00 -10.12 2.02
CA ILE A 94 1.86 -11.26 1.73
C ILE A 94 3.02 -11.27 2.73
N THR A 95 4.07 -10.54 2.38
CA THR A 95 5.24 -10.45 3.23
C THR A 95 5.04 -9.41 4.33
N THR A 96 6.15 -8.86 4.78
CA THR A 96 6.10 -7.85 5.83
C THR A 96 6.71 -6.54 5.33
N LEU A 97 6.02 -5.45 5.64
CA LEU A 97 6.48 -4.13 5.23
C LEU A 97 7.96 -3.97 5.62
N HIS A 98 8.51 -2.83 5.24
CA HIS A 98 9.90 -2.54 5.55
C HIS A 98 10.05 -1.06 5.92
N TYR A 99 9.95 -0.21 4.90
CA TYR A 99 10.06 1.22 5.11
C TYR A 99 8.74 1.93 4.82
N PRO A 100 7.75 1.68 5.72
CA PRO A 100 6.44 2.29 5.56
C PRO A 100 6.47 3.76 5.94
N ALA A 101 7.68 4.28 6.09
CA ALA A 101 7.86 5.68 6.45
C ALA A 101 7.34 6.57 5.32
N PRO A 102 7.14 7.87 5.67
CA PRO A 102 6.64 8.83 4.70
C PRO A 102 7.74 9.22 3.71
N LYS A 103 7.33 9.38 2.46
CA LYS A 103 8.28 9.76 1.41
C LYS A 103 8.68 11.22 1.60
N ARG A 104 9.65 11.64 0.81
CA ARG A 104 10.14 13.01 0.87
C ARG A 104 9.13 13.96 0.22
N GLY A 105 8.41 14.67 1.07
CA GLY A 105 7.41 15.62 0.60
C GLY A 105 7.98 16.51 -0.50
N ILE A 106 8.39 17.70 -0.10
CA ILE A 106 8.96 18.66 -1.05
C ILE A 106 10.30 19.17 -0.51
N HIS A 107 11.37 18.75 -1.18
CA HIS A 107 12.70 19.15 -0.78
C HIS A 107 12.89 20.65 -1.06
N ARG A 108 12.41 21.45 -0.12
CA ARG A 108 12.52 22.90 -0.25
C ARG A 108 13.89 23.37 0.25
N ASP A 109 14.18 23.04 1.49
CA ASP A 109 15.44 23.42 2.10
C ASP A 109 15.47 22.92 3.55
N GLY A 1 3.45 16.81 -8.64
CA GLY A 1 2.30 17.53 -9.14
C GLY A 1 1.10 17.36 -8.21
N SER A 2 0.70 16.11 -8.03
CA SER A 2 -0.43 15.81 -7.17
C SER A 2 0.07 15.10 -5.90
N GLY A 3 0.70 13.96 -6.11
CA GLY A 3 1.22 13.18 -4.99
C GLY A 3 2.01 14.05 -4.03
N ASN A 4 1.35 14.44 -2.95
CA ASN A 4 1.98 15.29 -1.94
C ASN A 4 0.95 15.64 -0.87
N SER A 5 -0.23 16.04 -1.33
CA SER A 5 -1.31 16.42 -0.43
C SER A 5 -1.57 15.29 0.56
N LEU A 6 -1.84 14.11 0.01
CA LEU A 6 -2.11 12.95 0.84
C LEU A 6 -0.78 12.35 1.32
N GLU A 7 0.03 13.20 1.93
CA GLU A 7 1.31 12.76 2.43
C GLU A 7 1.14 11.99 3.75
N LYS A 8 0.42 10.88 3.64
CA LYS A 8 0.17 10.04 4.81
C LYS A 8 1.51 9.57 5.38
N HIS A 9 1.72 8.27 5.30
CA HIS A 9 2.95 7.68 5.81
C HIS A 9 4.10 7.98 4.85
N SER A 10 5.27 7.44 5.19
CA SER A 10 6.45 7.64 4.36
C SER A 10 6.46 6.63 3.21
N TRP A 11 5.26 6.20 2.83
CA TRP A 11 5.11 5.24 1.75
C TRP A 11 3.83 5.59 0.98
N TYR A 12 3.31 6.76 1.28
CA TYR A 12 2.08 7.22 0.63
C TYR A 12 2.31 8.53 -0.11
N HIS A 13 2.47 8.42 -1.41
CA HIS A 13 2.69 9.60 -2.25
C HIS A 13 1.54 9.75 -3.24
N GLY A 14 0.49 8.98 -3.00
CA GLY A 14 -0.68 9.02 -3.86
C GLY A 14 -0.97 7.65 -4.47
N PRO A 15 -2.04 7.60 -5.30
CA PRO A 15 -2.43 6.35 -5.94
C PRO A 15 -1.49 6.01 -7.09
N VAL A 16 -0.98 4.79 -7.05
CA VAL A 16 -0.06 4.33 -8.09
C VAL A 16 -0.64 3.09 -8.76
N SER A 17 -0.91 3.23 -10.05
CA SER A 17 -1.46 2.13 -10.82
C SER A 17 -0.54 0.92 -10.75
N ARG A 18 -1.15 -0.25 -10.58
CA ARG A 18 -0.39 -1.48 -10.49
C ARG A 18 0.60 -1.58 -11.64
N ASN A 19 0.20 -1.02 -12.77
CA ASN A 19 1.05 -1.05 -13.96
C ASN A 19 2.29 -0.19 -13.71
N ALA A 20 2.05 1.08 -13.42
CA ALA A 20 3.13 2.00 -13.15
C ALA A 20 3.87 1.58 -11.88
N ALA A 21 3.15 0.83 -11.05
CA ALA A 21 3.72 0.35 -9.80
C ALA A 21 4.96 -0.52 -10.10
N GLU A 22 4.69 -1.69 -10.66
CA GLU A 22 5.76 -2.61 -11.01
C GLU A 22 6.78 -1.93 -11.91
N TYR A 23 6.31 -0.94 -12.65
CA TYR A 23 7.16 -0.20 -13.56
C TYR A 23 8.06 0.78 -12.79
N LEU A 24 7.42 1.83 -12.27
CA LEU A 24 8.15 2.83 -11.51
C LEU A 24 8.96 2.16 -10.41
N LEU A 25 8.55 0.94 -10.08
CA LEU A 25 9.23 0.18 -9.04
C LEU A 25 10.73 0.16 -9.34
N SER A 26 11.52 0.22 -8.28
CA SER A 26 12.96 0.20 -8.39
C SER A 26 13.40 -0.92 -9.34
N SER A 27 13.68 -2.08 -8.75
CA SER A 27 14.10 -3.23 -9.51
C SER A 27 14.21 -4.46 -8.60
N GLY A 28 15.33 -4.51 -7.89
CA GLY A 28 15.57 -5.62 -6.97
C GLY A 28 16.20 -5.13 -5.66
N ILE A 29 15.34 -4.93 -4.68
CA ILE A 29 15.80 -4.46 -3.38
C ILE A 29 15.47 -5.51 -2.31
N ASN A 30 15.66 -5.12 -1.07
CA ASN A 30 15.39 -6.02 0.05
C ASN A 30 13.87 -6.15 0.23
N GLY A 31 13.15 -5.40 -0.58
CA GLY A 31 11.69 -5.43 -0.52
C GLY A 31 11.12 -4.00 -0.55
N SER A 32 10.28 -3.76 -1.54
CA SER A 32 9.66 -2.45 -1.69
C SER A 32 8.17 -2.61 -2.01
N PHE A 33 7.37 -1.75 -1.41
CA PHE A 33 5.93 -1.79 -1.62
C PHE A 33 5.44 -0.48 -2.23
N LEU A 34 4.20 -0.53 -2.72
CA LEU A 34 3.60 0.65 -3.33
C LEU A 34 2.09 0.63 -3.09
N VAL A 35 1.63 1.63 -2.35
CA VAL A 35 0.22 1.73 -2.03
C VAL A 35 -0.57 1.96 -3.32
N ARG A 36 -1.74 1.33 -3.38
CA ARG A 36 -2.60 1.46 -4.56
C ARG A 36 -3.94 2.07 -4.16
N GLU A 37 -4.81 2.19 -5.15
CA GLU A 37 -6.13 2.75 -4.92
C GLU A 37 -7.20 1.82 -5.51
N SER A 38 -8.42 2.35 -5.57
CA SER A 38 -9.54 1.59 -6.11
C SER A 38 -9.08 0.78 -7.32
N GLU A 39 -9.27 -0.53 -7.21
CA GLU A 39 -8.89 -1.43 -8.29
C GLU A 39 -10.12 -2.13 -8.85
N SER A 40 -10.84 -1.40 -9.71
CA SER A 40 -12.04 -1.95 -10.32
C SER A 40 -13.28 -1.38 -9.63
N SER A 41 -13.10 -0.99 -8.38
CA SER A 41 -14.19 -0.44 -7.60
C SER A 41 -13.77 0.90 -6.98
N PRO A 42 -14.59 1.95 -7.26
CA PRO A 42 -14.30 3.27 -6.74
C PRO A 42 -14.65 3.36 -5.25
N GLY A 43 -13.60 3.53 -4.45
CA GLY A 43 -13.78 3.63 -3.01
C GLY A 43 -12.95 2.57 -2.28
N GLN A 44 -12.26 1.75 -3.07
CA GLN A 44 -11.43 0.70 -2.51
C GLN A 44 -9.96 1.07 -2.65
N ARG A 45 -9.13 0.37 -1.86
CA ARG A 45 -7.70 0.62 -1.88
C ARG A 45 -6.93 -0.69 -2.06
N SER A 46 -5.75 -0.58 -2.63
CA SER A 46 -4.91 -1.74 -2.86
C SER A 46 -3.49 -1.47 -2.36
N ILE A 47 -2.69 -2.53 -2.35
CA ILE A 47 -1.31 -2.42 -1.91
C ILE A 47 -0.41 -3.20 -2.87
N SER A 48 0.84 -2.76 -2.95
CA SER A 48 1.80 -3.40 -3.81
C SER A 48 3.08 -3.72 -3.04
N LEU A 49 3.57 -4.93 -3.24
CA LEU A 49 4.77 -5.38 -2.57
C LEU A 49 5.79 -5.86 -3.61
N ARG A 50 7.05 -5.53 -3.35
CA ARG A 50 8.12 -5.93 -4.25
C ARG A 50 9.04 -6.95 -3.57
N TYR A 51 9.37 -7.99 -4.32
CA TYR A 51 10.24 -9.03 -3.81
C TYR A 51 11.59 -9.03 -4.54
N GLU A 52 12.27 -10.16 -4.46
CA GLU A 52 13.56 -10.31 -5.11
C GLU A 52 13.39 -10.35 -6.63
N GLY A 53 12.65 -9.37 -7.14
CA GLY A 53 12.42 -9.28 -8.56
C GLY A 53 10.97 -9.64 -8.90
N ARG A 54 10.21 -9.93 -7.85
CA ARG A 54 8.81 -10.28 -8.02
C ARG A 54 7.90 -9.19 -7.46
N VAL A 55 6.84 -8.91 -8.19
CA VAL A 55 5.90 -7.88 -7.79
C VAL A 55 4.56 -8.54 -7.43
N TYR A 56 4.09 -8.24 -6.24
CA TYR A 56 2.82 -8.78 -5.76
C TYR A 56 1.80 -7.68 -5.53
N HIS A 57 0.53 -8.02 -5.75
CA HIS A 57 -0.55 -7.07 -5.56
C HIS A 57 -1.62 -7.69 -4.66
N TYR A 58 -1.74 -7.11 -3.46
CA TYR A 58 -2.73 -7.60 -2.51
C TYR A 58 -3.86 -6.59 -2.32
N ARG A 59 -5.07 -7.03 -2.66
CA ARG A 59 -6.24 -6.17 -2.53
C ARG A 59 -6.66 -6.06 -1.07
N ILE A 60 -7.13 -4.88 -0.71
CA ILE A 60 -7.58 -4.63 0.65
C ILE A 60 -8.87 -5.41 0.92
N ASN A 61 -9.02 -5.83 2.16
CA ASN A 61 -10.21 -6.59 2.55
C ASN A 61 -11.05 -5.75 3.52
N THR A 62 -12.31 -5.60 3.16
CA THR A 62 -13.23 -4.82 3.99
C THR A 62 -14.27 -5.73 4.63
N ALA A 63 -14.73 -5.32 5.80
CA ALA A 63 -15.72 -6.09 6.53
C ALA A 63 -17.12 -5.75 6.00
N SER A 64 -17.13 -5.11 4.83
CA SER A 64 -18.39 -4.72 4.20
C SER A 64 -18.85 -3.38 4.75
N ASP A 65 -18.65 -3.20 6.05
CA ASP A 65 -19.04 -1.96 6.71
C ASP A 65 -18.17 -0.81 6.20
N GLY A 66 -16.87 -1.00 6.35
CA GLY A 66 -15.91 0.01 5.91
C GLY A 66 -14.51 -0.29 6.44
N LYS A 67 -14.48 -0.81 7.66
CA LYS A 67 -13.21 -1.15 8.29
C LYS A 67 -12.41 -2.06 7.36
N LEU A 68 -11.10 -1.87 7.39
CA LEU A 68 -10.21 -2.67 6.55
C LEU A 68 -9.53 -3.73 7.42
N TYR A 69 -9.88 -4.98 7.15
CA TYR A 69 -9.32 -6.09 7.90
C TYR A 69 -8.86 -7.21 6.95
N VAL A 70 -7.54 -7.28 6.77
CA VAL A 70 -6.96 -8.28 5.89
C VAL A 70 -7.12 -9.66 6.54
N SER A 71 -7.46 -9.64 7.83
CA SER A 71 -7.64 -10.88 8.57
C SER A 71 -8.73 -10.70 9.62
N SER A 72 -9.62 -11.68 9.69
CA SER A 72 -10.71 -11.64 10.65
C SER A 72 -10.15 -11.49 12.07
N GLU A 73 -8.85 -11.67 12.17
CA GLU A 73 -8.18 -11.55 13.46
C GLU A 73 -7.59 -10.15 13.64
N SER A 74 -7.48 -9.45 12.52
CA SER A 74 -6.93 -8.10 12.53
C SER A 74 -7.77 -7.19 11.64
N ARG A 75 -8.39 -6.21 12.27
CA ARG A 75 -9.22 -5.26 11.55
C ARG A 75 -8.78 -3.83 11.84
N PHE A 76 -8.88 -2.99 10.82
CA PHE A 76 -8.50 -1.59 10.96
C PHE A 76 -9.52 -0.67 10.29
N ASN A 77 -9.32 0.62 10.51
CA ASN A 77 -10.22 1.62 9.92
C ASN A 77 -9.42 2.53 8.98
N THR A 78 -8.15 2.67 9.30
CA THR A 78 -7.26 3.50 8.49
C THR A 78 -6.23 2.64 7.76
N LEU A 79 -6.01 2.98 6.50
CA LEU A 79 -5.06 2.25 5.67
C LEU A 79 -3.74 2.13 6.43
N ALA A 80 -3.22 3.29 6.82
CA ALA A 80 -1.96 3.33 7.54
C ALA A 80 -1.99 2.31 8.69
N GLU A 81 -2.99 2.46 9.54
CA GLU A 81 -3.16 1.56 10.67
C GLU A 81 -2.95 0.11 10.23
N LEU A 82 -3.59 -0.24 9.12
CA LEU A 82 -3.48 -1.59 8.59
C LEU A 82 -2.02 -1.90 8.30
N VAL A 83 -1.40 -1.04 7.50
CA VAL A 83 -0.01 -1.21 7.14
C VAL A 83 0.84 -1.21 8.42
N HIS A 84 0.48 -0.34 9.34
CA HIS A 84 1.20 -0.22 10.59
C HIS A 84 1.39 -1.61 11.20
N HIS A 85 0.28 -2.34 11.31
CA HIS A 85 0.31 -3.67 11.87
C HIS A 85 0.98 -4.63 10.88
N HIS A 86 0.64 -4.43 9.61
CA HIS A 86 1.20 -5.28 8.55
C HIS A 86 2.63 -4.83 8.26
N SER A 87 3.13 -3.93 9.08
CA SER A 87 4.48 -3.42 8.92
C SER A 87 5.45 -4.23 9.79
N THR A 88 4.90 -4.82 10.83
CA THR A 88 5.70 -5.62 11.74
C THR A 88 5.15 -7.05 11.81
N VAL A 89 3.83 -7.14 11.77
CA VAL A 89 3.17 -8.43 11.83
C VAL A 89 2.12 -8.52 10.72
N ALA A 90 2.59 -8.90 9.54
CA ALA A 90 1.70 -9.03 8.39
C ALA A 90 0.75 -10.20 8.61
N ASP A 91 -0.19 -9.99 9.53
CA ASP A 91 -1.16 -11.02 9.84
C ASP A 91 -2.10 -11.21 8.65
N GLY A 92 -2.00 -10.29 7.70
CA GLY A 92 -2.83 -10.35 6.51
C GLY A 92 -1.96 -10.44 5.25
N LEU A 93 -1.27 -9.34 4.97
CA LEU A 93 -0.41 -9.28 3.81
C LEU A 93 0.80 -10.20 4.00
N ILE A 94 1.16 -10.89 2.94
CA ILE A 94 2.29 -11.80 2.99
C ILE A 94 3.50 -11.08 3.57
N THR A 95 4.20 -10.36 2.70
CA THR A 95 5.38 -9.62 3.12
C THR A 95 4.97 -8.34 3.87
N THR A 96 5.94 -7.77 4.58
CA THR A 96 5.70 -6.57 5.34
C THR A 96 6.40 -5.37 4.69
N LEU A 97 5.59 -4.38 4.33
CA LEU A 97 6.12 -3.18 3.71
C LEU A 97 7.52 -2.89 4.26
N HIS A 98 8.44 -2.62 3.34
CA HIS A 98 9.81 -2.32 3.72
C HIS A 98 10.35 -1.18 2.86
N TYR A 99 9.49 -0.19 2.64
CA TYR A 99 9.86 0.96 1.84
C TYR A 99 9.17 2.23 2.35
N PRO A 100 9.26 2.44 3.68
CA PRO A 100 8.66 3.60 4.31
C PRO A 100 9.47 4.86 4.02
N ALA A 101 9.97 4.94 2.79
CA ALA A 101 10.76 6.09 2.38
C ALA A 101 9.83 7.27 2.07
N PRO A 102 9.95 8.32 2.92
CA PRO A 102 9.12 9.51 2.74
C PRO A 102 9.62 10.35 1.57
N LYS A 103 8.83 10.35 0.51
CA LYS A 103 9.18 11.11 -0.69
C LYS A 103 8.44 12.44 -0.67
N ARG A 104 8.98 13.39 -1.43
CA ARG A 104 8.38 14.71 -1.51
C ARG A 104 7.53 14.84 -2.77
N GLY A 105 8.17 14.62 -3.90
CA GLY A 105 7.49 14.70 -5.18
C GLY A 105 8.24 13.93 -6.27
N ILE A 106 8.25 14.50 -7.46
CA ILE A 106 8.94 13.87 -8.58
C ILE A 106 10.11 14.76 -9.01
N HIS A 107 11.31 14.24 -8.78
CA HIS A 107 12.52 14.97 -9.15
C HIS A 107 12.57 15.14 -10.67
N ARG A 108 12.65 14.01 -11.35
CA ARG A 108 12.72 14.02 -12.81
C ARG A 108 14.11 14.46 -13.27
N ASP A 109 14.50 15.65 -12.83
CA ASP A 109 15.79 16.19 -13.19
C ASP A 109 16.27 17.13 -12.09
N GLY A 1 -11.53 16.35 -7.42
CA GLY A 1 -10.78 15.86 -6.28
C GLY A 1 -9.32 16.32 -6.33
N SER A 2 -8.66 15.93 -7.41
CA SER A 2 -7.26 16.30 -7.59
C SER A 2 -6.51 16.20 -6.26
N GLY A 3 -6.07 14.98 -5.95
CA GLY A 3 -5.34 14.75 -4.72
C GLY A 3 -4.04 15.54 -4.69
N ASN A 4 -3.76 16.10 -3.51
CA ASN A 4 -2.54 16.88 -3.33
C ASN A 4 -2.08 16.78 -1.88
N SER A 5 -2.99 17.10 -0.98
CA SER A 5 -2.69 17.06 0.44
C SER A 5 -3.20 15.74 1.03
N LEU A 6 -2.36 14.71 0.93
CA LEU A 6 -2.71 13.41 1.46
C LEU A 6 -1.43 12.67 1.86
N GLU A 7 -0.58 13.38 2.58
CA GLU A 7 0.68 12.81 3.03
C GLU A 7 0.43 11.85 4.20
N LYS A 8 -0.30 10.79 3.91
CA LYS A 8 -0.62 9.80 4.93
C LYS A 8 0.64 9.51 5.76
N HIS A 9 1.30 8.42 5.39
CA HIS A 9 2.51 8.02 6.08
C HIS A 9 3.74 8.43 5.27
N SER A 10 4.91 8.09 5.79
CA SER A 10 6.15 8.42 5.12
C SER A 10 6.45 7.39 4.04
N TRP A 11 5.39 6.89 3.43
CA TRP A 11 5.53 5.89 2.38
C TRP A 11 4.36 6.04 1.42
N TYR A 12 3.61 7.13 1.63
CA TYR A 12 2.46 7.41 0.78
C TYR A 12 2.71 8.63 -0.10
N HIS A 13 2.76 8.39 -1.40
CA HIS A 13 2.99 9.46 -2.35
C HIS A 13 1.84 9.49 -3.37
N GLY A 14 0.73 8.89 -2.98
CA GLY A 14 -0.44 8.84 -3.85
C GLY A 14 -0.75 7.40 -4.27
N PRO A 15 -1.77 7.28 -5.17
CA PRO A 15 -2.17 5.97 -5.66
C PRO A 15 -1.16 5.43 -6.68
N VAL A 16 -0.65 4.26 -6.37
CA VAL A 16 0.33 3.61 -7.24
C VAL A 16 -0.39 2.61 -8.15
N SER A 17 -0.04 2.68 -9.44
CA SER A 17 -0.64 1.79 -10.41
C SER A 17 -0.05 0.39 -10.28
N ARG A 18 -0.93 -0.59 -10.15
CA ARG A 18 -0.51 -1.97 -10.02
C ARG A 18 0.14 -2.45 -11.32
N ASN A 19 -0.63 -2.38 -12.39
CA ASN A 19 -0.13 -2.80 -13.69
C ASN A 19 1.27 -2.24 -13.91
N ALA A 20 1.37 -0.92 -13.80
CA ALA A 20 2.64 -0.24 -13.98
C ALA A 20 3.62 -0.70 -12.88
N ALA A 21 3.11 -0.74 -11.66
CA ALA A 21 3.92 -1.16 -10.53
C ALA A 21 4.74 -2.38 -10.92
N GLU A 22 4.04 -3.39 -11.42
CA GLU A 22 4.68 -4.62 -11.84
C GLU A 22 5.72 -4.34 -12.93
N TYR A 23 5.38 -3.39 -13.78
CA TYR A 23 6.27 -3.01 -14.87
C TYR A 23 7.44 -2.17 -14.36
N LEU A 24 7.11 -0.96 -13.93
CA LEU A 24 8.11 -0.05 -13.41
C LEU A 24 9.02 -0.80 -12.42
N LEU A 25 8.40 -1.69 -11.66
CA LEU A 25 9.14 -2.47 -10.69
C LEU A 25 10.05 -3.46 -11.41
N SER A 26 10.93 -2.91 -12.22
CA SER A 26 11.87 -3.72 -12.97
C SER A 26 13.14 -3.97 -12.15
N SER A 27 13.74 -2.87 -11.72
CA SER A 27 14.96 -2.94 -10.92
C SER A 27 14.65 -2.59 -9.47
N GLY A 28 14.20 -1.35 -9.27
CA GLY A 28 13.87 -0.88 -7.95
C GLY A 28 14.84 -1.45 -6.91
N ILE A 29 14.33 -1.60 -5.68
CA ILE A 29 15.15 -2.12 -4.60
C ILE A 29 14.81 -3.60 -4.39
N ASN A 30 15.49 -4.20 -3.43
CA ASN A 30 15.27 -5.61 -3.13
C ASN A 30 13.98 -5.76 -2.34
N GLY A 31 13.28 -4.64 -2.16
CA GLY A 31 12.04 -4.63 -1.42
C GLY A 31 11.49 -3.22 -1.29
N SER A 32 10.23 -3.06 -1.67
CA SER A 32 9.58 -1.76 -1.60
C SER A 32 8.06 -1.95 -1.53
N PHE A 33 7.47 -1.32 -0.52
CA PHE A 33 6.03 -1.40 -0.33
C PHE A 33 5.36 -0.04 -0.55
N LEU A 34 4.51 0.02 -1.56
CA LEU A 34 3.82 1.25 -1.88
C LEU A 34 2.32 0.96 -2.00
N VAL A 35 1.57 1.48 -1.04
CA VAL A 35 0.13 1.29 -1.02
C VAL A 35 -0.51 2.13 -2.13
N ARG A 36 -1.66 1.67 -2.59
CA ARG A 36 -2.38 2.37 -3.64
C ARG A 36 -3.83 2.63 -3.22
N GLU A 37 -4.60 3.14 -4.16
CA GLU A 37 -6.00 3.43 -3.90
C GLU A 37 -6.83 3.27 -5.18
N SER A 38 -7.95 2.61 -5.04
CA SER A 38 -8.84 2.37 -6.17
C SER A 38 -9.54 3.68 -6.55
N GLU A 39 -9.49 3.99 -7.83
CA GLU A 39 -10.13 5.20 -8.33
C GLU A 39 -11.41 4.85 -9.11
N SER A 40 -12.13 3.88 -8.57
CA SER A 40 -13.37 3.44 -9.19
C SER A 40 -13.92 2.22 -8.45
N SER A 41 -13.82 2.27 -7.13
CA SER A 41 -14.30 1.18 -6.30
C SER A 41 -15.34 1.69 -5.31
N PRO A 42 -15.96 0.73 -4.57
CA PRO A 42 -16.96 1.08 -3.58
C PRO A 42 -16.33 1.68 -2.34
N GLY A 43 -15.01 1.81 -2.38
CA GLY A 43 -14.27 2.37 -1.27
C GLY A 43 -13.20 1.39 -0.77
N GLN A 44 -12.45 0.86 -1.72
CA GLN A 44 -11.39 -0.08 -1.39
C GLN A 44 -10.04 0.43 -1.91
N ARG A 45 -8.99 -0.03 -1.25
CA ARG A 45 -7.64 0.38 -1.64
C ARG A 45 -6.84 -0.84 -2.09
N SER A 46 -5.57 -0.59 -2.39
CA SER A 46 -4.68 -1.66 -2.85
C SER A 46 -3.36 -1.57 -2.10
N ILE A 47 -2.64 -2.68 -2.10
CA ILE A 47 -1.36 -2.75 -1.43
C ILE A 47 -0.30 -3.31 -2.40
N SER A 48 0.80 -2.58 -2.50
CA SER A 48 1.88 -2.99 -3.38
C SER A 48 3.17 -3.16 -2.59
N LEU A 49 3.53 -4.41 -2.35
CA LEU A 49 4.74 -4.72 -1.60
C LEU A 49 5.62 -5.65 -2.43
N ARG A 50 6.90 -5.27 -2.53
CA ARG A 50 7.85 -6.06 -3.29
C ARG A 50 8.95 -6.59 -2.36
N TYR A 51 9.53 -7.72 -2.76
CA TYR A 51 10.59 -8.33 -2.00
C TYR A 51 11.72 -8.80 -2.90
N GLU A 52 12.03 -10.09 -2.79
CA GLU A 52 13.08 -10.68 -3.59
C GLU A 52 12.71 -10.64 -5.07
N GLY A 53 13.25 -9.65 -5.76
CA GLY A 53 13.00 -9.48 -7.17
C GLY A 53 11.60 -9.99 -7.53
N ARG A 54 10.63 -9.57 -6.74
CA ARG A 54 9.25 -9.98 -6.97
C ARG A 54 8.29 -8.88 -6.50
N VAL A 55 7.02 -9.07 -6.82
CA VAL A 55 5.99 -8.11 -6.45
C VAL A 55 4.78 -8.86 -5.90
N TYR A 56 4.12 -8.22 -4.93
CA TYR A 56 2.95 -8.81 -4.32
C TYR A 56 1.74 -7.89 -4.46
N HIS A 57 0.65 -8.47 -4.96
CA HIS A 57 -0.57 -7.71 -5.16
C HIS A 57 -1.64 -8.20 -4.19
N TYR A 58 -1.91 -7.40 -3.17
CA TYR A 58 -2.90 -7.74 -2.17
C TYR A 58 -4.02 -6.69 -2.12
N ARG A 59 -5.17 -7.09 -2.63
CA ARG A 59 -6.32 -6.20 -2.65
C ARG A 59 -6.85 -5.98 -1.23
N ILE A 60 -7.32 -4.77 -0.98
CA ILE A 60 -7.85 -4.42 0.33
C ILE A 60 -9.27 -4.98 0.46
N ASN A 61 -9.37 -6.09 1.17
CA ASN A 61 -10.65 -6.74 1.37
C ASN A 61 -11.42 -6.00 2.48
N THR A 62 -12.74 -6.03 2.37
CA THR A 62 -13.59 -5.37 3.34
C THR A 62 -14.37 -6.40 4.15
N ALA A 63 -14.77 -5.99 5.33
CA ALA A 63 -15.54 -6.87 6.21
C ALA A 63 -17.02 -6.75 5.88
N SER A 64 -17.31 -6.80 4.59
CA SER A 64 -18.68 -6.70 4.14
C SER A 64 -19.47 -5.74 5.03
N ASP A 65 -18.77 -4.71 5.50
CA ASP A 65 -19.39 -3.72 6.36
C ASP A 65 -18.70 -2.36 6.14
N GLY A 66 -17.39 -2.38 6.25
CA GLY A 66 -16.61 -1.17 6.06
C GLY A 66 -15.13 -1.41 6.35
N LYS A 67 -14.87 -1.98 7.52
CA LYS A 67 -13.52 -2.26 7.93
C LYS A 67 -12.76 -2.90 6.76
N LEU A 68 -11.48 -2.56 6.66
CA LEU A 68 -10.65 -3.09 5.59
C LEU A 68 -9.60 -4.02 6.20
N TYR A 69 -9.83 -5.31 6.00
CA TYR A 69 -8.92 -6.32 6.52
C TYR A 69 -8.28 -7.11 5.38
N VAL A 70 -7.12 -7.70 5.69
CA VAL A 70 -6.40 -8.49 4.70
C VAL A 70 -6.48 -9.96 5.08
N SER A 71 -6.49 -10.20 6.38
CA SER A 71 -6.57 -11.57 6.90
C SER A 71 -7.82 -11.74 7.76
N SER A 72 -8.55 -10.64 7.90
CA SER A 72 -9.78 -10.66 8.70
C SER A 72 -9.46 -10.24 10.14
N GLU A 73 -8.45 -10.89 10.71
CA GLU A 73 -8.05 -10.60 12.07
C GLU A 73 -7.29 -9.27 12.12
N SER A 74 -7.14 -8.66 10.96
CA SER A 74 -6.44 -7.40 10.86
C SER A 74 -7.25 -6.41 10.00
N ARG A 75 -8.32 -5.91 10.60
CA ARG A 75 -9.19 -4.96 9.90
C ARG A 75 -8.75 -3.53 10.22
N PHE A 76 -8.80 -2.70 9.19
CA PHE A 76 -8.43 -1.30 9.33
C PHE A 76 -9.39 -0.39 8.56
N ASN A 77 -9.56 0.81 9.09
CA ASN A 77 -10.44 1.79 8.46
C ASN A 77 -9.63 2.64 7.48
N THR A 78 -8.33 2.70 7.72
CA THR A 78 -7.44 3.47 6.87
C THR A 78 -6.29 2.60 6.38
N LEU A 79 -5.98 2.75 5.10
CA LEU A 79 -4.89 1.99 4.49
C LEU A 79 -3.69 2.00 5.44
N ALA A 80 -3.30 3.19 5.83
CA ALA A 80 -2.16 3.36 6.72
C ALA A 80 -2.28 2.34 7.87
N GLU A 81 -3.32 2.49 8.65
CA GLU A 81 -3.56 1.60 9.77
C GLU A 81 -3.32 0.15 9.36
N LEU A 82 -3.50 -0.10 8.07
CA LEU A 82 -3.31 -1.44 7.54
C LEU A 82 -1.82 -1.79 7.56
N VAL A 83 -1.04 -0.99 6.86
CA VAL A 83 0.39 -1.19 6.80
C VAL A 83 0.98 -1.08 8.21
N HIS A 84 0.48 -0.10 8.94
CA HIS A 84 0.94 0.12 10.30
C HIS A 84 1.02 -1.21 11.05
N HIS A 85 -0.14 -1.84 11.17
CA HIS A 85 -0.22 -3.12 11.85
C HIS A 85 0.67 -4.15 11.14
N HIS A 86 0.60 -4.13 9.82
CA HIS A 86 1.39 -5.05 9.02
C HIS A 86 2.86 -4.64 9.09
N SER A 87 3.12 -3.58 9.82
CA SER A 87 4.48 -3.08 9.98
C SER A 87 5.28 -4.02 10.90
N THR A 88 4.60 -4.50 11.92
CA THR A 88 5.22 -5.40 12.88
C THR A 88 4.55 -6.77 12.85
N VAL A 89 3.30 -6.76 12.43
CA VAL A 89 2.53 -8.00 12.34
C VAL A 89 1.78 -8.04 11.01
N ALA A 90 2.49 -8.46 9.97
CA ALA A 90 1.91 -8.55 8.65
C ALA A 90 0.85 -9.65 8.63
N ASP A 91 -0.19 -9.43 9.44
CA ASP A 91 -1.27 -10.39 9.53
C ASP A 91 -2.18 -10.25 8.30
N GLY A 92 -1.54 -10.13 7.14
CA GLY A 92 -2.27 -9.98 5.90
C GLY A 92 -1.34 -10.20 4.70
N LEU A 93 -0.55 -9.18 4.40
CA LEU A 93 0.38 -9.25 3.29
C LEU A 93 1.53 -10.18 3.64
N ILE A 94 2.26 -10.59 2.61
CA ILE A 94 3.38 -11.48 2.80
C ILE A 94 4.48 -10.76 3.59
N THR A 95 5.06 -9.76 2.95
CA THR A 95 6.12 -8.98 3.57
C THR A 95 5.52 -7.91 4.49
N THR A 96 6.32 -7.51 5.47
CA THR A 96 5.89 -6.49 6.41
C THR A 96 6.55 -5.15 6.10
N LEU A 97 5.94 -4.43 5.18
CA LEU A 97 6.46 -3.13 4.77
C LEU A 97 7.95 -3.26 4.43
N HIS A 98 8.52 -2.16 3.98
CA HIS A 98 9.93 -2.13 3.62
C HIS A 98 10.56 -0.84 4.12
N TYR A 99 10.42 0.20 3.31
CA TYR A 99 10.98 1.50 3.65
C TYR A 99 9.86 2.53 3.89
N PRO A 100 9.42 2.61 5.17
CA PRO A 100 8.36 3.54 5.54
C PRO A 100 8.91 4.97 5.60
N ALA A 101 10.10 5.15 5.06
CA ALA A 101 10.73 6.45 5.05
C ALA A 101 10.11 7.31 3.95
N PRO A 102 10.06 8.64 4.21
CA PRO A 102 9.50 9.57 3.25
C PRO A 102 10.45 9.80 2.08
N LYS A 103 9.86 10.18 0.95
CA LYS A 103 10.64 10.42 -0.25
C LYS A 103 11.47 11.70 -0.07
N ARG A 104 12.16 12.08 -1.13
CA ARG A 104 12.99 13.28 -1.09
C ARG A 104 12.12 14.52 -1.08
N GLY A 105 10.91 14.38 -1.61
CA GLY A 105 9.97 15.48 -1.66
C GLY A 105 10.13 16.40 -0.45
N ILE A 106 10.22 15.77 0.72
CA ILE A 106 10.38 16.51 1.96
C ILE A 106 11.81 17.05 2.05
N HIS A 107 12.75 16.13 2.20
CA HIS A 107 14.15 16.49 2.31
C HIS A 107 14.97 15.27 2.73
N ARG A 108 15.84 14.84 1.84
CA ARG A 108 16.68 13.69 2.10
C ARG A 108 17.99 13.79 1.31
N ASP A 109 18.98 13.05 1.77
CA ASP A 109 20.28 13.06 1.11
C ASP A 109 20.18 12.29 -0.21
N GLY A 1 -9.67 15.74 -13.27
CA GLY A 1 -8.47 16.56 -13.12
C GLY A 1 -8.23 16.91 -11.66
N SER A 2 -8.03 15.87 -10.85
CA SER A 2 -7.78 16.06 -9.44
C SER A 2 -6.73 15.06 -8.95
N GLY A 3 -5.94 15.50 -7.99
CA GLY A 3 -4.89 14.66 -7.43
C GLY A 3 -4.92 14.70 -5.90
N ASN A 4 -4.76 15.89 -5.36
CA ASN A 4 -4.76 16.08 -3.93
C ASN A 4 -3.73 15.14 -3.29
N SER A 5 -2.53 15.69 -3.10
CA SER A 5 -1.45 14.92 -2.50
C SER A 5 -1.86 14.44 -1.11
N LEU A 6 -1.05 13.52 -0.58
CA LEU A 6 -1.31 12.97 0.75
C LEU A 6 -0.07 12.22 1.23
N GLU A 7 0.96 12.99 1.55
CA GLU A 7 2.21 12.41 2.03
C GLU A 7 2.05 11.95 3.48
N LYS A 8 1.09 11.08 3.69
CA LYS A 8 0.83 10.56 5.03
C LYS A 8 2.12 9.95 5.59
N HIS A 9 2.23 8.64 5.45
CA HIS A 9 3.39 7.93 5.95
C HIS A 9 4.56 8.15 4.98
N SER A 10 5.73 7.67 5.41
CA SER A 10 6.93 7.81 4.59
C SER A 10 6.96 6.71 3.53
N TRP A 11 5.78 6.30 3.11
CA TRP A 11 5.65 5.26 2.10
C TRP A 11 4.37 5.50 1.32
N TYR A 12 3.70 6.59 1.67
CA TYR A 12 2.45 6.95 1.02
C TYR A 12 2.58 8.29 0.30
N HIS A 13 2.50 8.23 -1.02
CA HIS A 13 2.60 9.43 -1.83
C HIS A 13 1.25 9.73 -2.48
N GLY A 14 0.79 8.79 -3.29
CA GLY A 14 -0.48 8.93 -3.97
C GLY A 14 -0.90 7.61 -4.63
N PRO A 15 -1.91 7.72 -5.54
CA PRO A 15 -2.42 6.56 -6.24
C PRO A 15 -1.43 6.10 -7.33
N VAL A 16 -1.08 4.83 -7.27
CA VAL A 16 -0.15 4.26 -8.23
C VAL A 16 -0.76 2.99 -8.83
N SER A 17 -0.76 2.94 -10.15
CA SER A 17 -1.31 1.79 -10.85
C SER A 17 -0.32 0.62 -10.78
N ARG A 18 -0.88 -0.58 -10.88
CA ARG A 18 -0.06 -1.79 -10.83
C ARG A 18 0.94 -1.81 -11.98
N ASN A 19 0.41 -1.64 -13.18
CA ASN A 19 1.24 -1.63 -14.38
C ASN A 19 2.47 -0.74 -14.14
N ALA A 20 2.19 0.49 -13.75
CA ALA A 20 3.25 1.45 -13.48
C ALA A 20 4.10 0.95 -12.32
N ALA A 21 3.42 0.49 -11.28
CA ALA A 21 4.10 -0.03 -10.10
C ALA A 21 5.28 -0.89 -10.54
N GLU A 22 4.97 -2.06 -11.05
CA GLU A 22 5.99 -2.98 -11.50
C GLU A 22 7.07 -2.23 -12.29
N TYR A 23 6.62 -1.25 -13.07
CA TYR A 23 7.52 -0.46 -13.87
C TYR A 23 8.29 0.55 -13.00
N LEU A 24 7.57 1.57 -12.55
CA LEU A 24 8.16 2.60 -11.72
C LEU A 24 9.04 1.94 -10.65
N LEU A 25 8.49 0.91 -10.03
CA LEU A 25 9.21 0.19 -8.99
C LEU A 25 10.55 -0.28 -9.55
N SER A 26 11.51 0.64 -9.55
CA SER A 26 12.83 0.34 -10.05
C SER A 26 13.68 -0.29 -8.93
N SER A 27 13.43 -1.57 -8.71
CA SER A 27 14.16 -2.30 -7.68
C SER A 27 13.85 -1.72 -6.31
N GLY A 28 14.62 -0.70 -5.93
CA GLY A 28 14.43 -0.05 -4.65
C GLY A 28 15.17 -0.80 -3.54
N ILE A 29 14.40 -1.42 -2.67
CA ILE A 29 14.97 -2.18 -1.56
C ILE A 29 14.78 -3.68 -1.82
N ASN A 30 15.25 -4.47 -0.87
CA ASN A 30 15.14 -5.91 -0.97
C ASN A 30 13.69 -6.33 -0.73
N GLY A 31 12.86 -5.33 -0.43
CA GLY A 31 11.45 -5.58 -0.17
C GLY A 31 10.70 -4.27 0.06
N SER A 32 9.94 -3.88 -0.95
CA SER A 32 9.17 -2.65 -0.87
C SER A 32 7.72 -2.91 -1.31
N PHE A 33 6.80 -2.23 -0.65
CA PHE A 33 5.39 -2.38 -0.97
C PHE A 33 4.80 -1.06 -1.49
N LEU A 34 3.88 -1.19 -2.43
CA LEU A 34 3.24 -0.02 -3.01
C LEU A 34 1.77 0.00 -2.60
N VAL A 35 1.20 1.19 -2.66
CA VAL A 35 -0.20 1.38 -2.29
C VAL A 35 -1.00 1.80 -3.52
N ARG A 36 -2.26 1.40 -3.53
CA ARG A 36 -3.14 1.73 -4.65
C ARG A 36 -4.44 2.36 -4.13
N GLU A 37 -5.22 2.87 -5.07
CA GLU A 37 -6.48 3.51 -4.73
C GLU A 37 -7.62 2.93 -5.57
N SER A 38 -8.83 3.24 -5.17
CA SER A 38 -10.01 2.77 -5.88
C SER A 38 -9.77 2.86 -7.39
N GLU A 39 -10.26 1.85 -8.11
CA GLU A 39 -10.11 1.82 -9.55
C GLU A 39 -11.04 0.75 -10.15
N SER A 40 -12.25 1.18 -10.46
CA SER A 40 -13.23 0.27 -11.04
C SER A 40 -13.88 -0.57 -9.94
N SER A 41 -13.60 -0.19 -8.70
CA SER A 41 -14.14 -0.90 -7.56
C SER A 41 -15.14 -0.01 -6.82
N PRO A 42 -15.72 -0.59 -5.72
CA PRO A 42 -16.68 0.14 -4.92
C PRO A 42 -15.99 1.20 -4.05
N GLY A 43 -14.96 1.81 -4.63
CA GLY A 43 -14.22 2.84 -3.92
C GLY A 43 -13.41 2.24 -2.77
N GLN A 44 -12.44 1.41 -3.14
CA GLN A 44 -11.59 0.77 -2.15
C GLN A 44 -10.12 1.05 -2.45
N ARG A 45 -9.25 0.41 -1.68
CA ARG A 45 -7.82 0.57 -1.86
C ARG A 45 -7.15 -0.77 -2.09
N SER A 46 -5.98 -0.72 -2.70
CA SER A 46 -5.23 -1.93 -3.00
C SER A 46 -3.84 -1.85 -2.35
N ILE A 47 -3.13 -2.97 -2.42
CA ILE A 47 -1.79 -3.04 -1.85
C ILE A 47 -0.84 -3.67 -2.86
N SER A 48 0.42 -3.26 -2.79
CA SER A 48 1.44 -3.77 -3.70
C SER A 48 2.65 -4.24 -2.90
N LEU A 49 3.12 -5.43 -3.24
CA LEU A 49 4.28 -6.01 -2.57
C LEU A 49 5.39 -6.22 -3.59
N ARG A 50 6.62 -6.05 -3.12
CA ARG A 50 7.78 -6.21 -3.97
C ARG A 50 8.84 -7.05 -3.27
N TYR A 51 9.14 -8.21 -3.86
CA TYR A 51 10.13 -9.11 -3.29
C TYR A 51 11.36 -9.20 -4.20
N GLU A 52 12.28 -10.06 -3.80
CA GLU A 52 13.51 -10.25 -4.56
C GLU A 52 13.23 -11.11 -5.79
N GLY A 53 12.08 -10.86 -6.40
CA GLY A 53 11.68 -11.59 -7.60
C GLY A 53 10.74 -10.76 -8.47
N ARG A 54 9.54 -10.56 -7.95
CA ARG A 54 8.55 -9.78 -8.67
C ARG A 54 7.71 -8.95 -7.69
N VAL A 55 6.70 -8.28 -8.24
CA VAL A 55 5.83 -7.45 -7.42
C VAL A 55 4.43 -8.06 -7.40
N TYR A 56 3.97 -8.35 -6.20
CA TYR A 56 2.64 -8.94 -6.02
C TYR A 56 1.59 -7.85 -5.80
N HIS A 57 0.40 -8.10 -6.34
CA HIS A 57 -0.69 -7.15 -6.20
C HIS A 57 -1.84 -7.82 -5.45
N TYR A 58 -2.10 -7.32 -4.25
CA TYR A 58 -3.17 -7.85 -3.42
C TYR A 58 -4.09 -6.74 -2.93
N ARG A 59 -5.28 -6.68 -3.52
CA ARG A 59 -6.25 -5.68 -3.16
C ARG A 59 -6.65 -5.84 -1.69
N ILE A 60 -6.96 -4.71 -1.06
CA ILE A 60 -7.36 -4.71 0.34
C ILE A 60 -8.76 -5.33 0.46
N ASN A 61 -8.99 -5.97 1.60
CA ASN A 61 -10.27 -6.60 1.86
C ASN A 61 -11.00 -5.84 2.96
N THR A 62 -12.27 -5.55 2.71
CA THR A 62 -13.07 -4.83 3.68
C THR A 62 -14.15 -5.76 4.27
N ALA A 63 -14.36 -5.60 5.57
CA ALA A 63 -15.34 -6.40 6.27
C ALA A 63 -16.75 -5.93 5.90
N SER A 64 -17.74 -6.55 6.52
CA SER A 64 -19.13 -6.20 6.26
C SER A 64 -19.51 -4.95 7.05
N ASP A 65 -18.67 -3.92 6.92
CA ASP A 65 -18.91 -2.68 7.61
C ASP A 65 -18.33 -1.52 6.78
N GLY A 66 -17.05 -1.65 6.45
CA GLY A 66 -16.37 -0.63 5.66
C GLY A 66 -14.89 -0.55 6.05
N LYS A 67 -14.57 -1.10 7.21
CA LYS A 67 -13.21 -1.08 7.69
C LYS A 67 -12.36 -2.03 6.84
N LEU A 68 -11.06 -1.80 6.90
CA LEU A 68 -10.13 -2.63 6.14
C LEU A 68 -9.44 -3.61 7.08
N TYR A 69 -9.79 -4.88 6.91
CA TYR A 69 -9.21 -5.93 7.74
C TYR A 69 -8.71 -7.10 6.87
N VAL A 70 -7.41 -7.12 6.65
CA VAL A 70 -6.80 -8.17 5.85
C VAL A 70 -6.85 -9.49 6.62
N SER A 71 -7.12 -9.37 7.92
CA SER A 71 -7.20 -10.54 8.77
C SER A 71 -8.34 -10.38 9.77
N SER A 72 -9.14 -11.44 9.89
CA SER A 72 -10.27 -11.43 10.81
C SER A 72 -9.79 -11.07 12.23
N GLU A 73 -8.49 -11.22 12.44
CA GLU A 73 -7.90 -10.93 13.73
C GLU A 73 -7.23 -9.55 13.70
N SER A 74 -7.17 -8.98 12.51
CA SER A 74 -6.56 -7.67 12.33
C SER A 74 -7.43 -6.80 11.42
N ARG A 75 -8.08 -5.83 12.03
CA ARG A 75 -8.94 -4.92 11.28
C ARG A 75 -8.51 -3.48 11.50
N PHE A 76 -8.59 -2.69 10.43
CA PHE A 76 -8.21 -1.29 10.50
C PHE A 76 -9.20 -0.42 9.73
N ASN A 77 -9.06 0.88 9.90
CA ASN A 77 -9.93 1.83 9.23
C ASN A 77 -9.11 2.65 8.23
N THR A 78 -7.81 2.69 8.48
CA THR A 78 -6.91 3.44 7.62
C THR A 78 -5.77 2.53 7.12
N LEU A 79 -5.50 2.65 5.83
CA LEU A 79 -4.45 1.85 5.23
C LEU A 79 -3.18 1.95 6.08
N ALA A 80 -2.85 3.17 6.45
CA ALA A 80 -1.66 3.40 7.26
C ALA A 80 -1.63 2.39 8.41
N GLU A 81 -2.62 2.51 9.29
CA GLU A 81 -2.71 1.61 10.43
C GLU A 81 -2.55 0.15 9.98
N LEU A 82 -3.17 -0.16 8.85
CA LEU A 82 -3.10 -1.50 8.30
C LEU A 82 -1.64 -1.86 8.02
N VAL A 83 -0.92 -0.90 7.47
CA VAL A 83 0.48 -1.11 7.16
C VAL A 83 1.29 -1.18 8.46
N HIS A 84 1.00 -0.25 9.35
CA HIS A 84 1.68 -0.20 10.63
C HIS A 84 1.78 -1.62 11.22
N HIS A 85 0.63 -2.29 11.25
CA HIS A 85 0.56 -3.64 11.78
C HIS A 85 1.25 -4.60 10.81
N HIS A 86 0.96 -4.40 9.52
CA HIS A 86 1.53 -5.23 8.49
C HIS A 86 2.98 -4.82 8.24
N SER A 87 3.50 -4.03 9.17
CA SER A 87 4.88 -3.55 9.05
C SER A 87 5.81 -4.48 9.84
N THR A 88 5.24 -5.14 10.83
CA THR A 88 6.00 -6.05 11.66
C THR A 88 5.33 -7.43 11.71
N VAL A 89 4.01 -7.40 11.78
CA VAL A 89 3.24 -8.62 11.83
C VAL A 89 2.17 -8.59 10.73
N ALA A 90 2.58 -9.00 9.54
CA ALA A 90 1.67 -9.03 8.41
C ALA A 90 0.72 -10.23 8.54
N ASP A 91 -0.27 -10.07 9.41
CA ASP A 91 -1.24 -11.12 9.63
C ASP A 91 -2.24 -11.14 8.48
N GLY A 92 -1.98 -10.30 7.49
CA GLY A 92 -2.85 -10.22 6.33
C GLY A 92 -2.03 -10.30 5.03
N LEU A 93 -1.26 -9.26 4.79
CA LEU A 93 -0.43 -9.20 3.60
C LEU A 93 0.69 -10.23 3.71
N ILE A 94 1.09 -10.77 2.56
CA ILE A 94 2.14 -11.76 2.51
C ILE A 94 3.32 -11.28 3.37
N THR A 95 4.14 -10.44 2.77
CA THR A 95 5.30 -9.90 3.46
C THR A 95 4.89 -8.75 4.39
N THR A 96 5.89 -8.03 4.85
CA THR A 96 5.65 -6.91 5.74
C THR A 96 6.19 -5.62 5.13
N LEU A 97 5.27 -4.69 4.88
CA LEU A 97 5.63 -3.40 4.30
C LEU A 97 6.96 -2.94 4.90
N HIS A 98 7.93 -2.76 4.01
CA HIS A 98 9.25 -2.32 4.44
C HIS A 98 9.81 -1.33 3.42
N TYR A 99 9.13 -0.20 3.29
CA TYR A 99 9.54 0.82 2.35
C TYR A 99 9.09 2.21 2.81
N PRO A 100 9.33 2.49 4.12
CA PRO A 100 8.95 3.77 4.69
C PRO A 100 9.89 4.88 4.24
N ALA A 101 10.32 4.78 2.99
CA ALA A 101 11.22 5.76 2.42
C ALA A 101 10.45 7.05 2.12
N PRO A 102 10.96 8.17 2.70
CA PRO A 102 10.33 9.47 2.51
C PRO A 102 10.61 10.01 1.11
N LYS A 103 9.66 9.76 0.21
CA LYS A 103 9.79 10.22 -1.16
C LYS A 103 9.49 11.72 -1.22
N ARG A 104 10.22 12.40 -2.11
CA ARG A 104 10.04 13.83 -2.27
C ARG A 104 9.04 14.11 -3.39
N GLY A 105 7.82 14.40 -2.99
CA GLY A 105 6.76 14.70 -3.93
C GLY A 105 7.30 15.47 -5.14
N ILE A 106 6.90 15.02 -6.32
CA ILE A 106 7.34 15.65 -7.55
C ILE A 106 6.70 17.04 -7.66
N HIS A 107 5.43 17.10 -7.30
CA HIS A 107 4.70 18.36 -7.35
C HIS A 107 3.52 18.30 -6.38
N ARG A 108 3.02 19.49 -6.05
CA ARG A 108 1.89 19.58 -5.13
C ARG A 108 2.28 19.04 -3.75
N ASP A 109 2.90 19.92 -2.97
CA ASP A 109 3.33 19.53 -1.63
C ASP A 109 4.22 18.29 -1.71
N GLY A 1 -1.99 25.72 -6.14
CA GLY A 1 -2.52 25.31 -4.85
C GLY A 1 -2.56 23.79 -4.73
N SER A 2 -3.66 23.22 -5.20
CA SER A 2 -3.83 21.78 -5.15
C SER A 2 -4.32 21.35 -3.77
N GLY A 3 -3.59 21.80 -2.75
CA GLY A 3 -3.93 21.47 -1.38
C GLY A 3 -3.50 20.04 -1.03
N ASN A 4 -2.20 19.80 -1.17
CA ASN A 4 -1.66 18.49 -0.87
C ASN A 4 -2.29 17.45 -1.80
N SER A 5 -1.70 16.27 -1.80
CA SER A 5 -2.20 15.19 -2.63
C SER A 5 -2.25 13.89 -1.83
N LEU A 6 -3.28 13.79 -0.99
CA LEU A 6 -3.46 12.61 -0.16
C LEU A 6 -2.10 12.14 0.36
N GLU A 7 -1.35 13.10 0.90
CA GLU A 7 -0.03 12.81 1.44
C GLU A 7 -0.16 12.09 2.78
N LYS A 8 -0.76 10.91 2.74
CA LYS A 8 -0.95 10.11 3.94
C LYS A 8 0.42 9.76 4.53
N HIS A 9 0.63 8.47 4.70
CA HIS A 9 1.90 8.00 5.26
C HIS A 9 3.02 8.18 4.23
N SER A 10 4.20 7.70 4.60
CA SER A 10 5.35 7.81 3.73
C SER A 10 5.25 6.78 2.60
N TRP A 11 4.21 5.96 2.69
CA TRP A 11 4.00 4.93 1.68
C TRP A 11 2.74 5.30 0.88
N TYR A 12 2.30 6.54 1.09
CA TYR A 12 1.11 7.03 0.40
C TYR A 12 1.40 8.37 -0.27
N HIS A 13 1.19 8.39 -1.59
CA HIS A 13 1.42 9.59 -2.36
C HIS A 13 0.15 9.94 -3.15
N GLY A 14 -0.05 9.20 -4.23
CA GLY A 14 -1.21 9.42 -5.08
C GLY A 14 -1.55 8.16 -5.87
N PRO A 15 -2.28 8.36 -7.00
CA PRO A 15 -2.68 7.26 -7.84
C PRO A 15 -1.49 6.72 -8.64
N VAL A 16 -1.06 5.52 -8.27
CA VAL A 16 0.05 4.88 -8.94
C VAL A 16 -0.45 3.67 -9.73
N SER A 17 0.03 3.55 -10.97
CA SER A 17 -0.36 2.45 -11.82
C SER A 17 0.34 1.17 -11.37
N ARG A 18 -0.44 0.10 -11.30
CA ARG A 18 0.08 -1.19 -10.88
C ARG A 18 1.25 -1.61 -11.78
N ASN A 19 1.09 -1.33 -13.06
CA ASN A 19 2.12 -1.66 -14.04
C ASN A 19 3.44 -1.01 -13.62
N ALA A 20 3.39 0.31 -13.50
CA ALA A 20 4.58 1.07 -13.11
C ALA A 20 5.05 0.58 -11.74
N ALA A 21 4.11 0.52 -10.81
CA ALA A 21 4.43 0.08 -9.46
C ALA A 21 5.35 -1.14 -9.53
N GLU A 22 5.11 -1.97 -10.53
CA GLU A 22 5.92 -3.17 -10.72
C GLU A 22 7.30 -2.80 -11.25
N TYR A 23 7.32 -1.87 -12.20
CA TYR A 23 8.56 -1.42 -12.79
C TYR A 23 9.32 -0.49 -11.84
N LEU A 24 8.66 0.60 -11.48
CA LEU A 24 9.25 1.58 -10.58
C LEU A 24 9.99 0.84 -9.46
N LEU A 25 9.29 -0.11 -8.86
CA LEU A 25 9.85 -0.89 -7.76
C LEU A 25 11.21 -1.46 -8.21
N SER A 26 12.25 -0.69 -7.94
CA SER A 26 13.60 -1.10 -8.30
C SER A 26 14.58 -0.71 -7.19
N SER A 27 14.55 0.57 -6.85
CA SER A 27 15.43 1.08 -5.81
C SER A 27 14.89 0.68 -4.43
N GLY A 28 15.61 -0.24 -3.80
CA GLY A 28 15.22 -0.72 -2.49
C GLY A 28 16.00 -1.98 -2.10
N ILE A 29 15.28 -2.91 -1.50
CA ILE A 29 15.89 -4.17 -1.08
C ILE A 29 15.08 -5.34 -1.65
N ASN A 30 15.36 -6.52 -1.13
CA ASN A 30 14.68 -7.72 -1.57
C ASN A 30 13.29 -7.77 -0.95
N GLY A 31 12.83 -6.61 -0.51
CA GLY A 31 11.52 -6.50 0.11
C GLY A 31 11.04 -5.05 0.12
N SER A 32 9.96 -4.80 -0.62
CA SER A 32 9.40 -3.46 -0.69
C SER A 32 7.90 -3.55 -0.99
N PHE A 33 7.20 -2.50 -0.60
CA PHE A 33 5.76 -2.43 -0.82
C PHE A 33 5.33 -1.04 -1.27
N LEU A 34 4.07 -0.94 -1.66
CA LEU A 34 3.52 0.33 -2.11
C LEU A 34 2.01 0.36 -1.85
N VAL A 35 1.38 1.43 -2.29
CA VAL A 35 -0.05 1.60 -2.10
C VAL A 35 -0.67 2.09 -3.39
N ARG A 36 -1.82 1.50 -3.72
CA ARG A 36 -2.52 1.87 -4.94
C ARG A 36 -3.99 2.17 -4.63
N GLU A 37 -4.46 3.29 -5.16
CA GLU A 37 -5.83 3.72 -4.95
C GLU A 37 -6.60 3.67 -6.26
N SER A 38 -7.62 2.81 -6.29
CA SER A 38 -8.45 2.66 -7.48
C SER A 38 -8.88 4.04 -7.99
N GLU A 39 -9.59 4.02 -9.11
CA GLU A 39 -10.07 5.25 -9.71
C GLU A 39 -11.59 5.21 -9.85
N SER A 40 -12.06 4.24 -10.61
CA SER A 40 -13.49 4.09 -10.83
C SER A 40 -14.16 3.50 -9.59
N SER A 41 -13.69 3.96 -8.44
CA SER A 41 -14.23 3.49 -7.17
C SER A 41 -14.55 4.68 -6.25
N PRO A 42 -15.54 4.46 -5.35
CA PRO A 42 -15.93 5.50 -4.42
C PRO A 42 -14.91 5.67 -3.31
N GLY A 43 -13.81 4.93 -3.44
CA GLY A 43 -12.75 4.98 -2.45
C GLY A 43 -12.18 3.59 -2.18
N GLN A 44 -11.48 3.06 -3.17
CA GLN A 44 -10.89 1.75 -3.05
C GLN A 44 -9.37 1.86 -2.83
N ARG A 45 -8.86 0.93 -2.04
CA ARG A 45 -7.43 0.92 -1.73
C ARG A 45 -6.84 -0.46 -2.01
N SER A 46 -5.59 -0.46 -2.45
CA SER A 46 -4.90 -1.70 -2.76
C SER A 46 -3.48 -1.67 -2.18
N ILE A 47 -2.80 -2.79 -2.31
CA ILE A 47 -1.43 -2.90 -1.82
C ILE A 47 -0.57 -3.61 -2.86
N SER A 48 0.56 -2.99 -3.18
CA SER A 48 1.47 -3.55 -4.15
C SER A 48 2.79 -3.92 -3.47
N LEU A 49 2.83 -5.15 -2.96
CA LEU A 49 4.02 -5.64 -2.29
C LEU A 49 4.86 -6.43 -3.28
N ARG A 50 6.16 -6.52 -2.97
CA ARG A 50 7.08 -7.25 -3.83
C ARG A 50 8.19 -7.88 -2.99
N TYR A 51 8.88 -8.84 -3.60
CA TYR A 51 9.97 -9.52 -2.92
C TYR A 51 11.16 -9.74 -3.86
N GLU A 52 11.00 -10.72 -4.73
CA GLU A 52 12.05 -11.03 -5.69
C GLU A 52 12.02 -10.05 -6.86
N GLY A 53 11.85 -10.59 -8.05
CA GLY A 53 11.80 -9.78 -9.24
C GLY A 53 10.36 -9.61 -9.74
N ARG A 54 9.44 -9.63 -8.79
CA ARG A 54 8.02 -9.48 -9.11
C ARG A 54 7.30 -8.77 -7.98
N VAL A 55 6.18 -8.15 -8.33
CA VAL A 55 5.37 -7.44 -7.36
C VAL A 55 3.95 -7.98 -7.37
N TYR A 56 3.41 -8.18 -6.17
CA TYR A 56 2.06 -8.70 -6.04
C TYR A 56 1.06 -7.57 -5.77
N HIS A 57 -0.05 -7.63 -6.48
CA HIS A 57 -1.09 -6.61 -6.32
C HIS A 57 -2.32 -7.24 -5.66
N TYR A 58 -2.56 -6.84 -4.42
CA TYR A 58 -3.70 -7.34 -3.68
C TYR A 58 -4.54 -6.19 -3.11
N ARG A 59 -5.78 -6.13 -3.57
CA ARG A 59 -6.69 -5.09 -3.11
C ARG A 59 -6.92 -5.22 -1.60
N ILE A 60 -7.30 -4.10 -1.00
CA ILE A 60 -7.57 -4.07 0.43
C ILE A 60 -8.79 -4.92 0.74
N ASN A 61 -8.60 -5.85 1.68
CA ASN A 61 -9.67 -6.74 2.07
C ASN A 61 -10.50 -6.07 3.17
N THR A 62 -11.79 -5.96 2.91
CA THR A 62 -12.71 -5.34 3.86
C THR A 62 -13.68 -6.38 4.41
N ALA A 63 -13.93 -6.29 5.71
CA ALA A 63 -14.83 -7.21 6.37
C ALA A 63 -16.27 -6.93 5.91
N SER A 64 -17.20 -7.68 6.47
CA SER A 64 -18.59 -7.54 6.13
C SER A 64 -19.22 -6.40 6.95
N ASP A 65 -18.49 -5.30 7.03
CA ASP A 65 -18.95 -4.15 7.78
C ASP A 65 -18.37 -2.87 7.15
N GLY A 66 -17.06 -2.84 7.06
CA GLY A 66 -16.37 -1.69 6.48
C GLY A 66 -14.89 -1.68 6.90
N LYS A 67 -14.63 -2.24 8.06
CA LYS A 67 -13.27 -2.30 8.58
C LYS A 67 -12.36 -2.96 7.54
N LEU A 68 -11.08 -2.67 7.66
CA LEU A 68 -10.10 -3.22 6.74
C LEU A 68 -9.30 -4.31 7.46
N TYR A 69 -9.47 -5.54 6.98
CA TYR A 69 -8.77 -6.67 7.56
C TYR A 69 -8.21 -7.58 6.46
N VAL A 70 -6.92 -7.87 6.59
CA VAL A 70 -6.26 -8.73 5.62
C VAL A 70 -6.29 -10.18 6.13
N SER A 71 -6.42 -10.30 7.45
CA SER A 71 -6.46 -11.61 8.06
C SER A 71 -7.77 -11.79 8.83
N SER A 72 -7.82 -11.16 9.99
CA SER A 72 -9.01 -11.23 10.84
C SER A 72 -8.69 -10.72 12.24
N GLU A 73 -7.75 -11.40 12.88
CA GLU A 73 -7.35 -11.03 14.23
C GLU A 73 -6.52 -9.73 14.20
N SER A 74 -6.27 -9.27 12.98
CA SER A 74 -5.50 -8.04 12.80
C SER A 74 -6.27 -7.07 11.90
N ARG A 75 -7.55 -6.92 12.19
CA ARG A 75 -8.40 -6.03 11.42
C ARG A 75 -8.02 -4.57 11.69
N PHE A 76 -8.50 -3.70 10.81
CA PHE A 76 -8.22 -2.28 10.94
C PHE A 76 -9.40 -1.44 10.46
N ASN A 77 -9.26 -0.13 10.61
CA ASN A 77 -10.31 0.79 10.18
C ASN A 77 -9.77 1.70 9.09
N THR A 78 -8.45 1.90 9.12
CA THR A 78 -7.80 2.75 8.15
C THR A 78 -6.63 2.01 7.50
N LEU A 79 -6.44 2.27 6.20
CA LEU A 79 -5.37 1.63 5.47
C LEU A 79 -4.08 1.70 6.29
N ALA A 80 -3.73 2.92 6.69
CA ALA A 80 -2.53 3.12 7.48
C ALA A 80 -2.45 2.05 8.57
N GLU A 81 -3.43 2.08 9.46
CA GLU A 81 -3.48 1.13 10.55
C GLU A 81 -3.18 -0.28 10.03
N LEU A 82 -3.46 -0.48 8.75
CA LEU A 82 -3.23 -1.78 8.13
C LEU A 82 -1.73 -2.04 8.06
N VAL A 83 -1.03 -1.14 7.38
CA VAL A 83 0.42 -1.26 7.23
C VAL A 83 1.07 -1.13 8.61
N HIS A 84 0.54 -0.23 9.41
CA HIS A 84 1.06 0.01 10.74
C HIS A 84 1.30 -1.33 11.44
N HIS A 85 0.24 -2.12 11.52
CA HIS A 85 0.33 -3.42 12.15
C HIS A 85 1.22 -4.34 11.32
N HIS A 86 0.96 -4.35 10.03
CA HIS A 86 1.73 -5.19 9.11
C HIS A 86 3.16 -4.68 9.04
N SER A 87 3.42 -3.61 9.78
CA SER A 87 4.74 -3.01 9.82
C SER A 87 5.67 -3.84 10.72
N THR A 88 5.10 -4.32 11.81
CA THR A 88 5.85 -5.13 12.76
C THR A 88 5.27 -6.53 12.84
N VAL A 89 3.98 -6.64 12.53
CA VAL A 89 3.29 -7.91 12.57
C VAL A 89 2.42 -8.05 11.32
N ALA A 90 3.04 -8.58 10.26
CA ALA A 90 2.33 -8.76 9.01
C ALA A 90 1.42 -9.99 9.12
N ASP A 91 0.54 -9.94 10.11
CA ASP A 91 -0.38 -11.03 10.34
C ASP A 91 -1.52 -10.95 9.32
N GLY A 92 -1.13 -10.78 8.07
CA GLY A 92 -2.11 -10.68 6.99
C GLY A 92 -1.42 -10.76 5.63
N LEU A 93 -0.63 -9.74 5.34
CA LEU A 93 0.08 -9.69 4.07
C LEU A 93 1.32 -10.58 4.14
N ILE A 94 1.54 -11.33 3.08
CA ILE A 94 2.66 -12.24 3.00
C ILE A 94 3.90 -11.55 3.58
N THR A 95 4.55 -10.77 2.73
CA THR A 95 5.75 -10.04 3.14
C THR A 95 5.37 -8.91 4.11
N THR A 96 6.34 -8.57 4.95
CA THR A 96 6.13 -7.50 5.92
C THR A 96 6.76 -6.19 5.42
N LEU A 97 5.91 -5.20 5.25
CA LEU A 97 6.35 -3.90 4.78
C LEU A 97 7.84 -3.74 5.09
N HIS A 98 8.55 -3.14 4.14
CA HIS A 98 9.98 -2.93 4.30
C HIS A 98 10.24 -1.47 4.66
N TYR A 99 10.15 -0.61 3.64
CA TYR A 99 10.37 0.81 3.83
C TYR A 99 9.49 1.63 2.90
N PRO A 100 8.81 2.65 3.49
CA PRO A 100 7.94 3.52 2.73
C PRO A 100 8.75 4.51 1.88
N ALA A 101 9.15 4.04 0.71
CA ALA A 101 9.93 4.86 -0.20
C ALA A 101 9.30 6.26 -0.27
N PRO A 102 10.16 7.26 -0.56
CA PRO A 102 9.71 8.64 -0.66
C PRO A 102 8.96 8.87 -1.97
N LYS A 103 8.08 9.86 -1.95
CA LYS A 103 7.30 10.20 -3.13
C LYS A 103 8.15 11.05 -4.08
N ARG A 104 8.61 10.42 -5.14
CA ARG A 104 9.44 11.10 -6.13
C ARG A 104 8.58 12.09 -6.93
N GLY A 105 9.08 13.32 -7.02
CA GLY A 105 8.37 14.35 -7.76
C GLY A 105 9.30 15.04 -8.76
N ILE A 106 8.69 15.73 -9.72
CA ILE A 106 9.44 16.43 -10.74
C ILE A 106 8.87 17.84 -10.91
N HIS A 107 9.02 18.64 -9.87
CA HIS A 107 8.52 20.00 -9.90
C HIS A 107 7.18 20.04 -10.63
N ARG A 108 6.23 19.28 -10.10
CA ARG A 108 4.90 19.21 -10.68
C ARG A 108 4.30 20.61 -10.79
N ASP A 109 4.25 21.11 -12.01
CA ASP A 109 3.70 22.45 -12.25
C ASP A 109 2.21 22.33 -12.55
N GLY A 1 -2.44 17.22 6.01
CA GLY A 1 -1.37 18.04 5.48
C GLY A 1 -1.67 18.44 4.02
N SER A 2 -2.00 19.72 3.85
CA SER A 2 -2.30 20.23 2.52
C SER A 2 -1.00 20.43 1.73
N GLY A 3 -0.49 19.32 1.22
CA GLY A 3 0.73 19.35 0.44
C GLY A 3 0.47 18.91 -1.01
N ASN A 4 -0.42 19.65 -1.66
CA ASN A 4 -0.77 19.36 -3.04
C ASN A 4 -1.52 18.03 -3.10
N SER A 5 -0.83 16.96 -2.72
CA SER A 5 -1.43 15.64 -2.73
C SER A 5 -1.52 15.11 -1.30
N LEU A 6 -2.42 14.15 -1.12
CA LEU A 6 -2.62 13.55 0.19
C LEU A 6 -1.53 12.52 0.44
N GLU A 7 -0.34 13.02 0.71
CA GLU A 7 0.80 12.15 0.97
C GLU A 7 0.71 11.57 2.38
N LYS A 8 -0.25 10.66 2.55
CA LYS A 8 -0.46 10.02 3.83
C LYS A 8 0.90 9.62 4.42
N HIS A 9 1.26 8.37 4.19
CA HIS A 9 2.53 7.85 4.69
C HIS A 9 3.51 7.71 3.54
N SER A 10 4.65 7.09 3.84
CA SER A 10 5.68 6.88 2.84
C SER A 10 5.38 5.63 2.02
N TRP A 11 4.12 5.23 2.06
CA TRP A 11 3.68 4.05 1.33
C TRP A 11 2.37 4.38 0.62
N TYR A 12 2.08 5.67 0.55
CA TYR A 12 0.87 6.14 -0.09
C TYR A 12 1.19 6.90 -1.38
N HIS A 13 0.82 6.28 -2.50
CA HIS A 13 1.07 6.89 -3.80
C HIS A 13 -0.25 7.43 -4.36
N GLY A 14 -1.03 6.52 -4.92
CA GLY A 14 -2.31 6.87 -5.51
C GLY A 14 -3.15 5.64 -5.81
N PRO A 15 -3.54 5.50 -7.10
CA PRO A 15 -4.35 4.37 -7.53
C PRO A 15 -3.50 3.10 -7.62
N VAL A 16 -4.17 1.96 -7.51
CA VAL A 16 -3.49 0.68 -7.57
C VAL A 16 -3.01 0.43 -8.99
N SER A 17 -2.13 1.32 -9.45
CA SER A 17 -1.59 1.22 -10.79
C SER A 17 -0.50 0.15 -10.82
N ARG A 18 -0.90 -1.07 -10.51
CA ARG A 18 0.04 -2.19 -10.49
C ARG A 18 0.96 -2.13 -11.72
N ASN A 19 0.36 -1.77 -12.85
CA ASN A 19 1.11 -1.67 -14.09
C ASN A 19 2.34 -0.79 -13.86
N ALA A 20 2.08 0.44 -13.43
CA ALA A 20 3.15 1.38 -13.16
C ALA A 20 3.99 0.89 -11.99
N ALA A 21 3.29 0.45 -10.95
CA ALA A 21 3.96 -0.05 -9.75
C ALA A 21 5.12 -0.95 -10.17
N GLU A 22 4.85 -1.80 -11.15
CA GLU A 22 5.86 -2.71 -11.64
C GLU A 22 7.01 -1.94 -12.29
N TYR A 23 6.64 -0.98 -13.12
CA TYR A 23 7.63 -0.16 -13.81
C TYR A 23 8.31 0.81 -12.84
N LEU A 24 7.49 1.70 -12.27
CA LEU A 24 8.00 2.69 -11.34
C LEU A 24 8.96 2.00 -10.37
N LEU A 25 8.78 0.71 -10.20
CA LEU A 25 9.62 -0.06 -9.30
C LEU A 25 11.09 0.20 -9.63
N SER A 26 11.63 1.23 -8.98
CA SER A 26 13.01 1.60 -9.20
C SER A 26 13.76 1.64 -7.87
N SER A 27 14.87 2.36 -7.86
CA SER A 27 15.68 2.49 -6.66
C SER A 27 16.53 1.22 -6.48
N GLY A 28 15.85 0.08 -6.44
CA GLY A 28 16.53 -1.18 -6.27
C GLY A 28 16.98 -1.37 -4.83
N ILE A 29 16.02 -1.75 -3.98
CA ILE A 29 16.30 -1.97 -2.58
C ILE A 29 16.26 -3.46 -2.28
N ASN A 30 16.54 -3.80 -1.03
CA ASN A 30 16.55 -5.18 -0.60
C ASN A 30 15.10 -5.67 -0.46
N GLY A 31 14.17 -4.78 -0.77
CA GLY A 31 12.76 -5.10 -0.68
C GLY A 31 11.97 -3.94 -0.07
N SER A 32 10.85 -3.63 -0.71
CA SER A 32 10.00 -2.55 -0.23
C SER A 32 8.57 -2.74 -0.76
N PHE A 33 7.63 -2.16 -0.03
CA PHE A 33 6.23 -2.26 -0.41
C PHE A 33 5.67 -0.89 -0.79
N LEU A 34 4.45 -0.91 -1.32
CA LEU A 34 3.79 0.31 -1.73
C LEU A 34 2.27 0.13 -1.63
N VAL A 35 1.65 1.09 -0.96
CA VAL A 35 0.20 1.05 -0.78
C VAL A 35 -0.46 1.93 -1.85
N ARG A 36 -1.55 1.40 -2.40
CA ARG A 36 -2.28 2.12 -3.43
C ARG A 36 -3.77 2.18 -3.08
N GLU A 37 -4.53 2.80 -3.97
CA GLU A 37 -5.96 2.94 -3.76
C GLU A 37 -6.72 2.38 -4.96
N SER A 38 -7.74 1.58 -4.67
CA SER A 38 -8.56 0.98 -5.71
C SER A 38 -8.96 2.04 -6.73
N GLU A 39 -8.89 1.66 -7.99
CA GLU A 39 -9.24 2.56 -9.08
C GLU A 39 -10.73 2.43 -9.41
N SER A 40 -11.56 2.92 -8.51
CA SER A 40 -12.99 2.86 -8.69
C SER A 40 -13.71 3.29 -7.42
N SER A 41 -13.30 2.68 -6.31
CA SER A 41 -13.90 3.00 -5.02
C SER A 41 -12.84 3.57 -4.08
N PRO A 42 -12.98 4.88 -3.77
CA PRO A 42 -12.04 5.56 -2.89
C PRO A 42 -12.27 5.15 -1.43
N GLY A 43 -12.27 3.84 -1.21
CA GLY A 43 -12.48 3.32 0.13
C GLY A 43 -11.54 2.14 0.40
N GLN A 44 -11.32 1.35 -0.63
CA GLN A 44 -10.45 0.19 -0.52
C GLN A 44 -9.10 0.48 -1.17
N ARG A 45 -8.05 0.02 -0.52
CA ARG A 45 -6.70 0.22 -1.02
C ARG A 45 -5.98 -1.12 -1.19
N SER A 46 -5.07 -1.16 -2.14
CA SER A 46 -4.32 -2.37 -2.41
C SER A 46 -2.91 -2.26 -1.81
N ILE A 47 -2.15 -3.34 -1.96
CA ILE A 47 -0.80 -3.37 -1.44
C ILE A 47 0.14 -3.97 -2.49
N SER A 48 1.32 -3.38 -2.59
CA SER A 48 2.31 -3.83 -3.55
C SER A 48 3.66 -4.07 -2.85
N LEU A 49 4.15 -5.28 -3.00
CA LEU A 49 5.43 -5.65 -2.38
C LEU A 49 6.48 -5.83 -3.48
N ARG A 50 7.73 -5.73 -3.07
CA ARG A 50 8.84 -5.88 -4.01
C ARG A 50 10.08 -6.38 -3.27
N TYR A 51 10.87 -7.18 -3.98
CA TYR A 51 12.10 -7.72 -3.41
C TYR A 51 13.28 -7.52 -4.36
N GLU A 52 13.62 -8.59 -5.07
CA GLU A 52 14.73 -8.54 -6.01
C GLU A 52 14.20 -8.45 -7.44
N GLY A 53 13.09 -7.73 -7.58
CA GLY A 53 12.48 -7.55 -8.88
C GLY A 53 11.01 -7.99 -8.86
N ARG A 54 10.76 -9.06 -8.13
CA ARG A 54 9.41 -9.58 -8.03
C ARG A 54 8.53 -8.64 -7.20
N VAL A 55 7.32 -8.43 -7.68
CA VAL A 55 6.38 -7.56 -7.00
C VAL A 55 5.03 -8.26 -6.89
N TYR A 56 4.48 -8.24 -5.67
CA TYR A 56 3.20 -8.86 -5.42
C TYR A 56 2.09 -7.82 -5.28
N HIS A 57 1.03 -8.03 -6.03
CA HIS A 57 -0.10 -7.12 -6.00
C HIS A 57 -1.31 -7.81 -5.36
N TYR A 58 -1.59 -7.43 -4.13
CA TYR A 58 -2.70 -8.00 -3.39
C TYR A 58 -3.62 -6.90 -2.85
N ARG A 59 -4.73 -6.70 -3.54
CA ARG A 59 -5.69 -5.70 -3.13
C ARG A 59 -6.42 -6.12 -1.85
N ILE A 60 -6.86 -5.14 -1.09
CA ILE A 60 -7.57 -5.40 0.15
C ILE A 60 -9.08 -5.22 -0.06
N ASN A 61 -9.84 -5.64 0.93
CA ASN A 61 -11.28 -5.53 0.86
C ASN A 61 -11.81 -4.91 2.16
N THR A 62 -13.12 -4.73 2.20
CA THR A 62 -13.75 -4.14 3.37
C THR A 62 -14.64 -5.18 4.06
N ALA A 63 -14.84 -4.97 5.37
CA ALA A 63 -15.66 -5.87 6.15
C ALA A 63 -17.13 -5.71 5.73
N SER A 64 -17.65 -4.51 5.98
CA SER A 64 -19.03 -4.21 5.65
C SER A 64 -19.37 -2.77 6.02
N ASP A 65 -19.04 -2.43 7.26
CA ASP A 65 -19.31 -1.09 7.75
C ASP A 65 -18.34 -0.10 7.08
N GLY A 66 -17.10 -0.54 6.94
CA GLY A 66 -16.08 0.28 6.32
C GLY A 66 -14.67 -0.21 6.67
N LYS A 67 -14.59 -0.87 7.83
CA LYS A 67 -13.33 -1.39 8.29
C LYS A 67 -12.62 -2.11 7.15
N LEU A 68 -11.33 -1.85 7.03
CA LEU A 68 -10.53 -2.47 5.98
C LEU A 68 -9.67 -3.58 6.59
N TYR A 69 -9.90 -4.80 6.10
CA TYR A 69 -9.15 -5.94 6.59
C TYR A 69 -8.42 -6.65 5.44
N VAL A 70 -7.27 -7.22 5.78
CA VAL A 70 -6.48 -7.93 4.79
C VAL A 70 -6.59 -9.44 5.03
N SER A 71 -7.05 -9.78 6.23
CA SER A 71 -7.21 -11.17 6.60
C SER A 71 -8.56 -11.38 7.30
N SER A 72 -9.31 -10.30 7.40
CA SER A 72 -10.61 -10.34 8.04
C SER A 72 -10.45 -10.27 9.56
N GLU A 73 -9.54 -11.10 10.07
CA GLU A 73 -9.28 -11.14 11.49
C GLU A 73 -8.45 -9.93 11.92
N SER A 74 -8.10 -9.12 10.93
CA SER A 74 -7.29 -7.94 11.19
C SER A 74 -7.86 -6.74 10.41
N ARG A 75 -9.02 -6.28 10.85
CA ARG A 75 -9.68 -5.16 10.22
C ARG A 75 -9.17 -3.84 10.80
N PHE A 76 -9.08 -2.84 9.93
CA PHE A 76 -8.61 -1.53 10.34
C PHE A 76 -9.46 -0.42 9.72
N ASN A 77 -9.86 0.52 10.56
CA ASN A 77 -10.67 1.63 10.11
C ASN A 77 -9.78 2.65 9.37
N THR A 78 -8.55 2.74 9.84
CA THR A 78 -7.58 3.65 9.26
C THR A 78 -6.52 2.89 8.48
N LEU A 79 -6.11 3.47 7.35
CA LEU A 79 -5.10 2.86 6.52
C LEU A 79 -3.84 2.63 7.34
N ALA A 80 -3.27 3.72 7.83
CA ALA A 80 -2.06 3.64 8.63
C ALA A 80 -2.19 2.50 9.63
N GLU A 81 -3.26 2.54 10.40
CA GLU A 81 -3.52 1.51 11.40
C GLU A 81 -3.26 0.12 10.80
N LEU A 82 -3.64 -0.02 9.54
CA LEU A 82 -3.46 -1.30 8.85
C LEU A 82 -1.96 -1.64 8.83
N VAL A 83 -1.20 -0.77 8.20
CA VAL A 83 0.24 -0.96 8.09
C VAL A 83 0.83 -1.09 9.50
N HIS A 84 0.28 -0.32 10.42
CA HIS A 84 0.75 -0.32 11.80
C HIS A 84 0.89 -1.78 12.28
N HIS A 85 -0.24 -2.48 12.24
CA HIS A 85 -0.25 -3.87 12.67
C HIS A 85 0.60 -4.72 11.71
N HIS A 86 0.27 -4.60 10.43
CA HIS A 86 0.98 -5.34 9.40
C HIS A 86 2.44 -4.88 9.37
N SER A 87 2.78 -4.00 10.29
CA SER A 87 4.13 -3.47 10.38
C SER A 87 5.08 -4.57 10.88
N THR A 88 4.68 -5.20 11.97
CA THR A 88 5.47 -6.26 12.57
C THR A 88 4.74 -7.61 12.46
N VAL A 89 3.43 -7.51 12.37
CA VAL A 89 2.60 -8.71 12.26
C VAL A 89 1.72 -8.61 11.01
N ALA A 90 2.35 -8.87 9.87
CA ALA A 90 1.64 -8.82 8.60
C ALA A 90 0.70 -10.02 8.50
N ASP A 91 -0.30 -10.02 9.36
CA ASP A 91 -1.27 -11.10 9.37
C ASP A 91 -2.28 -10.88 8.25
N GLY A 92 -1.82 -10.19 7.22
CA GLY A 92 -2.68 -9.91 6.06
C GLY A 92 -1.89 -9.98 4.76
N LEU A 93 -0.99 -9.01 4.60
CA LEU A 93 -0.16 -8.96 3.40
C LEU A 93 0.70 -10.22 3.33
N ILE A 94 1.09 -10.55 2.10
CA ILE A 94 1.90 -11.73 1.87
C ILE A 94 3.01 -11.79 2.92
N THR A 95 4.08 -11.06 2.67
CA THR A 95 5.21 -11.01 3.58
C THR A 95 4.91 -10.06 4.75
N THR A 96 5.89 -9.20 5.02
CA THR A 96 5.74 -8.25 6.10
C THR A 96 6.01 -6.83 5.60
N LEU A 97 5.78 -5.87 6.48
CA LEU A 97 6.00 -4.46 6.13
C LEU A 97 7.32 -3.99 6.73
N HIS A 98 8.24 -3.62 5.86
CA HIS A 98 9.54 -3.15 6.29
C HIS A 98 9.58 -1.62 6.21
N TYR A 99 10.17 -1.13 5.12
CA TYR A 99 10.28 0.31 4.92
C TYR A 99 9.95 0.68 3.48
N PRO A 100 8.77 1.34 3.30
CA PRO A 100 8.34 1.75 1.98
C PRO A 100 9.14 2.97 1.50
N ALA A 101 10.17 2.70 0.73
CA ALA A 101 11.01 3.76 0.20
C ALA A 101 10.14 4.93 -0.25
N PRO A 102 10.79 6.11 -0.41
CA PRO A 102 10.08 7.31 -0.83
C PRO A 102 9.74 7.25 -2.32
N LYS A 103 8.53 7.71 -2.64
CA LYS A 103 8.08 7.71 -4.02
C LYS A 103 8.10 9.14 -4.55
N ARG A 104 8.22 9.25 -5.87
CA ARG A 104 8.26 10.55 -6.51
C ARG A 104 6.87 10.92 -7.04
N GLY A 105 6.47 12.15 -6.76
CA GLY A 105 5.17 12.64 -7.20
C GLY A 105 4.84 12.12 -8.60
N ILE A 106 3.55 12.02 -8.87
CA ILE A 106 3.08 11.54 -10.16
C ILE A 106 2.92 12.74 -11.12
N HIS A 107 3.60 12.64 -12.25
CA HIS A 107 3.54 13.69 -13.25
C HIS A 107 2.39 13.41 -14.22
N ARG A 108 1.18 13.41 -13.68
CA ARG A 108 0.00 13.16 -14.49
C ARG A 108 0.02 11.73 -15.04
N ASP A 109 0.98 11.49 -15.93
CA ASP A 109 1.13 10.18 -16.53
C ASP A 109 -0.27 9.61 -16.84
N GLY A 1 -12.37 17.02 -5.82
CA GLY A 1 -11.11 16.99 -5.09
C GLY A 1 -10.61 15.55 -4.92
N SER A 2 -11.45 14.75 -4.27
CA SER A 2 -11.10 13.35 -4.04
C SER A 2 -9.70 13.25 -3.43
N GLY A 3 -9.63 13.52 -2.13
CA GLY A 3 -8.36 13.47 -1.42
C GLY A 3 -7.23 14.04 -2.27
N ASN A 4 -7.28 15.36 -2.45
CA ASN A 4 -6.28 16.04 -3.24
C ASN A 4 -4.89 15.68 -2.71
N SER A 5 -4.24 14.75 -3.41
CA SER A 5 -2.91 14.32 -3.01
C SER A 5 -2.82 14.20 -1.50
N LEU A 6 -3.30 13.07 -0.99
CA LEU A 6 -3.28 12.82 0.44
C LEU A 6 -1.97 12.10 0.81
N GLU A 7 -0.96 12.91 1.12
CA GLU A 7 0.33 12.37 1.49
C GLU A 7 0.30 11.85 2.92
N LYS A 8 -0.56 10.87 3.15
CA LYS A 8 -0.70 10.28 4.47
C LYS A 8 0.66 9.81 4.96
N HIS A 9 0.87 8.50 4.88
CA HIS A 9 2.12 7.90 5.31
C HIS A 9 3.13 7.97 4.17
N SER A 10 4.29 7.37 4.41
CA SER A 10 5.35 7.36 3.41
C SER A 10 5.08 6.28 2.37
N TRP A 11 3.92 5.64 2.52
CA TRP A 11 3.54 4.59 1.59
C TRP A 11 2.21 5.00 0.94
N TYR A 12 1.87 6.26 1.13
CA TYR A 12 0.64 6.79 0.55
C TYR A 12 0.94 7.92 -0.43
N HIS A 13 0.71 7.63 -1.71
CA HIS A 13 0.95 8.61 -2.75
C HIS A 13 -0.36 8.93 -3.46
N GLY A 14 -0.72 8.05 -4.39
CA GLY A 14 -1.95 8.22 -5.15
C GLY A 14 -2.27 6.97 -5.96
N PRO A 15 -3.04 7.17 -7.06
CA PRO A 15 -3.44 6.07 -7.91
C PRO A 15 -2.25 5.61 -8.78
N VAL A 16 -1.86 4.37 -8.56
CA VAL A 16 -0.75 3.78 -9.30
C VAL A 16 -1.10 2.35 -9.71
N SER A 17 -1.06 2.11 -11.01
CA SER A 17 -1.37 0.79 -11.54
C SER A 17 -0.31 -0.21 -11.08
N ARG A 18 -0.69 -1.48 -11.15
CA ARG A 18 0.21 -2.55 -10.74
C ARG A 18 1.49 -2.51 -11.58
N ASN A 19 1.31 -2.37 -12.88
CA ASN A 19 2.43 -2.31 -13.81
C ASN A 19 3.39 -1.21 -13.35
N ALA A 20 2.85 0.00 -13.25
CA ALA A 20 3.65 1.14 -12.83
C ALA A 20 4.16 0.91 -11.42
N ALA A 21 3.30 0.37 -10.58
CA ALA A 21 3.65 0.09 -9.20
C ALA A 21 5.03 -0.57 -9.15
N GLU A 22 5.21 -1.57 -10.02
CA GLU A 22 6.47 -2.29 -10.09
C GLU A 22 7.57 -1.37 -10.62
N TYR A 23 7.18 -0.48 -11.52
CA TYR A 23 8.11 0.46 -12.11
C TYR A 23 8.47 1.57 -11.13
N LEU A 24 7.46 2.37 -10.81
CA LEU A 24 7.65 3.48 -9.89
C LEU A 24 8.50 3.01 -8.70
N LEU A 25 8.36 1.72 -8.38
CA LEU A 25 9.10 1.14 -7.28
C LEU A 25 10.60 1.41 -7.48
N SER A 26 11.32 1.31 -6.38
CA SER A 26 12.76 1.54 -6.42
C SER A 26 13.47 0.33 -7.03
N SER A 27 12.95 -0.11 -8.17
CA SER A 27 13.52 -1.25 -8.86
C SER A 27 13.66 -2.44 -7.89
N GLY A 28 13.81 -3.61 -8.47
CA GLY A 28 13.97 -4.82 -7.68
C GLY A 28 14.80 -4.56 -6.42
N ILE A 29 14.19 -4.83 -5.29
CA ILE A 29 14.87 -4.62 -4.01
C ILE A 29 14.77 -5.91 -3.18
N ASN A 30 15.24 -5.81 -1.95
CA ASN A 30 15.22 -6.95 -1.04
C ASN A 30 13.80 -7.15 -0.51
N GLY A 31 12.91 -6.26 -0.95
CA GLY A 31 11.53 -6.32 -0.52
C GLY A 31 10.98 -4.93 -0.20
N SER A 32 10.13 -4.44 -1.10
CA SER A 32 9.53 -3.12 -0.92
C SER A 32 8.02 -3.20 -1.13
N PHE A 33 7.34 -2.21 -0.60
CA PHE A 33 5.89 -2.15 -0.71
C PHE A 33 5.43 -0.76 -1.13
N LEU A 34 4.26 -0.72 -1.76
CA LEU A 34 3.70 0.53 -2.22
C LEU A 34 2.18 0.39 -2.34
N VAL A 35 1.47 1.19 -1.55
CA VAL A 35 0.02 1.16 -1.56
C VAL A 35 -0.48 1.78 -2.87
N ARG A 36 -1.53 1.17 -3.40
CA ARG A 36 -2.12 1.66 -4.64
C ARG A 36 -3.63 1.89 -4.46
N GLU A 37 -4.28 2.21 -5.56
CA GLU A 37 -5.71 2.46 -5.54
C GLU A 37 -6.44 1.43 -6.40
N SER A 38 -7.57 0.97 -5.88
CA SER A 38 -8.38 -0.01 -6.59
C SER A 38 -9.14 0.66 -7.72
N GLU A 39 -8.38 1.14 -8.70
CA GLU A 39 -8.97 1.80 -9.85
C GLU A 39 -10.27 1.10 -10.26
N SER A 40 -11.38 1.61 -9.76
CA SER A 40 -12.67 1.03 -10.06
C SER A 40 -13.64 1.26 -8.90
N SER A 41 -13.07 1.48 -7.73
CA SER A 41 -13.86 1.73 -6.54
C SER A 41 -13.65 3.15 -6.04
N PRO A 42 -14.48 3.55 -5.05
CA PRO A 42 -14.40 4.89 -4.49
C PRO A 42 -13.18 5.01 -3.57
N GLY A 43 -13.42 4.73 -2.29
CA GLY A 43 -12.36 4.81 -1.30
C GLY A 43 -11.74 3.43 -1.05
N GLN A 44 -11.07 2.94 -2.08
CA GLN A 44 -10.42 1.63 -1.99
C GLN A 44 -8.91 1.78 -2.21
N ARG A 45 -8.16 1.00 -1.43
CA ARG A 45 -6.72 1.02 -1.53
C ARG A 45 -6.16 -0.39 -1.70
N SER A 46 -5.08 -0.48 -2.45
CA SER A 46 -4.44 -1.77 -2.69
C SER A 46 -3.01 -1.76 -2.15
N ILE A 47 -2.38 -2.93 -2.23
CA ILE A 47 -1.02 -3.07 -1.75
C ILE A 47 -0.15 -3.68 -2.85
N SER A 48 0.92 -2.97 -3.18
CA SER A 48 1.83 -3.43 -4.21
C SER A 48 3.21 -3.74 -3.61
N LEU A 49 3.40 -5.00 -3.28
CA LEU A 49 4.66 -5.44 -2.69
C LEU A 49 5.54 -6.06 -3.79
N ARG A 50 6.84 -6.03 -3.53
CA ARG A 50 7.80 -6.58 -4.48
C ARG A 50 9.06 -7.01 -3.76
N TYR A 51 9.69 -8.05 -4.30
CA TYR A 51 10.92 -8.58 -3.71
C TYR A 51 12.12 -8.27 -4.60
N GLU A 52 12.86 -9.32 -4.92
CA GLU A 52 14.04 -9.18 -5.76
C GLU A 52 13.65 -9.20 -7.23
N GLY A 53 12.65 -8.41 -7.57
CA GLY A 53 12.16 -8.34 -8.94
C GLY A 53 10.66 -8.60 -9.01
N ARG A 54 10.23 -9.60 -8.24
CA ARG A 54 8.82 -9.97 -8.20
C ARG A 54 8.01 -8.86 -7.52
N VAL A 55 6.84 -8.60 -8.08
CA VAL A 55 5.96 -7.58 -7.53
C VAL A 55 4.56 -8.17 -7.36
N TYR A 56 4.18 -8.35 -6.11
CA TYR A 56 2.87 -8.89 -5.79
C TYR A 56 1.83 -7.78 -5.61
N HIS A 57 0.64 -8.03 -6.12
CA HIS A 57 -0.43 -7.06 -6.03
C HIS A 57 -1.60 -7.66 -5.23
N TYR A 58 -1.73 -7.18 -4.00
CA TYR A 58 -2.79 -7.65 -3.13
C TYR A 58 -3.63 -6.48 -2.60
N ARG A 59 -4.82 -6.34 -3.17
CA ARG A 59 -5.72 -5.28 -2.77
C ARG A 59 -6.26 -5.55 -1.37
N ILE A 60 -6.37 -4.48 -0.59
CA ILE A 60 -6.86 -4.59 0.77
C ILE A 60 -8.35 -4.93 0.73
N ASN A 61 -8.79 -5.66 1.74
CA ASN A 61 -10.19 -6.06 1.84
C ASN A 61 -10.86 -5.28 2.97
N THR A 62 -12.13 -4.99 2.75
CA THR A 62 -12.91 -4.25 3.73
C THR A 62 -13.98 -5.15 4.36
N ALA A 63 -14.31 -4.84 5.61
CA ALA A 63 -15.30 -5.61 6.32
C ALA A 63 -16.70 -5.23 5.81
N SER A 64 -16.85 -5.32 4.50
CA SER A 64 -18.13 -4.99 3.88
C SER A 64 -18.81 -3.86 4.65
N ASP A 65 -17.99 -2.95 5.15
CA ASP A 65 -18.50 -1.82 5.90
C ASP A 65 -17.69 -0.57 5.57
N GLY A 66 -16.39 -0.67 5.76
CA GLY A 66 -15.49 0.43 5.49
C GLY A 66 -14.10 0.17 6.07
N LYS A 67 -14.08 -0.47 7.23
CA LYS A 67 -12.83 -0.78 7.89
C LYS A 67 -11.99 -1.68 6.99
N LEU A 68 -10.68 -1.54 7.12
CA LEU A 68 -9.76 -2.32 6.33
C LEU A 68 -9.17 -3.44 7.19
N TYR A 69 -9.44 -4.67 6.79
CA TYR A 69 -8.94 -5.82 7.51
C TYR A 69 -8.44 -6.90 6.55
N VAL A 70 -7.11 -7.02 6.50
CA VAL A 70 -6.50 -8.01 5.63
C VAL A 70 -6.71 -9.40 6.20
N SER A 71 -7.09 -9.43 7.47
CA SER A 71 -7.33 -10.69 8.16
C SER A 71 -8.40 -10.51 9.23
N SER A 72 -9.34 -11.45 9.26
CA SER A 72 -10.41 -11.40 10.23
C SER A 72 -9.85 -11.32 11.65
N GLU A 73 -8.57 -11.64 11.75
CA GLU A 73 -7.90 -11.60 13.04
C GLU A 73 -7.32 -10.20 13.30
N SER A 74 -7.13 -9.47 12.22
CA SER A 74 -6.59 -8.12 12.31
C SER A 74 -7.39 -7.17 11.41
N ARG A 75 -8.20 -6.35 12.05
CA ARG A 75 -9.02 -5.39 11.32
C ARG A 75 -8.68 -3.97 11.75
N PHE A 76 -8.70 -3.07 10.77
CA PHE A 76 -8.39 -1.67 11.04
C PHE A 76 -9.36 -0.75 10.29
N ASN A 77 -9.32 0.52 10.66
CA ASN A 77 -10.18 1.51 10.03
C ASN A 77 -9.35 2.37 9.08
N THR A 78 -8.06 2.47 9.38
CA THR A 78 -7.16 3.25 8.56
C THR A 78 -6.01 2.38 8.05
N LEU A 79 -5.66 2.57 6.79
CA LEU A 79 -4.59 1.82 6.17
C LEU A 79 -3.36 1.85 7.09
N ALA A 80 -3.27 2.92 7.86
CA ALA A 80 -2.14 3.08 8.78
C ALA A 80 -2.06 1.85 9.68
N GLU A 81 -2.99 1.77 10.62
CA GLU A 81 -3.03 0.65 11.55
C GLU A 81 -2.81 -0.67 10.80
N LEU A 82 -3.14 -0.65 9.52
CA LEU A 82 -2.98 -1.83 8.69
C LEU A 82 -1.49 -2.13 8.52
N VAL A 83 -0.77 -1.13 8.01
CA VAL A 83 0.65 -1.27 7.79
C VAL A 83 1.37 -1.34 9.14
N HIS A 84 0.94 -0.48 10.05
CA HIS A 84 1.52 -0.44 11.37
C HIS A 84 1.61 -1.85 11.95
N HIS A 85 0.48 -2.54 11.90
CA HIS A 85 0.42 -3.90 12.42
C HIS A 85 1.14 -4.85 11.45
N HIS A 86 0.92 -4.59 10.17
CA HIS A 86 1.55 -5.42 9.14
C HIS A 86 3.02 -5.02 8.99
N SER A 87 3.48 -4.21 9.93
CA SER A 87 4.87 -3.76 9.92
C SER A 87 5.72 -4.68 10.79
N THR A 88 5.08 -5.28 11.79
CA THR A 88 5.77 -6.17 12.69
C THR A 88 5.14 -7.57 12.64
N VAL A 89 3.83 -7.59 12.44
CA VAL A 89 3.10 -8.85 12.37
C VAL A 89 2.16 -8.81 11.16
N ALA A 90 2.71 -9.17 10.01
CA ALA A 90 1.93 -9.19 8.78
C ALA A 90 0.90 -10.31 8.85
N ASP A 91 -0.05 -10.15 9.76
CA ASP A 91 -1.10 -11.14 9.94
C ASP A 91 -2.17 -10.95 8.86
N GLY A 92 -1.74 -10.37 7.75
CA GLY A 92 -2.65 -10.13 6.64
C GLY A 92 -1.89 -10.14 5.30
N LEU A 93 -1.02 -9.15 5.14
CA LEU A 93 -0.24 -9.04 3.92
C LEU A 93 0.87 -10.09 3.93
N ILE A 94 1.12 -10.65 2.75
CA ILE A 94 2.14 -11.66 2.62
C ILE A 94 3.40 -11.22 3.37
N THR A 95 4.17 -10.37 2.72
CA THR A 95 5.40 -9.87 3.32
C THR A 95 5.08 -8.78 4.35
N THR A 96 6.14 -8.27 4.97
CA THR A 96 6.00 -7.22 5.97
C THR A 96 6.72 -5.96 5.53
N LEU A 97 5.94 -4.90 5.32
CA LEU A 97 6.50 -3.63 4.91
C LEU A 97 7.92 -3.49 5.45
N HIS A 98 8.78 -2.88 4.66
CA HIS A 98 10.17 -2.67 5.05
C HIS A 98 10.50 -1.19 5.00
N TYR A 99 10.16 -0.57 3.88
CA TYR A 99 10.42 0.85 3.69
C TYR A 99 9.36 1.48 2.78
N PRO A 100 8.51 2.33 3.40
CA PRO A 100 7.46 3.01 2.66
C PRO A 100 8.02 4.14 1.81
N ALA A 101 8.33 3.82 0.57
CA ALA A 101 8.89 4.80 -0.36
C ALA A 101 8.07 6.09 -0.27
N PRO A 102 8.70 7.12 0.35
CA PRO A 102 8.04 8.41 0.50
C PRO A 102 8.01 9.18 -0.81
N LYS A 103 6.99 10.00 -0.96
CA LYS A 103 6.84 10.79 -2.18
C LYS A 103 7.90 11.90 -2.20
N ARG A 104 8.87 11.71 -3.07
CA ARG A 104 9.95 12.67 -3.20
C ARG A 104 9.70 13.59 -4.40
N GLY A 105 9.54 12.97 -5.56
CA GLY A 105 9.29 13.71 -6.78
C GLY A 105 10.57 14.41 -7.27
N ILE A 106 10.56 15.73 -7.17
CA ILE A 106 11.71 16.52 -7.58
C ILE A 106 12.32 17.22 -6.37
N HIS A 107 13.61 17.53 -6.49
CA HIS A 107 14.32 18.19 -5.41
C HIS A 107 15.53 18.93 -5.99
N ARG A 108 15.33 20.20 -6.30
CA ARG A 108 16.38 21.02 -6.85
C ARG A 108 16.50 22.33 -6.08
N ASP A 109 15.34 22.87 -5.72
CA ASP A 109 15.30 24.12 -4.97
C ASP A 109 14.96 23.82 -3.51
N GLY A 1 -16.09 6.44 5.76
CA GLY A 1 -14.94 6.35 4.87
C GLY A 1 -13.68 5.97 5.63
N SER A 2 -13.09 6.97 6.27
CA SER A 2 -11.87 6.76 7.03
C SER A 2 -10.74 6.28 6.12
N GLY A 3 -10.12 7.24 5.45
CA GLY A 3 -9.03 6.93 4.55
C GLY A 3 -8.29 8.20 4.11
N ASN A 4 -7.62 8.81 5.08
CA ASN A 4 -6.88 10.03 4.82
C ASN A 4 -5.89 9.79 3.68
N SER A 5 -6.35 10.09 2.47
CA SER A 5 -5.51 9.91 1.30
C SER A 5 -4.46 11.02 1.21
N LEU A 6 -3.94 11.22 0.02
CA LEU A 6 -2.93 12.24 -0.20
C LEU A 6 -1.56 11.70 0.24
N GLU A 7 -0.68 12.63 0.57
CA GLU A 7 0.67 12.26 1.00
C GLU A 7 0.62 11.68 2.42
N LYS A 8 -0.12 10.59 2.55
CA LYS A 8 -0.26 9.93 3.84
C LYS A 8 1.13 9.50 4.33
N HIS A 9 1.30 8.19 4.43
CA HIS A 9 2.56 7.63 4.89
C HIS A 9 3.61 7.76 3.78
N SER A 10 4.80 7.26 4.07
CA SER A 10 5.89 7.32 3.11
C SER A 10 5.71 6.23 2.06
N TRP A 11 4.57 5.55 2.13
CA TRP A 11 4.26 4.49 1.18
C TRP A 11 2.91 4.80 0.55
N TYR A 12 2.34 5.92 0.96
CA TYR A 12 1.06 6.34 0.44
C TYR A 12 1.21 7.56 -0.48
N HIS A 13 1.02 7.32 -1.76
CA HIS A 13 1.12 8.38 -2.75
C HIS A 13 -0.25 8.68 -3.34
N GLY A 14 -0.89 7.63 -3.84
CA GLY A 14 -2.21 7.76 -4.43
C GLY A 14 -2.48 6.64 -5.43
N PRO A 15 -3.43 6.91 -6.36
CA PRO A 15 -3.79 5.92 -7.37
C PRO A 15 -2.72 5.82 -8.45
N VAL A 16 -2.16 4.62 -8.58
CA VAL A 16 -1.12 4.38 -9.56
C VAL A 16 -1.35 3.01 -10.21
N SER A 17 -0.96 2.91 -11.47
CA SER A 17 -1.12 1.68 -12.21
C SER A 17 -0.05 0.67 -11.76
N ARG A 18 -0.52 -0.51 -11.37
CA ARG A 18 0.36 -1.57 -10.92
C ARG A 18 1.48 -1.78 -11.94
N ASN A 19 1.12 -1.66 -13.22
CA ASN A 19 2.08 -1.84 -14.29
C ASN A 19 3.29 -0.94 -14.04
N ALA A 20 3.03 0.36 -14.05
CA ALA A 20 4.09 1.34 -13.83
C ALA A 20 4.76 1.06 -12.48
N ALA A 21 3.94 0.63 -11.53
CA ALA A 21 4.45 0.32 -10.20
C ALA A 21 5.69 -0.56 -10.32
N GLU A 22 5.48 -1.75 -10.85
CA GLU A 22 6.56 -2.71 -11.02
C GLU A 22 7.69 -2.07 -11.83
N TYR A 23 7.30 -1.26 -12.80
CA TYR A 23 8.27 -0.58 -13.65
C TYR A 23 9.08 0.44 -12.85
N LEU A 24 8.41 1.51 -12.46
CA LEU A 24 9.03 2.57 -11.70
C LEU A 24 9.66 1.97 -10.43
N LEU A 25 9.07 0.87 -9.97
CA LEU A 25 9.56 0.20 -8.79
C LEU A 25 11.00 -0.26 -9.02
N SER A 26 11.36 -0.34 -10.29
CA SER A 26 12.70 -0.77 -10.67
C SER A 26 13.72 -0.19 -9.68
N SER A 27 13.63 1.11 -9.47
CA SER A 27 14.53 1.79 -8.57
C SER A 27 14.11 1.53 -7.12
N GLY A 28 14.63 0.42 -6.58
CA GLY A 28 14.31 0.05 -5.21
C GLY A 28 15.07 -1.21 -4.81
N ILE A 29 15.18 -1.41 -3.50
CA ILE A 29 15.88 -2.57 -2.97
C ILE A 29 14.92 -3.76 -2.93
N ASN A 30 15.44 -4.88 -2.47
CA ASN A 30 14.65 -6.09 -2.38
C ASN A 30 13.76 -6.02 -1.13
N GLY A 31 13.18 -4.85 -0.92
CA GLY A 31 12.31 -4.63 0.22
C GLY A 31 11.66 -3.25 0.17
N SER A 32 10.57 -3.19 -0.57
CA SER A 32 9.84 -1.93 -0.72
C SER A 32 8.35 -2.22 -0.94
N PHE A 33 7.53 -1.38 -0.32
CA PHE A 33 6.09 -1.53 -0.44
C PHE A 33 5.42 -0.19 -0.73
N LEU A 34 4.50 -0.21 -1.68
CA LEU A 34 3.78 0.99 -2.06
C LEU A 34 2.28 0.71 -2.08
N VAL A 35 1.61 1.16 -1.03
CA VAL A 35 0.17 0.95 -0.92
C VAL A 35 -0.54 1.74 -2.03
N ARG A 36 -1.62 1.16 -2.53
CA ARG A 36 -2.39 1.78 -3.58
C ARG A 36 -3.76 2.20 -3.05
N GLU A 37 -4.54 2.81 -3.94
CA GLU A 37 -5.87 3.26 -3.58
C GLU A 37 -6.93 2.53 -4.42
N SER A 38 -8.18 2.68 -4.01
CA SER A 38 -9.28 2.05 -4.70
C SER A 38 -9.06 2.16 -6.22
N GLU A 39 -9.30 1.05 -6.90
CA GLU A 39 -9.14 1.01 -8.34
C GLU A 39 -10.49 0.79 -9.02
N SER A 40 -11.35 0.03 -8.35
CA SER A 40 -12.67 -0.26 -8.87
C SER A 40 -13.73 0.11 -7.84
N SER A 41 -13.39 -0.14 -6.57
CA SER A 41 -14.30 0.16 -5.49
C SER A 41 -13.77 1.32 -4.65
N PRO A 42 -14.55 2.44 -4.64
CA PRO A 42 -14.16 3.62 -3.89
C PRO A 42 -14.37 3.42 -2.39
N GLY A 43 -13.30 2.99 -1.72
CA GLY A 43 -13.36 2.75 -0.29
C GLY A 43 -12.30 1.74 0.14
N GLN A 44 -11.83 0.97 -0.83
CA GLN A 44 -10.81 -0.03 -0.57
C GLN A 44 -9.47 0.39 -1.19
N ARG A 45 -8.41 -0.18 -0.66
CA ARG A 45 -7.08 0.12 -1.15
C ARG A 45 -6.32 -1.17 -1.46
N SER A 46 -5.33 -1.05 -2.32
CA SER A 46 -4.52 -2.19 -2.72
C SER A 46 -3.13 -2.10 -2.07
N ILE A 47 -2.35 -3.15 -2.28
CA ILE A 47 -1.00 -3.20 -1.73
C ILE A 47 -0.03 -3.66 -2.82
N SER A 48 1.04 -2.89 -2.97
CA SER A 48 2.05 -3.20 -3.97
C SER A 48 3.41 -3.42 -3.28
N LEU A 49 3.58 -4.61 -2.74
CA LEU A 49 4.83 -4.95 -2.06
C LEU A 49 5.89 -5.29 -3.10
N ARG A 50 7.14 -5.07 -2.71
CA ARG A 50 8.26 -5.35 -3.59
C ARG A 50 9.20 -6.37 -2.94
N TYR A 51 9.53 -7.39 -3.72
CA TYR A 51 10.43 -8.43 -3.24
C TYR A 51 11.72 -8.47 -4.07
N GLU A 52 12.29 -9.66 -4.14
CA GLU A 52 13.52 -9.84 -4.89
C GLU A 52 13.26 -9.69 -6.39
N GLY A 53 12.76 -8.52 -6.74
CA GLY A 53 12.46 -8.22 -8.14
C GLY A 53 11.03 -8.64 -8.49
N ARG A 54 10.33 -9.14 -7.49
CA ARG A 54 8.96 -9.58 -7.67
C ARG A 54 7.99 -8.64 -6.96
N VAL A 55 7.00 -8.16 -7.72
CA VAL A 55 6.02 -7.26 -7.17
C VAL A 55 4.67 -7.98 -7.05
N TYR A 56 4.11 -7.93 -5.84
CA TYR A 56 2.84 -8.58 -5.59
C TYR A 56 1.73 -7.55 -5.41
N HIS A 57 0.69 -7.70 -6.22
CA HIS A 57 -0.44 -6.79 -6.17
C HIS A 57 -1.69 -7.55 -5.71
N TYR A 58 -2.10 -7.26 -4.49
CA TYR A 58 -3.28 -7.91 -3.92
C TYR A 58 -4.26 -6.87 -3.37
N ARG A 59 -5.51 -7.00 -3.81
CA ARG A 59 -6.54 -6.08 -3.37
C ARG A 59 -7.02 -6.46 -1.97
N ILE A 60 -7.11 -5.44 -1.12
CA ILE A 60 -7.55 -5.66 0.25
C ILE A 60 -9.07 -5.66 0.29
N ASN A 61 -9.60 -6.35 1.29
CA ASN A 61 -11.04 -6.45 1.46
C ASN A 61 -11.49 -5.48 2.56
N THR A 62 -12.77 -5.11 2.50
CA THR A 62 -13.33 -4.20 3.47
C THR A 62 -14.33 -4.93 4.37
N ALA A 63 -14.58 -4.34 5.54
CA ALA A 63 -15.51 -4.92 6.49
C ALA A 63 -16.93 -4.82 5.93
N SER A 64 -17.44 -3.60 5.93
CA SER A 64 -18.78 -3.35 5.43
C SER A 64 -19.01 -1.85 5.27
N ASP A 65 -18.53 -1.10 6.25
CA ASP A 65 -18.67 0.33 6.24
C ASP A 65 -17.52 0.96 5.45
N GLY A 66 -16.33 0.43 5.70
CA GLY A 66 -15.14 0.93 5.01
C GLY A 66 -13.87 0.33 5.64
N LYS A 67 -13.97 0.04 6.92
CA LYS A 67 -12.84 -0.52 7.65
C LYS A 67 -12.20 -1.63 6.80
N LEU A 68 -10.88 -1.61 6.77
CA LEU A 68 -10.13 -2.59 6.00
C LEU A 68 -9.59 -3.66 6.95
N TYR A 69 -9.86 -4.91 6.61
CA TYR A 69 -9.40 -6.03 7.42
C TYR A 69 -8.91 -7.19 6.54
N VAL A 70 -7.60 -7.34 6.50
CA VAL A 70 -7.00 -8.40 5.70
C VAL A 70 -7.24 -9.74 6.39
N SER A 71 -7.61 -9.67 7.65
CA SER A 71 -7.88 -10.87 8.44
C SER A 71 -9.05 -10.63 9.39
N SER A 72 -9.96 -11.58 9.40
CA SER A 72 -11.13 -11.49 10.26
C SER A 72 -10.70 -11.25 11.71
N GLU A 73 -9.44 -11.56 11.97
CA GLU A 73 -8.88 -11.37 13.31
C GLU A 73 -8.19 -10.02 13.41
N SER A 74 -8.00 -9.39 12.26
CA SER A 74 -7.35 -8.10 12.21
C SER A 74 -8.12 -7.15 11.28
N ARG A 75 -8.68 -6.10 11.87
CA ARG A 75 -9.44 -5.13 11.12
C ARG A 75 -8.99 -3.71 11.48
N PHE A 76 -8.97 -2.86 10.46
CA PHE A 76 -8.57 -1.48 10.66
C PHE A 76 -9.47 -0.53 9.88
N ASN A 77 -9.38 0.76 10.23
CA ASN A 77 -10.18 1.77 9.57
C ASN A 77 -9.32 2.53 8.56
N THR A 78 -8.02 2.53 8.82
CA THR A 78 -7.08 3.21 7.96
C THR A 78 -6.02 2.23 7.44
N LEU A 79 -5.84 2.23 6.13
CA LEU A 79 -4.87 1.36 5.51
C LEU A 79 -3.57 1.37 6.32
N ALA A 80 -3.09 2.58 6.57
CA ALA A 80 -1.87 2.75 7.34
C ALA A 80 -1.90 1.80 8.56
N GLU A 81 -2.94 1.97 9.35
CA GLU A 81 -3.10 1.14 10.54
C GLU A 81 -2.97 -0.34 10.18
N LEU A 82 -3.32 -0.65 8.95
CA LEU A 82 -3.25 -2.02 8.47
C LEU A 82 -1.78 -2.45 8.37
N VAL A 83 -1.02 -1.66 7.61
CA VAL A 83 0.40 -1.95 7.43
C VAL A 83 1.10 -1.92 8.79
N HIS A 84 0.67 -0.97 9.62
CA HIS A 84 1.25 -0.82 10.94
C HIS A 84 1.28 -2.18 11.64
N HIS A 85 0.14 -2.83 11.64
CA HIS A 85 0.02 -4.14 12.28
C HIS A 85 0.76 -5.19 11.43
N HIS A 86 0.60 -5.06 10.13
CA HIS A 86 1.24 -5.97 9.20
C HIS A 86 2.73 -5.64 9.08
N SER A 87 3.16 -4.68 9.89
CA SER A 87 4.54 -4.25 9.89
C SER A 87 5.39 -5.22 10.72
N THR A 88 4.72 -5.91 11.63
CA THR A 88 5.39 -6.87 12.49
C THR A 88 4.70 -8.23 12.42
N VAL A 89 3.38 -8.17 12.44
CA VAL A 89 2.58 -9.39 12.38
C VAL A 89 1.60 -9.30 11.21
N ALA A 90 2.09 -9.66 10.03
CA ALA A 90 1.27 -9.62 8.84
C ALA A 90 0.24 -10.77 8.88
N ASP A 91 -0.80 -10.55 9.67
CA ASP A 91 -1.85 -11.55 9.81
C ASP A 91 -2.74 -11.53 8.58
N GLY A 92 -2.34 -10.70 7.61
CA GLY A 92 -3.10 -10.56 6.38
C GLY A 92 -2.18 -10.58 5.16
N LEU A 93 -1.36 -9.54 5.07
CA LEU A 93 -0.42 -9.43 3.97
C LEU A 93 0.65 -10.52 4.09
N ILE A 94 0.99 -11.10 2.95
CA ILE A 94 1.99 -12.16 2.93
C ILE A 94 3.31 -11.62 3.47
N THR A 95 3.85 -10.64 2.76
CA THR A 95 5.11 -10.02 3.16
C THR A 95 4.87 -8.97 4.25
N THR A 96 5.94 -8.31 4.63
CA THR A 96 5.86 -7.28 5.65
C THR A 96 6.70 -6.06 5.25
N LEU A 97 6.02 -4.94 5.10
CA LEU A 97 6.68 -3.71 4.73
C LEU A 97 8.05 -3.64 5.40
N HIS A 98 8.99 -3.01 4.71
CA HIS A 98 10.33 -2.88 5.23
C HIS A 98 10.63 -1.40 5.52
N TYR A 99 11.08 -0.71 4.49
CA TYR A 99 11.41 0.70 4.60
C TYR A 99 10.69 1.52 3.52
N PRO A 100 9.57 2.18 3.94
CA PRO A 100 8.81 3.00 3.03
C PRO A 100 9.51 4.32 2.73
N ALA A 101 10.34 4.29 1.70
CA ALA A 101 11.08 5.48 1.30
C ALA A 101 10.11 6.54 0.79
N PRO A 102 10.55 7.82 0.93
CA PRO A 102 9.72 8.94 0.49
C PRO A 102 9.73 9.05 -1.04
N LYS A 103 8.58 9.43 -1.58
CA LYS A 103 8.44 9.58 -3.02
C LYS A 103 8.81 11.01 -3.41
N ARG A 104 10.09 11.20 -3.67
CA ARG A 104 10.58 12.51 -4.06
C ARG A 104 10.27 12.79 -5.53
N GLY A 105 9.79 14.00 -5.78
CA GLY A 105 9.44 14.40 -7.14
C GLY A 105 7.98 14.84 -7.22
N ILE A 106 7.69 15.92 -6.49
CA ILE A 106 6.34 16.45 -6.48
C ILE A 106 6.12 17.32 -7.71
N HIS A 107 5.30 16.79 -8.62
CA HIS A 107 5.01 17.50 -9.86
C HIS A 107 6.21 17.43 -10.80
N ARG A 108 7.33 17.96 -10.32
CA ARG A 108 8.55 17.97 -11.11
C ARG A 108 8.69 16.65 -11.87
N ASP A 109 8.65 15.56 -11.12
CA ASP A 109 8.77 14.24 -11.70
C ASP A 109 7.39 13.74 -12.14
N GLY A 1 -15.89 9.24 4.50
CA GLY A 1 -15.41 10.43 3.82
C GLY A 1 -13.89 10.59 3.97
N SER A 2 -13.18 9.70 3.29
CA SER A 2 -11.72 9.72 3.34
C SER A 2 -11.15 9.68 1.92
N GLY A 3 -11.18 10.84 1.27
CA GLY A 3 -10.66 10.95 -0.08
C GLY A 3 -9.15 10.77 -0.10
N ASN A 4 -8.73 9.57 -0.49
CA ASN A 4 -7.32 9.26 -0.56
C ASN A 4 -6.56 10.45 -1.16
N SER A 5 -5.81 11.12 -0.29
CA SER A 5 -5.05 12.28 -0.70
C SER A 5 -4.10 12.71 0.42
N LEU A 6 -3.20 13.63 0.08
CA LEU A 6 -2.24 14.13 1.04
C LEU A 6 -1.06 13.15 1.13
N GLU A 7 0.13 13.73 1.22
CA GLU A 7 1.34 12.93 1.32
C GLU A 7 1.49 12.35 2.73
N LYS A 8 0.67 11.35 3.01
CA LYS A 8 0.70 10.70 4.31
C LYS A 8 2.09 10.11 4.55
N HIS A 9 2.12 8.80 4.75
CA HIS A 9 3.37 8.11 5.00
C HIS A 9 4.20 8.08 3.71
N SER A 10 5.37 7.47 3.81
CA SER A 10 6.27 7.37 2.67
C SER A 10 5.75 6.31 1.69
N TRP A 11 4.68 5.65 2.10
CA TRP A 11 4.08 4.61 1.28
C TRP A 11 2.69 5.09 0.84
N TYR A 12 2.40 6.33 1.20
CA TYR A 12 1.11 6.92 0.86
C TYR A 12 1.28 8.03 -0.17
N HIS A 13 0.60 7.84 -1.31
CA HIS A 13 0.66 8.83 -2.38
C HIS A 13 -0.74 9.08 -2.91
N GLY A 14 -1.24 8.13 -3.69
CA GLY A 14 -2.56 8.25 -4.27
C GLY A 14 -2.95 6.99 -5.03
N PRO A 15 -3.87 7.17 -6.02
CA PRO A 15 -4.32 6.05 -6.83
C PRO A 15 -3.25 5.62 -7.84
N VAL A 16 -2.76 4.41 -7.66
CA VAL A 16 -1.74 3.88 -8.54
C VAL A 16 -1.96 2.37 -8.71
N SER A 17 -2.25 1.97 -9.95
CA SER A 17 -2.47 0.58 -10.26
C SER A 17 -1.14 -0.18 -10.28
N ARG A 18 -1.22 -1.47 -10.00
CA ARG A 18 -0.04 -2.31 -9.99
C ARG A 18 0.83 -2.02 -11.21
N ASN A 19 0.17 -1.68 -12.30
CA ASN A 19 0.87 -1.36 -13.54
C ASN A 19 2.05 -0.44 -13.24
N ALA A 20 1.73 0.75 -12.75
CA ALA A 20 2.75 1.72 -12.42
C ALA A 20 3.57 1.21 -11.24
N ALA A 21 2.88 0.69 -10.24
CA ALA A 21 3.54 0.17 -9.06
C ALA A 21 4.70 -0.73 -9.48
N GLU A 22 4.47 -1.47 -10.55
CA GLU A 22 5.48 -2.38 -11.06
C GLU A 22 6.58 -1.58 -11.78
N TYR A 23 6.16 -0.48 -12.40
CA TYR A 23 7.09 0.37 -13.13
C TYR A 23 7.91 1.23 -12.16
N LEU A 24 7.21 2.07 -11.42
CA LEU A 24 7.85 2.95 -10.46
C LEU A 24 8.88 2.15 -9.65
N LEU A 25 8.51 0.92 -9.33
CA LEU A 25 9.38 0.04 -8.57
C LEU A 25 10.67 -0.19 -9.36
N SER A 26 11.19 -1.40 -9.23
CA SER A 26 12.41 -1.77 -9.92
C SER A 26 13.63 -1.31 -9.12
N SER A 27 13.56 -0.07 -8.66
CA SER A 27 14.65 0.51 -7.89
C SER A 27 14.38 0.31 -6.39
N GLY A 28 14.16 -0.94 -6.02
CA GLY A 28 13.89 -1.27 -4.63
C GLY A 28 14.91 -2.28 -4.10
N ILE A 29 14.65 -2.78 -2.90
CA ILE A 29 15.54 -3.74 -2.28
C ILE A 29 14.79 -5.05 -2.05
N ASN A 30 15.26 -5.82 -1.09
CA ASN A 30 14.65 -7.09 -0.77
C ASN A 30 13.40 -6.86 0.08
N GLY A 31 12.88 -5.65 -0.03
CA GLY A 31 11.68 -5.28 0.72
C GLY A 31 11.22 -3.87 0.35
N SER A 32 10.10 -3.81 -0.37
CA SER A 32 9.55 -2.54 -0.79
C SER A 32 8.03 -2.66 -0.97
N PHE A 33 7.33 -1.72 -0.38
CA PHE A 33 5.87 -1.70 -0.46
C PHE A 33 5.35 -0.30 -0.78
N LEU A 34 4.13 -0.25 -1.29
CA LEU A 34 3.51 1.01 -1.65
C LEU A 34 1.99 0.85 -1.66
N VAL A 35 1.33 1.71 -0.91
CA VAL A 35 -0.13 1.67 -0.83
C VAL A 35 -0.72 2.18 -2.14
N ARG A 36 -1.73 1.46 -2.62
CA ARG A 36 -2.39 1.84 -3.86
C ARG A 36 -3.90 1.92 -3.64
N GLU A 37 -4.39 3.13 -3.52
CA GLU A 37 -5.81 3.37 -3.31
C GLU A 37 -6.54 3.34 -4.65
N SER A 38 -7.69 2.68 -4.65
CA SER A 38 -8.51 2.58 -5.85
C SER A 38 -9.11 3.94 -6.19
N GLU A 39 -9.45 4.11 -7.46
CA GLU A 39 -10.04 5.35 -7.93
C GLU A 39 -11.55 5.32 -7.77
N SER A 40 -12.18 4.53 -8.63
CA SER A 40 -13.64 4.41 -8.59
C SER A 40 -14.04 3.25 -7.68
N SER A 41 -13.74 3.42 -6.39
CA SER A 41 -14.07 2.41 -5.41
C SER A 41 -14.86 3.02 -4.26
N PRO A 42 -15.52 2.14 -3.48
CA PRO A 42 -16.31 2.59 -2.34
C PRO A 42 -15.41 2.99 -1.17
N GLY A 43 -14.12 2.75 -1.35
CA GLY A 43 -13.15 3.07 -0.32
C GLY A 43 -12.23 1.88 -0.03
N GLN A 44 -11.69 1.32 -1.09
CA GLN A 44 -10.80 0.18 -0.97
C GLN A 44 -9.42 0.51 -1.54
N ARG A 45 -8.39 0.03 -0.86
CA ARG A 45 -7.03 0.27 -1.30
C ARG A 45 -6.31 -1.06 -1.53
N SER A 46 -5.10 -0.95 -2.05
CA SER A 46 -4.29 -2.13 -2.33
C SER A 46 -2.90 -1.98 -1.73
N ILE A 47 -2.17 -3.09 -1.70
CA ILE A 47 -0.83 -3.09 -1.15
C ILE A 47 0.10 -3.88 -2.07
N SER A 48 1.09 -3.19 -2.61
CA SER A 48 2.04 -3.81 -3.51
C SER A 48 3.42 -3.86 -2.85
N LEU A 49 3.79 -5.07 -2.41
CA LEU A 49 5.07 -5.26 -1.76
C LEU A 49 6.12 -5.62 -2.82
N ARG A 50 7.37 -5.60 -2.40
CA ARG A 50 8.47 -5.93 -3.29
C ARG A 50 9.58 -6.67 -2.53
N TYR A 51 10.11 -7.69 -3.19
CA TYR A 51 11.17 -8.49 -2.58
C TYR A 51 12.49 -8.33 -3.35
N GLU A 52 13.34 -9.33 -3.22
CA GLU A 52 14.63 -9.30 -3.88
C GLU A 52 14.59 -10.19 -5.14
N GLY A 53 13.52 -10.04 -5.90
CA GLY A 53 13.35 -10.80 -7.12
C GLY A 53 12.21 -10.24 -7.97
N ARG A 54 11.05 -10.11 -7.34
CA ARG A 54 9.88 -9.58 -8.03
C ARG A 54 9.04 -8.72 -7.07
N VAL A 55 7.91 -8.27 -7.58
CA VAL A 55 7.01 -7.45 -6.78
C VAL A 55 5.81 -8.29 -6.34
N TYR A 56 5.04 -7.71 -5.43
CA TYR A 56 3.86 -8.40 -4.92
C TYR A 56 2.63 -7.48 -4.94
N HIS A 57 1.48 -8.09 -5.17
CA HIS A 57 0.24 -7.34 -5.22
C HIS A 57 -0.79 -7.99 -4.30
N TYR A 58 -0.95 -7.40 -3.13
CA TYR A 58 -1.90 -7.90 -2.15
C TYR A 58 -2.84 -6.80 -1.67
N ARG A 59 -4.06 -6.83 -2.18
CA ARG A 59 -5.05 -5.83 -1.81
C ARG A 59 -5.47 -6.02 -0.35
N ILE A 60 -5.85 -4.91 0.28
CA ILE A 60 -6.26 -4.94 1.67
C ILE A 60 -7.68 -5.51 1.76
N ASN A 61 -8.48 -5.19 0.74
CA ASN A 61 -9.85 -5.66 0.70
C ASN A 61 -10.62 -5.08 1.89
N THR A 62 -11.93 -4.94 1.69
CA THR A 62 -12.79 -4.41 2.73
C THR A 62 -13.73 -5.49 3.27
N ALA A 63 -14.33 -5.20 4.42
CA ALA A 63 -15.24 -6.14 5.03
C ALA A 63 -16.66 -5.92 4.48
N SER A 64 -16.71 -5.70 3.18
CA SER A 64 -17.98 -5.47 2.51
C SER A 64 -18.84 -4.51 3.33
N ASP A 65 -18.17 -3.58 4.00
CA ASP A 65 -18.86 -2.61 4.83
C ASP A 65 -18.07 -1.29 4.83
N GLY A 66 -16.79 -1.40 5.21
CA GLY A 66 -15.93 -0.24 5.26
C GLY A 66 -14.53 -0.62 5.75
N LYS A 67 -14.50 -1.18 6.96
CA LYS A 67 -13.24 -1.59 7.55
C LYS A 67 -12.39 -2.32 6.50
N LEU A 68 -11.10 -2.06 6.53
CA LEU A 68 -10.19 -2.68 5.59
C LEU A 68 -9.40 -3.79 6.31
N TYR A 69 -9.71 -5.02 5.93
CA TYR A 69 -9.06 -6.17 6.52
C TYR A 69 -8.44 -7.07 5.45
N VAL A 70 -7.19 -7.44 5.67
CA VAL A 70 -6.48 -8.29 4.74
C VAL A 70 -6.89 -9.75 4.96
N SER A 71 -6.75 -10.18 6.21
CA SER A 71 -7.09 -11.55 6.58
C SER A 71 -8.58 -11.64 6.89
N SER A 72 -8.97 -11.02 7.98
CA SER A 72 -10.36 -11.03 8.40
C SER A 72 -10.49 -10.47 9.83
N GLU A 73 -9.80 -11.13 10.74
CA GLU A 73 -9.83 -10.73 12.14
C GLU A 73 -8.93 -9.51 12.35
N SER A 74 -8.24 -9.12 11.28
CA SER A 74 -7.35 -7.97 11.33
C SER A 74 -7.89 -6.85 10.44
N ARG A 75 -9.01 -6.29 10.86
CA ARG A 75 -9.64 -5.21 10.11
C ARG A 75 -9.17 -3.85 10.64
N PHE A 76 -9.04 -2.90 9.73
CA PHE A 76 -8.60 -1.56 10.09
C PHE A 76 -9.43 -0.51 9.37
N ASN A 77 -9.12 0.75 9.66
CA ASN A 77 -9.82 1.86 9.05
C ASN A 77 -8.85 2.63 8.13
N THR A 78 -7.67 2.88 8.66
CA THR A 78 -6.66 3.61 7.90
C THR A 78 -5.51 2.66 7.54
N LEU A 79 -5.15 2.70 6.26
CA LEU A 79 -4.07 1.86 5.78
C LEU A 79 -2.88 1.95 6.74
N ALA A 80 -2.57 3.16 7.15
CA ALA A 80 -1.47 3.38 8.07
C ALA A 80 -1.52 2.35 9.18
N GLU A 81 -2.62 2.37 9.93
CA GLU A 81 -2.80 1.44 11.02
C GLU A 81 -2.61 0.00 10.53
N LEU A 82 -3.00 -0.23 9.30
CA LEU A 82 -2.88 -1.55 8.70
C LEU A 82 -1.39 -1.92 8.61
N VAL A 83 -0.63 -1.05 7.96
CA VAL A 83 0.79 -1.27 7.80
C VAL A 83 1.44 -1.43 9.18
N HIS A 84 0.93 -0.65 10.13
CA HIS A 84 1.44 -0.70 11.48
C HIS A 84 1.40 -2.13 12.01
N HIS A 85 0.19 -2.70 12.00
CA HIS A 85 0.00 -4.05 12.47
C HIS A 85 0.75 -5.03 11.55
N HIS A 86 0.62 -4.78 10.25
CA HIS A 86 1.28 -5.63 9.26
C HIS A 86 2.78 -5.36 9.28
N SER A 87 3.19 -4.51 10.22
CA SER A 87 4.59 -4.17 10.35
C SER A 87 5.32 -5.24 11.16
N THR A 88 4.64 -5.72 12.19
CA THR A 88 5.20 -6.75 13.05
C THR A 88 4.44 -8.07 12.88
N VAL A 89 3.14 -7.94 12.68
CA VAL A 89 2.28 -9.10 12.50
C VAL A 89 1.55 -8.99 11.17
N ALA A 90 2.24 -9.39 10.12
CA ALA A 90 1.66 -9.33 8.78
C ALA A 90 0.55 -10.37 8.68
N ASP A 91 -0.50 -10.15 9.45
CA ASP A 91 -1.64 -11.05 9.45
C ASP A 91 -2.50 -10.79 8.20
N GLY A 92 -1.83 -10.76 7.07
CA GLY A 92 -2.51 -10.53 5.80
C GLY A 92 -1.51 -10.41 4.65
N LEU A 93 -0.68 -9.38 4.73
CA LEU A 93 0.33 -9.14 3.71
C LEU A 93 1.35 -10.27 3.74
N ILE A 94 1.95 -10.52 2.58
CA ILE A 94 2.94 -11.57 2.46
C ILE A 94 3.96 -11.44 3.60
N THR A 95 4.98 -10.62 3.35
CA THR A 95 6.02 -10.40 4.34
C THR A 95 5.63 -9.24 5.26
N THR A 96 6.51 -8.25 5.32
CA THR A 96 6.29 -7.09 6.16
C THR A 96 6.97 -5.86 5.56
N LEU A 97 6.18 -4.81 5.38
CA LEU A 97 6.70 -3.57 4.82
C LEU A 97 8.17 -3.41 5.21
N HIS A 98 8.93 -2.84 4.30
CA HIS A 98 10.35 -2.61 4.53
C HIS A 98 10.74 -1.23 4.02
N TYR A 99 10.44 -0.99 2.76
CA TYR A 99 10.76 0.28 2.14
C TYR A 99 9.52 0.89 1.46
N PRO A 100 9.03 2.00 2.05
CA PRO A 100 7.86 2.68 1.51
C PRO A 100 8.22 3.46 0.25
N ALA A 101 8.34 2.74 -0.85
CA ALA A 101 8.68 3.35 -2.13
C ALA A 101 7.88 4.65 -2.29
N PRO A 102 8.57 5.79 -2.02
CA PRO A 102 7.94 7.09 -2.12
C PRO A 102 7.78 7.49 -3.60
N LYS A 103 7.23 8.68 -3.79
CA LYS A 103 7.02 9.20 -5.14
C LYS A 103 8.19 10.09 -5.53
N ARG A 104 8.38 10.23 -6.83
CA ARG A 104 9.45 11.04 -7.36
C ARG A 104 9.03 12.50 -7.46
N GLY A 105 9.14 13.21 -6.35
CA GLY A 105 8.75 14.60 -6.30
C GLY A 105 7.64 14.84 -5.29
N ILE A 106 6.50 15.30 -5.80
CA ILE A 106 5.36 15.56 -4.95
C ILE A 106 4.28 14.51 -5.21
N HIS A 107 3.67 14.61 -6.38
CA HIS A 107 2.62 13.67 -6.76
C HIS A 107 2.04 14.07 -8.12
N ARG A 108 2.93 14.19 -9.10
CA ARG A 108 2.52 14.57 -10.44
C ARG A 108 3.51 14.03 -11.47
N ASP A 109 3.64 12.71 -11.49
CA ASP A 109 4.56 12.06 -12.41
C ASP A 109 3.83 11.78 -13.73
N GLY A 1 -10.67 8.89 2.01
CA GLY A 1 -10.56 8.75 3.46
C GLY A 1 -9.49 9.69 4.00
N SER A 2 -9.59 9.97 5.30
CA SER A 2 -8.64 10.85 5.96
C SER A 2 -8.52 12.17 5.19
N GLY A 3 -7.74 13.08 5.74
CA GLY A 3 -7.54 14.37 5.12
C GLY A 3 -6.13 14.48 4.52
N ASN A 4 -5.40 15.47 4.99
CA ASN A 4 -4.04 15.69 4.52
C ASN A 4 -3.99 15.49 3.01
N SER A 5 -4.98 16.05 2.33
CA SER A 5 -5.06 15.93 0.88
C SER A 5 -5.32 14.48 0.49
N LEU A 6 -4.28 13.66 0.65
CA LEU A 6 -4.38 12.25 0.32
C LEU A 6 -3.06 11.55 0.67
N GLU A 7 -2.00 12.33 0.65
CA GLU A 7 -0.67 11.81 0.97
C GLU A 7 -0.56 11.53 2.46
N LYS A 8 -1.25 10.47 2.89
CA LYS A 8 -1.24 10.09 4.29
C LYS A 8 0.21 9.86 4.74
N HIS A 9 0.53 8.60 4.96
CA HIS A 9 1.87 8.23 5.40
C HIS A 9 2.86 8.47 4.25
N SER A 10 4.13 8.19 4.53
CA SER A 10 5.17 8.37 3.55
C SER A 10 5.21 7.16 2.61
N TRP A 11 4.06 6.53 2.45
CA TRP A 11 3.96 5.37 1.59
C TRP A 11 2.56 5.38 0.95
N TYR A 12 1.89 6.51 1.09
CA TYR A 12 0.56 6.66 0.53
C TYR A 12 0.54 7.67 -0.61
N HIS A 13 0.31 7.17 -1.81
CA HIS A 13 0.27 8.01 -2.99
C HIS A 13 -1.16 8.08 -3.53
N GLY A 14 -1.51 7.07 -4.32
CA GLY A 14 -2.83 6.99 -4.91
C GLY A 14 -2.90 5.90 -5.98
N PRO A 15 -3.83 6.09 -6.94
CA PRO A 15 -4.01 5.14 -8.02
C PRO A 15 -2.88 5.25 -9.04
N VAL A 16 -2.05 4.22 -9.07
CA VAL A 16 -0.93 4.18 -10.00
C VAL A 16 -0.97 2.88 -10.80
N SER A 17 -0.72 3.00 -12.09
CA SER A 17 -0.72 1.85 -12.97
C SER A 17 0.32 0.82 -12.49
N ARG A 18 -0.15 -0.41 -12.31
CA ARG A 18 0.71 -1.48 -11.86
C ARG A 18 1.93 -1.61 -12.78
N ASN A 19 1.69 -1.38 -14.06
CA ASN A 19 2.74 -1.47 -15.05
C ASN A 19 3.96 -0.70 -14.55
N ALA A 20 3.72 0.55 -14.17
CA ALA A 20 4.80 1.40 -13.68
C ALA A 20 5.26 0.88 -12.31
N ALA A 21 4.29 0.51 -11.50
CA ALA A 21 4.59 0.00 -10.18
C ALA A 21 5.76 -0.99 -10.26
N GLU A 22 5.57 -2.00 -11.09
CA GLU A 22 6.61 -3.00 -11.27
C GLU A 22 7.88 -2.37 -11.83
N TYR A 23 7.67 -1.39 -12.70
CA TYR A 23 8.79 -0.70 -13.32
C TYR A 23 9.54 0.16 -12.30
N LEU A 24 8.86 1.18 -11.83
CA LEU A 24 9.45 2.08 -10.84
C LEU A 24 10.18 1.27 -9.78
N LEU A 25 9.65 0.08 -9.52
CA LEU A 25 10.24 -0.81 -8.54
C LEU A 25 11.73 -0.99 -8.85
N SER A 26 12.00 -1.78 -9.87
CA SER A 26 13.37 -2.05 -10.28
C SER A 26 14.31 -1.92 -9.08
N SER A 27 14.14 -2.84 -8.15
CA SER A 27 14.97 -2.85 -6.95
C SER A 27 14.59 -4.03 -6.05
N GLY A 28 15.61 -4.76 -5.62
CA GLY A 28 15.40 -5.91 -4.77
C GLY A 28 16.04 -5.69 -3.39
N ILE A 29 15.20 -5.68 -2.38
CA ILE A 29 15.66 -5.48 -1.02
C ILE A 29 15.11 -6.60 -0.13
N ASN A 30 15.20 -6.38 1.17
CA ASN A 30 14.71 -7.36 2.14
C ASN A 30 13.18 -7.33 2.15
N GLY A 31 12.63 -6.39 1.39
CA GLY A 31 11.19 -6.25 1.31
C GLY A 31 10.79 -4.84 0.84
N SER A 32 10.10 -4.82 -0.29
CA SER A 32 9.66 -3.54 -0.85
C SER A 32 8.16 -3.60 -1.15
N PHE A 33 7.51 -2.48 -0.89
CA PHE A 33 6.07 -2.38 -1.13
C PHE A 33 5.64 -0.92 -1.26
N LEU A 34 4.44 -0.74 -1.82
CA LEU A 34 3.91 0.60 -2.02
C LEU A 34 2.39 0.53 -2.05
N VAL A 35 1.77 1.25 -1.12
CA VAL A 35 0.32 1.28 -1.03
C VAL A 35 -0.25 2.05 -2.22
N ARG A 36 -1.44 1.65 -2.63
CA ARG A 36 -2.11 2.29 -3.75
C ARG A 36 -3.54 2.69 -3.37
N GLU A 37 -4.28 3.13 -4.37
CA GLU A 37 -5.65 3.55 -4.16
C GLU A 37 -6.55 3.04 -5.29
N SER A 38 -7.55 2.25 -4.91
CA SER A 38 -8.47 1.70 -5.89
C SER A 38 -9.39 2.80 -6.41
N GLU A 39 -9.93 2.57 -7.61
CA GLU A 39 -10.82 3.52 -8.23
C GLU A 39 -12.28 3.08 -8.04
N SER A 40 -13.18 4.03 -8.24
CA SER A 40 -14.60 3.76 -8.10
C SER A 40 -14.97 3.68 -6.61
N SER A 41 -14.10 3.03 -5.85
CA SER A 41 -14.33 2.88 -4.43
C SER A 41 -13.28 3.66 -3.65
N PRO A 42 -13.62 4.95 -3.35
CA PRO A 42 -12.72 5.81 -2.61
C PRO A 42 -12.69 5.44 -1.12
N GLY A 43 -12.59 4.14 -0.87
CA GLY A 43 -12.55 3.65 0.49
C GLY A 43 -11.58 2.47 0.62
N GLN A 44 -11.48 1.71 -0.45
CA GLN A 44 -10.58 0.55 -0.48
C GLN A 44 -9.31 0.88 -1.26
N ARG A 45 -8.18 0.54 -0.66
CA ARG A 45 -6.89 0.80 -1.28
C ARG A 45 -6.22 -0.53 -1.65
N SER A 46 -5.17 -0.42 -2.46
CA SER A 46 -4.43 -1.58 -2.89
C SER A 46 -3.03 -1.58 -2.27
N ILE A 47 -2.33 -2.70 -2.46
CA ILE A 47 -0.99 -2.83 -1.92
C ILE A 47 -0.09 -3.49 -2.98
N SER A 48 1.01 -2.81 -3.28
CA SER A 48 1.94 -3.32 -4.26
C SER A 48 3.25 -3.71 -3.58
N LEU A 49 3.41 -5.01 -3.35
CA LEU A 49 4.60 -5.52 -2.72
C LEU A 49 5.50 -6.18 -3.77
N ARG A 50 6.80 -6.00 -3.59
CA ARG A 50 7.77 -6.57 -4.51
C ARG A 50 8.93 -7.21 -3.73
N TYR A 51 9.13 -8.49 -3.99
CA TYR A 51 10.20 -9.23 -3.33
C TYR A 51 11.42 -9.34 -4.24
N GLU A 52 12.32 -10.23 -3.85
CA GLU A 52 13.54 -10.45 -4.61
C GLU A 52 13.27 -11.36 -5.81
N GLY A 53 12.19 -11.05 -6.51
CA GLY A 53 11.80 -11.82 -7.67
C GLY A 53 10.88 -11.01 -8.59
N ARG A 54 9.67 -10.78 -8.10
CA ARG A 54 8.69 -10.01 -8.86
C ARG A 54 7.83 -9.17 -7.92
N VAL A 55 6.88 -8.47 -8.51
CA VAL A 55 5.98 -7.62 -7.75
C VAL A 55 4.61 -8.29 -7.66
N TYR A 56 3.87 -7.91 -6.62
CA TYR A 56 2.54 -8.46 -6.41
C TYR A 56 1.53 -7.35 -6.08
N HIS A 57 0.41 -7.38 -6.79
CA HIS A 57 -0.63 -6.39 -6.59
C HIS A 57 -1.85 -7.06 -5.94
N TYR A 58 -2.10 -6.69 -4.70
CA TYR A 58 -3.23 -7.23 -3.97
C TYR A 58 -4.09 -6.12 -3.37
N ARG A 59 -5.29 -5.97 -3.91
CA ARG A 59 -6.22 -4.96 -3.43
C ARG A 59 -6.71 -5.31 -2.03
N ILE A 60 -6.80 -4.27 -1.20
CA ILE A 60 -7.25 -4.46 0.17
C ILE A 60 -8.74 -4.80 0.16
N ASN A 61 -9.15 -5.53 1.18
CA ASN A 61 -10.54 -5.95 1.31
C ASN A 61 -11.15 -5.27 2.55
N THR A 62 -12.45 -5.03 2.46
CA THR A 62 -13.16 -4.39 3.55
C THR A 62 -14.14 -5.38 4.19
N ALA A 63 -14.50 -5.08 5.44
CA ALA A 63 -15.42 -5.93 6.16
C ALA A 63 -16.86 -5.57 5.77
N SER A 64 -17.07 -5.42 4.48
CA SER A 64 -18.39 -5.07 3.97
C SER A 64 -19.01 -3.97 4.82
N ASP A 65 -18.14 -3.10 5.33
CA ASP A 65 -18.59 -1.99 6.15
C ASP A 65 -17.78 -0.74 5.81
N GLY A 66 -16.46 -0.87 5.92
CA GLY A 66 -15.57 0.24 5.63
C GLY A 66 -14.17 -0.04 6.15
N LYS A 67 -14.11 -0.85 7.21
CA LYS A 67 -12.85 -1.20 7.82
C LYS A 67 -12.05 -2.10 6.87
N LEU A 68 -10.74 -1.93 6.90
CA LEU A 68 -9.87 -2.73 6.06
C LEU A 68 -9.19 -3.81 6.90
N TYR A 69 -9.44 -5.06 6.52
CA TYR A 69 -8.88 -6.19 7.23
C TYR A 69 -8.25 -7.19 6.25
N VAL A 70 -6.92 -7.18 6.22
CA VAL A 70 -6.19 -8.07 5.33
C VAL A 70 -6.29 -9.50 5.87
N SER A 71 -6.71 -9.60 7.12
CA SER A 71 -6.85 -10.89 7.76
C SER A 71 -8.02 -10.87 8.75
N SER A 72 -8.82 -11.92 8.69
CA SER A 72 -9.97 -12.03 9.57
C SER A 72 -9.53 -11.91 11.04
N GLU A 73 -8.23 -12.05 11.24
CA GLU A 73 -7.66 -11.95 12.58
C GLU A 73 -7.08 -10.56 12.80
N SER A 74 -6.92 -9.83 11.71
CA SER A 74 -6.37 -8.49 11.79
C SER A 74 -7.21 -7.53 10.93
N ARG A 75 -8.03 -6.73 11.60
CA ARG A 75 -8.88 -5.78 10.91
C ARG A 75 -8.53 -4.35 11.33
N PHE A 76 -8.60 -3.45 10.37
CA PHE A 76 -8.29 -2.06 10.62
C PHE A 76 -9.30 -1.13 9.93
N ASN A 77 -9.14 0.16 10.19
CA ASN A 77 -10.03 1.14 9.59
C ASN A 77 -9.23 2.00 8.60
N THR A 78 -7.99 2.27 8.96
CA THR A 78 -7.12 3.08 8.13
C THR A 78 -5.92 2.25 7.65
N LEU A 79 -5.36 2.68 6.53
CA LEU A 79 -4.21 1.99 5.97
C LEU A 79 -3.08 1.95 7.00
N ALA A 80 -2.84 3.10 7.61
CA ALA A 80 -1.80 3.21 8.62
C ALA A 80 -1.87 2.01 9.55
N GLU A 81 -2.88 2.03 10.41
CA GLU A 81 -3.07 0.95 11.37
C GLU A 81 -2.89 -0.40 10.68
N LEU A 82 -3.17 -0.41 9.39
CA LEU A 82 -3.05 -1.64 8.61
C LEU A 82 -1.56 -1.95 8.41
N VAL A 83 -0.85 -0.97 7.88
CA VAL A 83 0.57 -1.13 7.62
C VAL A 83 1.31 -1.20 8.97
N HIS A 84 0.88 -0.37 9.89
CA HIS A 84 1.50 -0.32 11.21
C HIS A 84 1.68 -1.75 11.73
N HIS A 85 0.58 -2.47 11.78
CA HIS A 85 0.60 -3.85 12.27
C HIS A 85 1.31 -4.73 11.24
N HIS A 86 1.03 -4.46 9.97
CA HIS A 86 1.63 -5.21 8.89
C HIS A 86 3.08 -4.76 8.70
N SER A 87 3.58 -4.02 9.67
CA SER A 87 4.95 -3.53 9.62
C SER A 87 5.87 -4.46 10.41
N THR A 88 5.29 -5.12 11.40
CA THR A 88 6.04 -6.03 12.25
C THR A 88 5.42 -7.43 12.21
N VAL A 89 4.12 -7.45 11.97
CA VAL A 89 3.39 -8.71 11.91
C VAL A 89 2.44 -8.69 10.70
N ALA A 90 3.01 -8.96 9.54
CA ALA A 90 2.22 -8.99 8.32
C ALA A 90 1.28 -10.19 8.34
N ASP A 91 0.20 -10.05 9.08
CA ASP A 91 -0.78 -11.11 9.19
C ASP A 91 -1.68 -11.10 7.96
N GLY A 92 -1.26 -10.31 6.98
CA GLY A 92 -2.03 -10.21 5.74
C GLY A 92 -1.10 -10.13 4.53
N LEU A 93 -0.51 -8.94 4.35
CA LEU A 93 0.39 -8.72 3.24
C LEU A 93 1.63 -9.61 3.41
N ILE A 94 2.21 -9.99 2.27
CA ILE A 94 3.38 -10.84 2.28
C ILE A 94 4.37 -10.33 3.33
N THR A 95 5.24 -9.42 2.90
CA THR A 95 6.23 -8.85 3.78
C THR A 95 5.63 -7.72 4.61
N THR A 96 6.48 -7.06 5.38
CA THR A 96 6.05 -5.95 6.21
C THR A 96 6.75 -4.66 5.80
N LEU A 97 5.95 -3.69 5.40
CA LEU A 97 6.50 -2.40 4.97
C LEU A 97 7.91 -2.25 5.54
N HIS A 98 8.78 -1.71 4.69
CA HIS A 98 10.17 -1.49 5.10
C HIS A 98 10.64 -0.14 4.57
N TYR A 99 10.19 0.20 3.38
CA TYR A 99 10.56 1.46 2.76
C TYR A 99 9.32 2.32 2.48
N PRO A 100 9.15 3.38 3.33
CA PRO A 100 8.02 4.27 3.17
C PRO A 100 8.22 5.21 1.97
N ALA A 101 7.94 4.68 0.79
CA ALA A 101 8.08 5.46 -0.42
C ALA A 101 7.33 6.78 -0.27
N PRO A 102 8.12 7.88 -0.15
CA PRO A 102 7.54 9.21 -0.01
C PRO A 102 6.98 9.71 -1.34
N LYS A 103 5.67 9.92 -1.35
CA LYS A 103 5.00 10.40 -2.55
C LYS A 103 4.96 11.94 -2.53
N ARG A 104 6.14 12.53 -2.54
CA ARG A 104 6.26 13.98 -2.52
C ARG A 104 5.82 14.57 -3.86
N GLY A 105 4.81 15.42 -3.81
CA GLY A 105 4.28 16.04 -5.00
C GLY A 105 4.27 17.57 -4.85
N ILE A 106 4.01 18.24 -5.97
CA ILE A 106 3.97 19.69 -5.98
C ILE A 106 2.62 20.16 -5.42
N HIS A 107 1.56 19.67 -6.02
CA HIS A 107 0.22 20.03 -5.59
C HIS A 107 -0.81 19.24 -6.40
N ARG A 108 -0.61 19.24 -7.71
CA ARG A 108 -1.51 18.53 -8.60
C ARG A 108 -1.96 17.21 -7.96
N ASP A 109 -3.23 17.19 -7.57
CA ASP A 109 -3.79 15.99 -6.94
C ASP A 109 -4.00 14.91 -8.00
#